data_5BZS
# 
_entry.id   5BZS 
# 
_audit_conform.dict_name       mmcif_pdbx.dic 
_audit_conform.dict_version    5.398 
_audit_conform.dict_location   http://mmcif.pdb.org/dictionaries/ascii/mmcif_pdbx.dic 
# 
loop_
_database_2.database_id 
_database_2.database_code 
_database_2.pdbx_database_accession 
_database_2.pdbx_DOI 
PDB   5BZS         pdb_00005bzs 10.2210/pdb5bzs/pdb 
WWPDB D_1000210194 ?            ?                   
# 
loop_
_pdbx_audit_revision_history.ordinal 
_pdbx_audit_revision_history.data_content_type 
_pdbx_audit_revision_history.major_revision 
_pdbx_audit_revision_history.minor_revision 
_pdbx_audit_revision_history.revision_date 
1 'Structure model' 1 0 2016-06-29 
2 'Structure model' 1 1 2024-11-13 
# 
_pdbx_audit_revision_details.ordinal             1 
_pdbx_audit_revision_details.revision_ordinal    1 
_pdbx_audit_revision_details.data_content_type   'Structure model' 
_pdbx_audit_revision_details.provider            repository 
_pdbx_audit_revision_details.type                'Initial release' 
_pdbx_audit_revision_details.description         ? 
_pdbx_audit_revision_details.details             ? 
# 
loop_
_pdbx_audit_revision_group.ordinal 
_pdbx_audit_revision_group.revision_ordinal 
_pdbx_audit_revision_group.data_content_type 
_pdbx_audit_revision_group.group 
1 2 'Structure model' 'Data collection'      
2 2 'Structure model' 'Database references'  
3 2 'Structure model' 'Derived calculations' 
4 2 'Structure model' 'Structure summary'    
# 
loop_
_pdbx_audit_revision_category.ordinal 
_pdbx_audit_revision_category.revision_ordinal 
_pdbx_audit_revision_category.data_content_type 
_pdbx_audit_revision_category.category 
1 2 'Structure model' chem_comp_atom              
2 2 'Structure model' chem_comp_bond              
3 2 'Structure model' citation                    
4 2 'Structure model' database_2                  
5 2 'Structure model' diffrn_radiation_wavelength 
6 2 'Structure model' pdbx_entry_details          
7 2 'Structure model' pdbx_modification_feature   
8 2 'Structure model' pdbx_struct_oper_list       
# 
loop_
_pdbx_audit_revision_item.ordinal 
_pdbx_audit_revision_item.revision_ordinal 
_pdbx_audit_revision_item.data_content_type 
_pdbx_audit_revision_item.item 
1 2 'Structure model' '_citation.journal_id_CSD'                  
2 2 'Structure model' '_database_2.pdbx_DOI'                      
3 2 'Structure model' '_database_2.pdbx_database_accession'       
4 2 'Structure model' '_pdbx_struct_oper_list.symmetry_operation' 
# 
_pdbx_database_status.status_code                     REL 
_pdbx_database_status.status_code_sf                  REL 
_pdbx_database_status.status_code_mr                  ? 
_pdbx_database_status.entry_id                        5BZS 
_pdbx_database_status.recvd_initial_deposition_date   2015-06-11 
_pdbx_database_status.SG_entry                        N 
_pdbx_database_status.deposit_site                    RCSB 
_pdbx_database_status.process_site                    RCSB 
_pdbx_database_status.status_code_cs                  ? 
_pdbx_database_status.methods_development_category    ? 
_pdbx_database_status.pdb_format_compatible           Y 
_pdbx_database_status.status_code_nmr_data            ? 
# 
loop_
_pdbx_database_related.content_type 
_pdbx_database_related.db_id 
_pdbx_database_related.db_name 
_pdbx_database_related.details 
unspecified 5BZC PDB . 
unspecified 5BZE PDB . 
unspecified 5BZF PDB . 
unspecified 5BZG PDB . 
unspecified 5BZH PDB . 
unspecified 5BZI PDB . 
unspecified 5BZJ PDB . 
unspecified 5BZM PDB . 
unspecified 5BZN PDB . 
unspecified 5BZO PDB . 
unspecified 5BZP PDB . 
unspecified 5BZR PDB . 
unspecified 5BZT PDB . 
# 
loop_
_audit_author.name 
_audit_author.pdbx_ordinal 
'Liu, L.K.'    1 
'Finzel, B.C.' 2 
# 
_citation.abstract                  ? 
_citation.abstract_id_CAS           ? 
_citation.book_id_ISBN              ? 
_citation.book_publisher            ? 
_citation.book_publisher_city       ? 
_citation.book_title                ? 
_citation.coordinate_linkage        ? 
_citation.country                   ? 
_citation.database_id_Medline       ? 
_citation.details                   ? 
_citation.id                        primary 
_citation.journal_abbrev            'To Be Published' 
_citation.journal_id_ASTM           ? 
_citation.journal_id_CSD            0353 
_citation.journal_id_ISSN           ? 
_citation.journal_full              ? 
_citation.journal_issue             ? 
_citation.journal_volume            ? 
_citation.language                  ? 
_citation.page_first                ? 
_citation.page_last                 ? 
_citation.title                     'Crystal structure of the murine cd44 hyaluronan binding domain complex with a small molecule' 
_citation.year                      ? 
_citation.database_id_CSD           ? 
_citation.pdbx_database_id_DOI      ? 
_citation.pdbx_database_id_PubMed   ? 
_citation.unpublished_flag          ? 
# 
loop_
_citation_author.citation_id 
_citation_author.name 
_citation_author.ordinal 
_citation_author.identifier_ORCID 
primary 'Liu, L.K.'    1 ? 
primary 'Finzel, B.C.' 2 ? 
# 
loop_
_entity.id 
_entity.type 
_entity.src_method 
_entity.pdbx_description 
_entity.formula_weight 
_entity.pdbx_number_of_molecules 
_entity.pdbx_ec 
_entity.pdbx_mutation 
_entity.pdbx_fragment 
_entity.details 
1 polymer     man 'CD44 antigen'                                                                    16855.803 1  ? 'H23M; Q24N' 
'HYALURONAN BINDING DOMAIN, RESIDUES 21-171' ? 
2 non-polymer syn '2-[3-(tetrahydro-2H-pyran-4-yloxy)propyl]-1,2,3,4-tetrahydroisoquinolin-5-amine' 290.401   1  ? ?            ? 
? 
3 non-polymer syn 'DIMETHYL SULFOXIDE'                                                              78.133    1  ? ?            ? 
? 
4 non-polymer syn 'SULFATE ION'                                                                     96.063    1  ? ?            ? 
? 
5 water       nat water                                                                             18.015    92 ? ?            ? 
? 
# 
_entity_name_com.entity_id   1 
_entity_name_com.name        
;Extracellular matrix receptor III,ECMR-III,GP90 lymphocyte homing/adhesion receptor,HUTCH-I,Hermes antigen,Hyaluronate receptor,Lymphocyte antigen 24,Ly-24,Phagocytic glycoprotein 1,PGP-1,Phagocytic glycoprotein I,PGP-I
;
# 
_entity_poly.entity_id                      1 
_entity_poly.type                           'polypeptide(L)' 
_entity_poly.nstd_linkage                   no 
_entity_poly.nstd_monomer                   no 
_entity_poly.pdbx_seq_one_letter_code       
;MNQIDLNVTCRYAGVFHVEKNGRYSISRTEAADLCQAFNSTLPTMDQMKLALSKGFETCRYGFIEGNVVIPRIHPNAICA
ANHTGVYILVTSNTSHYDTYCFNASAPPEEDCTSVTDLPNSFDGPVTITIVNRDGTRYSKKGEYRTHQEDI
;
_entity_poly.pdbx_seq_one_letter_code_can   
;MNQIDLNVTCRYAGVFHVEKNGRYSISRTEAADLCQAFNSTLPTMDQMKLALSKGFETCRYGFIEGNVVIPRIHPNAICA
ANHTGVYILVTSNTSHYDTYCFNASAPPEEDCTSVTDLPNSFDGPVTITIVNRDGTRYSKKGEYRTHQEDI
;
_entity_poly.pdbx_strand_id                 A 
_entity_poly.pdbx_target_identifier         ? 
# 
loop_
_pdbx_entity_nonpoly.entity_id 
_pdbx_entity_nonpoly.name 
_pdbx_entity_nonpoly.comp_id 
2 '2-[3-(tetrahydro-2H-pyran-4-yloxy)propyl]-1,2,3,4-tetrahydroisoquinolin-5-amine' 4XK 
3 'DIMETHYL SULFOXIDE'                                                              DMS 
4 'SULFATE ION'                                                                     SO4 
5 water                                                                             HOH 
# 
loop_
_entity_poly_seq.entity_id 
_entity_poly_seq.num 
_entity_poly_seq.mon_id 
_entity_poly_seq.hetero 
1 1   MET n 
1 2   ASN n 
1 3   GLN n 
1 4   ILE n 
1 5   ASP n 
1 6   LEU n 
1 7   ASN n 
1 8   VAL n 
1 9   THR n 
1 10  CYS n 
1 11  ARG n 
1 12  TYR n 
1 13  ALA n 
1 14  GLY n 
1 15  VAL n 
1 16  PHE n 
1 17  HIS n 
1 18  VAL n 
1 19  GLU n 
1 20  LYS n 
1 21  ASN n 
1 22  GLY n 
1 23  ARG n 
1 24  TYR n 
1 25  SER n 
1 26  ILE n 
1 27  SER n 
1 28  ARG n 
1 29  THR n 
1 30  GLU n 
1 31  ALA n 
1 32  ALA n 
1 33  ASP n 
1 34  LEU n 
1 35  CYS n 
1 36  GLN n 
1 37  ALA n 
1 38  PHE n 
1 39  ASN n 
1 40  SER n 
1 41  THR n 
1 42  LEU n 
1 43  PRO n 
1 44  THR n 
1 45  MET n 
1 46  ASP n 
1 47  GLN n 
1 48  MET n 
1 49  LYS n 
1 50  LEU n 
1 51  ALA n 
1 52  LEU n 
1 53  SER n 
1 54  LYS n 
1 55  GLY n 
1 56  PHE n 
1 57  GLU n 
1 58  THR n 
1 59  CYS n 
1 60  ARG n 
1 61  TYR n 
1 62  GLY n 
1 63  PHE n 
1 64  ILE n 
1 65  GLU n 
1 66  GLY n 
1 67  ASN n 
1 68  VAL n 
1 69  VAL n 
1 70  ILE n 
1 71  PRO n 
1 72  ARG n 
1 73  ILE n 
1 74  HIS n 
1 75  PRO n 
1 76  ASN n 
1 77  ALA n 
1 78  ILE n 
1 79  CYS n 
1 80  ALA n 
1 81  ALA n 
1 82  ASN n 
1 83  HIS n 
1 84  THR n 
1 85  GLY n 
1 86  VAL n 
1 87  TYR n 
1 88  ILE n 
1 89  LEU n 
1 90  VAL n 
1 91  THR n 
1 92  SER n 
1 93  ASN n 
1 94  THR n 
1 95  SER n 
1 96  HIS n 
1 97  TYR n 
1 98  ASP n 
1 99  THR n 
1 100 TYR n 
1 101 CYS n 
1 102 PHE n 
1 103 ASN n 
1 104 ALA n 
1 105 SER n 
1 106 ALA n 
1 107 PRO n 
1 108 PRO n 
1 109 GLU n 
1 110 GLU n 
1 111 ASP n 
1 112 CYS n 
1 113 THR n 
1 114 SER n 
1 115 VAL n 
1 116 THR n 
1 117 ASP n 
1 118 LEU n 
1 119 PRO n 
1 120 ASN n 
1 121 SER n 
1 122 PHE n 
1 123 ASP n 
1 124 GLY n 
1 125 PRO n 
1 126 VAL n 
1 127 THR n 
1 128 ILE n 
1 129 THR n 
1 130 ILE n 
1 131 VAL n 
1 132 ASN n 
1 133 ARG n 
1 134 ASP n 
1 135 GLY n 
1 136 THR n 
1 137 ARG n 
1 138 TYR n 
1 139 SER n 
1 140 LYS n 
1 141 LYS n 
1 142 GLY n 
1 143 GLU n 
1 144 TYR n 
1 145 ARG n 
1 146 THR n 
1 147 HIS n 
1 148 GLN n 
1 149 GLU n 
1 150 ASP n 
1 151 ILE n 
# 
_entity_src_gen.entity_id                          1 
_entity_src_gen.pdbx_src_id                        1 
_entity_src_gen.pdbx_alt_source_flag               sample 
_entity_src_gen.pdbx_seq_type                      'Biological sequence' 
_entity_src_gen.pdbx_beg_seq_num                   1 
_entity_src_gen.pdbx_end_seq_num                   151 
_entity_src_gen.gene_src_common_name               Mouse 
_entity_src_gen.gene_src_genus                     ? 
_entity_src_gen.pdbx_gene_src_gene                 'Cd44, Ly-24' 
_entity_src_gen.gene_src_species                   ? 
_entity_src_gen.gene_src_strain                    ? 
_entity_src_gen.gene_src_tissue                    ? 
_entity_src_gen.gene_src_tissue_fraction           ? 
_entity_src_gen.gene_src_details                   ? 
_entity_src_gen.pdbx_gene_src_fragment             ? 
_entity_src_gen.pdbx_gene_src_scientific_name      'Mus musculus' 
_entity_src_gen.pdbx_gene_src_ncbi_taxonomy_id     10090 
_entity_src_gen.pdbx_gene_src_variant              ? 
_entity_src_gen.pdbx_gene_src_cell_line            ? 
_entity_src_gen.pdbx_gene_src_atcc                 ? 
_entity_src_gen.pdbx_gene_src_organ                ? 
_entity_src_gen.pdbx_gene_src_organelle            ? 
_entity_src_gen.pdbx_gene_src_cell                 ? 
_entity_src_gen.pdbx_gene_src_cellular_location    ? 
_entity_src_gen.host_org_common_name               ? 
_entity_src_gen.pdbx_host_org_scientific_name      'Escherichia coli' 
_entity_src_gen.pdbx_host_org_ncbi_taxonomy_id     469008 
_entity_src_gen.host_org_genus                     ? 
_entity_src_gen.pdbx_host_org_gene                 ? 
_entity_src_gen.pdbx_host_org_organ                ? 
_entity_src_gen.host_org_species                   ? 
_entity_src_gen.pdbx_host_org_tissue               ? 
_entity_src_gen.pdbx_host_org_tissue_fraction      ? 
_entity_src_gen.pdbx_host_org_strain               'BL21(DE3)' 
_entity_src_gen.pdbx_host_org_variant              ? 
_entity_src_gen.pdbx_host_org_cell_line            ? 
_entity_src_gen.pdbx_host_org_atcc                 ? 
_entity_src_gen.pdbx_host_org_culture_collection   ? 
_entity_src_gen.pdbx_host_org_cell                 ? 
_entity_src_gen.pdbx_host_org_organelle            ? 
_entity_src_gen.pdbx_host_org_cellular_location    ? 
_entity_src_gen.pdbx_host_org_vector_type          plasmid 
_entity_src_gen.pdbx_host_org_vector               ? 
_entity_src_gen.host_org_details                   ? 
_entity_src_gen.expression_system_id               ? 
_entity_src_gen.plasmid_name                       pMCSG7 
_entity_src_gen.plasmid_details                    ? 
_entity_src_gen.pdbx_description                   ? 
# 
loop_
_chem_comp.id 
_chem_comp.type 
_chem_comp.mon_nstd_flag 
_chem_comp.name 
_chem_comp.pdbx_synonyms 
_chem_comp.formula 
_chem_comp.formula_weight 
4XK non-polymer         . '2-[3-(tetrahydro-2H-pyran-4-yloxy)propyl]-1,2,3,4-tetrahydroisoquinolin-5-amine' ? 'C17 H26 N2 O2'  
290.401 
ALA 'L-peptide linking' y ALANINE                                                                           ? 'C3 H7 N O2'     
89.093  
ARG 'L-peptide linking' y ARGININE                                                                          ? 'C6 H15 N4 O2 1' 
175.209 
ASN 'L-peptide linking' y ASPARAGINE                                                                        ? 'C4 H8 N2 O3'    
132.118 
ASP 'L-peptide linking' y 'ASPARTIC ACID'                                                                   ? 'C4 H7 N O4'     
133.103 
CYS 'L-peptide linking' y CYSTEINE                                                                          ? 'C3 H7 N O2 S'   
121.158 
DMS non-polymer         . 'DIMETHYL SULFOXIDE'                                                              ? 'C2 H6 O S'      
78.133  
GLN 'L-peptide linking' y GLUTAMINE                                                                         ? 'C5 H10 N2 O3'   
146.144 
GLU 'L-peptide linking' y 'GLUTAMIC ACID'                                                                   ? 'C5 H9 N O4'     
147.129 
GLY 'peptide linking'   y GLYCINE                                                                           ? 'C2 H5 N O2'     
75.067  
HIS 'L-peptide linking' y HISTIDINE                                                                         ? 'C6 H10 N3 O2 1' 
156.162 
HOH non-polymer         . WATER                                                                             ? 'H2 O'           
18.015  
ILE 'L-peptide linking' y ISOLEUCINE                                                                        ? 'C6 H13 N O2'    
131.173 
LEU 'L-peptide linking' y LEUCINE                                                                           ? 'C6 H13 N O2'    
131.173 
LYS 'L-peptide linking' y LYSINE                                                                            ? 'C6 H15 N2 O2 1' 
147.195 
MET 'L-peptide linking' y METHIONINE                                                                        ? 'C5 H11 N O2 S'  
149.211 
PHE 'L-peptide linking' y PHENYLALANINE                                                                     ? 'C9 H11 N O2'    
165.189 
PRO 'L-peptide linking' y PROLINE                                                                           ? 'C5 H9 N O2'     
115.130 
SER 'L-peptide linking' y SERINE                                                                            ? 'C3 H7 N O3'     
105.093 
SO4 non-polymer         . 'SULFATE ION'                                                                     ? 'O4 S -2'        
96.063  
THR 'L-peptide linking' y THREONINE                                                                         ? 'C4 H9 N O3'     
119.119 
TYR 'L-peptide linking' y TYROSINE                                                                          ? 'C9 H11 N O3'    
181.189 
VAL 'L-peptide linking' y VALINE                                                                            ? 'C5 H11 N O2'    
117.146 
# 
loop_
_pdbx_poly_seq_scheme.asym_id 
_pdbx_poly_seq_scheme.entity_id 
_pdbx_poly_seq_scheme.seq_id 
_pdbx_poly_seq_scheme.mon_id 
_pdbx_poly_seq_scheme.ndb_seq_num 
_pdbx_poly_seq_scheme.pdb_seq_num 
_pdbx_poly_seq_scheme.auth_seq_num 
_pdbx_poly_seq_scheme.pdb_mon_id 
_pdbx_poly_seq_scheme.auth_mon_id 
_pdbx_poly_seq_scheme.pdb_strand_id 
_pdbx_poly_seq_scheme.pdb_ins_code 
_pdbx_poly_seq_scheme.hetero 
A 1 1   MET 1   23  ?   ?   ?   A . n 
A 1 2   ASN 2   24  24  ASN ASN A . n 
A 1 3   GLN 3   25  25  GLN GLN A . n 
A 1 4   ILE 4   26  26  ILE ILE A . n 
A 1 5   ASP 5   27  27  ASP ASP A . n 
A 1 6   LEU 6   28  28  LEU LEU A . n 
A 1 7   ASN 7   29  29  ASN ASN A . n 
A 1 8   VAL 8   30  30  VAL VAL A . n 
A 1 9   THR 9   31  31  THR THR A . n 
A 1 10  CYS 10  32  32  CYS CYS A . n 
A 1 11  ARG 11  33  33  ARG ARG A . n 
A 1 12  TYR 12  34  34  TYR TYR A . n 
A 1 13  ALA 13  35  35  ALA ALA A . n 
A 1 14  GLY 14  36  36  GLY GLY A . n 
A 1 15  VAL 15  37  37  VAL VAL A . n 
A 1 16  PHE 16  38  38  PHE PHE A . n 
A 1 17  HIS 17  39  39  HIS HIS A . n 
A 1 18  VAL 18  40  40  VAL VAL A . n 
A 1 19  GLU 19  41  41  GLU GLU A . n 
A 1 20  LYS 20  42  42  LYS LYS A . n 
A 1 21  ASN 21  43  43  ASN ASN A . n 
A 1 22  GLY 22  44  44  GLY GLY A . n 
A 1 23  ARG 23  45  45  ARG ARG A . n 
A 1 24  TYR 24  46  46  TYR TYR A . n 
A 1 25  SER 25  47  47  SER SER A . n 
A 1 26  ILE 26  48  48  ILE ILE A . n 
A 1 27  SER 27  49  49  SER SER A . n 
A 1 28  ARG 28  50  50  ARG ARG A . n 
A 1 29  THR 29  51  51  THR THR A . n 
A 1 30  GLU 30  52  52  GLU GLU A . n 
A 1 31  ALA 31  53  53  ALA ALA A . n 
A 1 32  ALA 32  54  54  ALA ALA A . n 
A 1 33  ASP 33  55  55  ASP ASP A . n 
A 1 34  LEU 34  56  56  LEU LEU A . n 
A 1 35  CYS 35  57  57  CYS CYS A . n 
A 1 36  GLN 36  58  58  GLN GLN A . n 
A 1 37  ALA 37  59  59  ALA ALA A . n 
A 1 38  PHE 38  60  60  PHE PHE A . n 
A 1 39  ASN 39  61  61  ASN ASN A . n 
A 1 40  SER 40  62  62  SER SER A . n 
A 1 41  THR 41  63  63  THR THR A . n 
A 1 42  LEU 42  64  64  LEU LEU A . n 
A 1 43  PRO 43  65  65  PRO PRO A . n 
A 1 44  THR 44  66  66  THR THR A . n 
A 1 45  MET 45  67  67  MET MET A . n 
A 1 46  ASP 46  68  68  ASP ASP A . n 
A 1 47  GLN 47  69  69  GLN GLN A . n 
A 1 48  MET 48  70  70  MET MET A . n 
A 1 49  LYS 49  71  71  LYS LYS A . n 
A 1 50  LEU 50  72  72  LEU LEU A . n 
A 1 51  ALA 51  73  73  ALA ALA A . n 
A 1 52  LEU 52  74  74  LEU LEU A . n 
A 1 53  SER 53  75  75  SER SER A . n 
A 1 54  LYS 54  76  76  LYS LYS A . n 
A 1 55  GLY 55  77  77  GLY GLY A . n 
A 1 56  PHE 56  78  78  PHE PHE A . n 
A 1 57  GLU 57  79  79  GLU GLU A . n 
A 1 58  THR 58  80  80  THR THR A . n 
A 1 59  CYS 59  81  81  CYS CYS A . n 
A 1 60  ARG 60  82  82  ARG ARG A . n 
A 1 61  TYR 61  83  83  TYR TYR A . n 
A 1 62  GLY 62  84  84  GLY GLY A . n 
A 1 63  PHE 63  85  85  PHE PHE A . n 
A 1 64  ILE 64  86  86  ILE ILE A . n 
A 1 65  GLU 65  87  87  GLU GLU A . n 
A 1 66  GLY 66  88  88  GLY GLY A . n 
A 1 67  ASN 67  89  89  ASN ASN A . n 
A 1 68  VAL 68  90  90  VAL VAL A . n 
A 1 69  VAL 69  91  91  VAL VAL A . n 
A 1 70  ILE 70  92  92  ILE ILE A . n 
A 1 71  PRO 71  93  93  PRO PRO A . n 
A 1 72  ARG 72  94  94  ARG ARG A . n 
A 1 73  ILE 73  95  95  ILE ILE A . n 
A 1 74  HIS 74  96  96  HIS HIS A . n 
A 1 75  PRO 75  97  97  PRO PRO A . n 
A 1 76  ASN 76  98  98  ASN ASN A . n 
A 1 77  ALA 77  99  99  ALA ALA A . n 
A 1 78  ILE 78  100 100 ILE ILE A . n 
A 1 79  CYS 79  101 101 CYS CYS A . n 
A 1 80  ALA 80  102 102 ALA ALA A . n 
A 1 81  ALA 81  103 103 ALA ALA A . n 
A 1 82  ASN 82  104 104 ASN ASN A . n 
A 1 83  HIS 83  105 105 HIS HIS A . n 
A 1 84  THR 84  106 106 THR THR A . n 
A 1 85  GLY 85  107 107 GLY GLY A . n 
A 1 86  VAL 86  108 108 VAL VAL A . n 
A 1 87  TYR 87  109 109 TYR TYR A . n 
A 1 88  ILE 88  110 110 ILE ILE A . n 
A 1 89  LEU 89  111 111 LEU LEU A . n 
A 1 90  VAL 90  112 112 VAL VAL A . n 
A 1 91  THR 91  113 113 THR THR A . n 
A 1 92  SER 92  114 114 SER SER A . n 
A 1 93  ASN 93  115 115 ASN ASN A . n 
A 1 94  THR 94  116 116 THR THR A . n 
A 1 95  SER 95  117 117 SER SER A . n 
A 1 96  HIS 96  118 118 HIS HIS A . n 
A 1 97  TYR 97  119 119 TYR TYR A . n 
A 1 98  ASP 98  120 120 ASP ASP A . n 
A 1 99  THR 99  121 121 THR THR A . n 
A 1 100 TYR 100 122 122 TYR TYR A . n 
A 1 101 CYS 101 123 123 CYS CYS A . n 
A 1 102 PHE 102 124 124 PHE PHE A . n 
A 1 103 ASN 103 125 125 ASN ASN A . n 
A 1 104 ALA 104 126 126 ALA ALA A . n 
A 1 105 SER 105 127 127 SER SER A . n 
A 1 106 ALA 106 128 128 ALA ALA A . n 
A 1 107 PRO 107 129 129 PRO PRO A . n 
A 1 108 PRO 108 130 130 PRO PRO A . n 
A 1 109 GLU 109 131 131 GLU GLU A . n 
A 1 110 GLU 110 132 132 GLU GLU A . n 
A 1 111 ASP 111 133 133 ASP ASP A . n 
A 1 112 CYS 112 134 134 CYS CYS A . n 
A 1 113 THR 113 135 135 THR THR A . n 
A 1 114 SER 114 136 136 SER SER A . n 
A 1 115 VAL 115 137 137 VAL VAL A . n 
A 1 116 THR 116 138 138 THR THR A . n 
A 1 117 ASP 117 139 139 ASP ASP A . n 
A 1 118 LEU 118 140 140 LEU LEU A . n 
A 1 119 PRO 119 141 141 PRO PRO A . n 
A 1 120 ASN 120 142 142 ASN ASN A . n 
A 1 121 SER 121 143 143 SER SER A . n 
A 1 122 PHE 122 144 144 PHE PHE A . n 
A 1 123 ASP 123 145 145 ASP ASP A . n 
A 1 124 GLY 124 146 146 GLY GLY A . n 
A 1 125 PRO 125 147 147 PRO PRO A . n 
A 1 126 VAL 126 148 148 VAL VAL A . n 
A 1 127 THR 127 149 149 THR THR A . n 
A 1 128 ILE 128 150 150 ILE ILE A . n 
A 1 129 THR 129 151 151 THR THR A . n 
A 1 130 ILE 130 152 152 ILE ILE A . n 
A 1 131 VAL 131 153 153 VAL VAL A . n 
A 1 132 ASN 132 154 154 ASN ASN A . n 
A 1 133 ARG 133 155 155 ARG ARG A . n 
A 1 134 ASP 134 156 156 ASP ASP A . n 
A 1 135 GLY 135 157 157 GLY GLY A . n 
A 1 136 THR 136 158 158 THR THR A . n 
A 1 137 ARG 137 159 159 ARG ARG A . n 
A 1 138 TYR 138 160 160 TYR TYR A . n 
A 1 139 SER 139 161 161 SER SER A . n 
A 1 140 LYS 140 162 162 LYS LYS A . n 
A 1 141 LYS 141 163 163 LYS LYS A . n 
A 1 142 GLY 142 164 164 GLY GLY A . n 
A 1 143 GLU 143 165 165 GLU GLU A . n 
A 1 144 TYR 144 166 166 TYR TYR A . n 
A 1 145 ARG 145 167 167 ARG ARG A . n 
A 1 146 THR 146 168 168 THR THR A . n 
A 1 147 HIS 147 169 169 HIS HIS A . n 
A 1 148 GLN 148 170 170 GLN GLN A . n 
A 1 149 GLU 149 171 171 GLU GLU A . n 
A 1 150 ASP 150 172 172 ASP ASP A . n 
A 1 151 ILE 151 173 173 ILE ILE A . n 
# 
loop_
_pdbx_nonpoly_scheme.asym_id 
_pdbx_nonpoly_scheme.entity_id 
_pdbx_nonpoly_scheme.mon_id 
_pdbx_nonpoly_scheme.ndb_seq_num 
_pdbx_nonpoly_scheme.pdb_seq_num 
_pdbx_nonpoly_scheme.auth_seq_num 
_pdbx_nonpoly_scheme.pdb_mon_id 
_pdbx_nonpoly_scheme.auth_mon_id 
_pdbx_nonpoly_scheme.pdb_strand_id 
_pdbx_nonpoly_scheme.pdb_ins_code 
B 2 4XK 1  201 1  4XK DRG A . 
C 3 DMS 1  202 1  DMS DMS A . 
D 4 SO4 1  203 1  SO4 SO4 A . 
E 5 HOH 1  301 39 HOH HOH A . 
E 5 HOH 2  302 93 HOH HOH A . 
E 5 HOH 3  303 27 HOH HOH A . 
E 5 HOH 4  304 74 HOH HOH A . 
E 5 HOH 5  305 14 HOH HOH A . 
E 5 HOH 6  306 4  HOH HOH A . 
E 5 HOH 7  307 72 HOH HOH A . 
E 5 HOH 8  308 52 HOH HOH A . 
E 5 HOH 9  309 9  HOH HOH A . 
E 5 HOH 10 310 36 HOH HOH A . 
E 5 HOH 11 311 15 HOH HOH A . 
E 5 HOH 12 312 42 HOH HOH A . 
E 5 HOH 13 313 61 HOH HOH A . 
E 5 HOH 14 314 70 HOH HOH A . 
E 5 HOH 15 315 6  HOH HOH A . 
E 5 HOH 16 316 2  HOH HOH A . 
E 5 HOH 17 317 84 HOH HOH A . 
E 5 HOH 18 318 73 HOH HOH A . 
E 5 HOH 19 319 68 HOH HOH A . 
E 5 HOH 20 320 33 HOH HOH A . 
E 5 HOH 21 321 17 HOH HOH A . 
E 5 HOH 22 322 57 HOH HOH A . 
E 5 HOH 23 323 55 HOH HOH A . 
E 5 HOH 24 324 64 HOH HOH A . 
E 5 HOH 25 325 37 HOH HOH A . 
E 5 HOH 26 326 59 HOH HOH A . 
E 5 HOH 27 327 13 HOH HOH A . 
E 5 HOH 28 328 48 HOH HOH A . 
E 5 HOH 29 329 78 HOH HOH A . 
E 5 HOH 30 330 1  HOH HOH A . 
E 5 HOH 31 331 7  HOH HOH A . 
E 5 HOH 32 332 82 HOH HOH A . 
E 5 HOH 33 333 28 HOH HOH A . 
E 5 HOH 34 334 8  HOH HOH A . 
E 5 HOH 35 335 40 HOH HOH A . 
E 5 HOH 36 336 44 HOH HOH A . 
E 5 HOH 37 337 35 HOH HOH A . 
E 5 HOH 38 338 22 HOH HOH A . 
E 5 HOH 39 339 38 HOH HOH A . 
E 5 HOH 40 340 5  HOH HOH A . 
E 5 HOH 41 341 18 HOH HOH A . 
E 5 HOH 42 342 43 HOH HOH A . 
E 5 HOH 43 343 47 HOH HOH A . 
E 5 HOH 44 344 56 HOH HOH A . 
E 5 HOH 45 345 19 HOH HOH A . 
E 5 HOH 46 346 62 HOH HOH A . 
E 5 HOH 47 347 50 HOH HOH A . 
E 5 HOH 48 348 76 HOH HOH A . 
E 5 HOH 49 349 25 HOH HOH A . 
E 5 HOH 50 350 54 HOH HOH A . 
E 5 HOH 51 351 83 HOH HOH A . 
E 5 HOH 52 352 77 HOH HOH A . 
E 5 HOH 53 353 58 HOH HOH A . 
E 5 HOH 54 354 85 HOH HOH A . 
E 5 HOH 55 355 71 HOH HOH A . 
E 5 HOH 56 356 65 HOH HOH A . 
E 5 HOH 57 357 3  HOH HOH A . 
E 5 HOH 58 358 23 HOH HOH A . 
E 5 HOH 59 359 24 HOH HOH A . 
E 5 HOH 60 360 66 HOH HOH A . 
E 5 HOH 61 361 30 HOH HOH A . 
E 5 HOH 62 362 34 HOH HOH A . 
E 5 HOH 63 363 20 HOH HOH A . 
E 5 HOH 64 364 69 HOH HOH A . 
E 5 HOH 65 365 60 HOH HOH A . 
E 5 HOH 66 366 16 HOH HOH A . 
E 5 HOH 67 367 51 HOH HOH A . 
E 5 HOH 68 368 45 HOH HOH A . 
E 5 HOH 69 369 63 HOH HOH A . 
E 5 HOH 70 370 31 HOH HOH A . 
E 5 HOH 71 371 53 HOH HOH A . 
E 5 HOH 72 372 81 HOH HOH A . 
E 5 HOH 73 373 21 HOH HOH A . 
E 5 HOH 74 374 26 HOH HOH A . 
E 5 HOH 75 375 49 HOH HOH A . 
E 5 HOH 76 376 46 HOH HOH A . 
E 5 HOH 77 377 67 HOH HOH A . 
E 5 HOH 78 378 79 HOH HOH A . 
E 5 HOH 79 379 10 HOH HOH A . 
E 5 HOH 80 380 75 HOH HOH A . 
E 5 HOH 81 381 41 HOH HOH A . 
E 5 HOH 82 382 86 HOH HOH A . 
E 5 HOH 83 383 90 HOH HOH A . 
E 5 HOH 84 384 32 HOH HOH A . 
E 5 HOH 85 385 80 HOH HOH A . 
E 5 HOH 86 386 29 HOH HOH A . 
E 5 HOH 87 387 88 HOH HOH A . 
E 5 HOH 88 388 87 HOH HOH A . 
E 5 HOH 89 389 91 HOH HOH A . 
E 5 HOH 90 390 11 HOH HOH A . 
E 5 HOH 91 391 92 HOH HOH A . 
E 5 HOH 92 392 89 HOH HOH A . 
# 
loop_
_software.citation_id 
_software.classification 
_software.compiler_name 
_software.compiler_version 
_software.contact_author 
_software.contact_author_email 
_software.date 
_software.description 
_software.dependencies 
_software.hardware 
_software.language 
_software.location 
_software.mods 
_software.name 
_software.os 
_software.os_version 
_software.type 
_software.version 
_software.pdbx_ordinal 
? 'data scaling'    ? ? ? ? ? ? ? ? ? ? ? SCALA       ? ? ? .     1 
? phasing           ? ? ? ? ? ? ? ? ? ? ? PHASER      ? ? ? 2.1.4 2 
? refinement        ? ? ? ? ? ? ? ? ? ? ? REFMAC      ? ? ? .     3 
? 'data extraction' ? ? ? ? ? ? ? ? ? ? ? PDB_EXTRACT ? ? ? 3.15  4 
# 
_cell.angle_alpha                  90.000 
_cell.angle_alpha_esd              ? 
_cell.angle_beta                   118.2050 
_cell.angle_beta_esd               ? 
_cell.angle_gamma                  90.000 
_cell.angle_gamma_esd              ? 
_cell.entry_id                     5BZS 
_cell.details                      ? 
_cell.formula_units_Z              ? 
_cell.length_a                     30.9870 
_cell.length_a_esd                 ? 
_cell.length_b                     81.7440 
_cell.length_b_esd                 ? 
_cell.length_c                     32.2360 
_cell.length_c_esd                 ? 
_cell.volume                       ? 
_cell.volume_esd                   ? 
_cell.Z_PDB                        2 
_cell.reciprocal_angle_alpha       ? 
_cell.reciprocal_angle_beta        ? 
_cell.reciprocal_angle_gamma       ? 
_cell.reciprocal_angle_alpha_esd   ? 
_cell.reciprocal_angle_beta_esd    ? 
_cell.reciprocal_angle_gamma_esd   ? 
_cell.reciprocal_length_a          ? 
_cell.reciprocal_length_b          ? 
_cell.reciprocal_length_c          ? 
_cell.reciprocal_length_a_esd      ? 
_cell.reciprocal_length_b_esd      ? 
_cell.reciprocal_length_c_esd      ? 
_cell.pdbx_unique_axis             ? 
# 
_symmetry.entry_id                         5BZS 
_symmetry.cell_setting                     ? 
_symmetry.Int_Tables_number                4 
_symmetry.space_group_name_Hall            ? 
_symmetry.space_group_name_H-M             'P 1 21 1' 
_symmetry.pdbx_full_space_group_name_H-M   ? 
# 
_exptl.absorpt_coefficient_mu     ? 
_exptl.absorpt_correction_T_max   ? 
_exptl.absorpt_correction_T_min   ? 
_exptl.absorpt_correction_type    ? 
_exptl.absorpt_process_details    ? 
_exptl.entry_id                   5BZS 
_exptl.crystals_number            1 
_exptl.details                    ? 
_exptl.method                     'X-RAY DIFFRACTION' 
_exptl.method_details             ? 
# 
_exptl_crystal.colour                      ? 
_exptl_crystal.density_diffrn              ? 
_exptl_crystal.density_Matthews            2.14 
_exptl_crystal.density_method              ? 
_exptl_crystal.density_percent_sol         42.50 
_exptl_crystal.description                 ? 
_exptl_crystal.F_000                       ? 
_exptl_crystal.id                          1 
_exptl_crystal.preparation                 ? 
_exptl_crystal.size_max                    ? 
_exptl_crystal.size_mid                    ? 
_exptl_crystal.size_min                    ? 
_exptl_crystal.size_rad                    ? 
_exptl_crystal.colour_lustre               ? 
_exptl_crystal.colour_modifier             ? 
_exptl_crystal.colour_primary              ? 
_exptl_crystal.density_meas                ? 
_exptl_crystal.density_meas_esd            ? 
_exptl_crystal.density_meas_gt             ? 
_exptl_crystal.density_meas_lt             ? 
_exptl_crystal.density_meas_temp           ? 
_exptl_crystal.density_meas_temp_esd       ? 
_exptl_crystal.density_meas_temp_gt        ? 
_exptl_crystal.density_meas_temp_lt        ? 
_exptl_crystal.pdbx_crystal_image_url      ? 
_exptl_crystal.pdbx_crystal_image_format   ? 
_exptl_crystal.pdbx_mosaicity              ? 
_exptl_crystal.pdbx_mosaicity_esd          ? 
# 
_exptl_crystal_grow.apparatus       ? 
_exptl_crystal_grow.atmosphere      ? 
_exptl_crystal_grow.crystal_id      1 
_exptl_crystal_grow.details         ? 
_exptl_crystal_grow.method          'VAPOR DIFFUSION, HANGING DROP' 
_exptl_crystal_grow.method_ref      ? 
_exptl_crystal_grow.pH              6.5 
_exptl_crystal_grow.pressure        ? 
_exptl_crystal_grow.pressure_esd    ? 
_exptl_crystal_grow.seeding         ? 
_exptl_crystal_grow.seeding_ref     ? 
_exptl_crystal_grow.temp            298 
_exptl_crystal_grow.temp_details    ? 
_exptl_crystal_grow.temp_esd        ? 
_exptl_crystal_grow.time            ? 
_exptl_crystal_grow.pdbx_details    'PEG MME 5000, MES, (NH4)2SO4' 
_exptl_crystal_grow.pdbx_pH_range   ? 
# 
_diffrn.ambient_environment    ? 
_diffrn.ambient_temp           100 
_diffrn.ambient_temp_details   ? 
_diffrn.ambient_temp_esd       ? 
_diffrn.crystal_id             1 
_diffrn.crystal_support        ? 
_diffrn.crystal_treatment      ? 
_diffrn.details                ? 
_diffrn.id                     1 
_diffrn.ambient_pressure       ? 
_diffrn.ambient_pressure_esd   ? 
_diffrn.ambient_pressure_gt    ? 
_diffrn.ambient_pressure_lt    ? 
_diffrn.ambient_temp_gt        ? 
_diffrn.ambient_temp_lt        ? 
# 
_diffrn_detector.details                      ? 
_diffrn_detector.detector                     PIXEL 
_diffrn_detector.diffrn_id                    1 
_diffrn_detector.type                         'DECTRIS PILATUS 6M' 
_diffrn_detector.area_resol_mean              ? 
_diffrn_detector.dtime                        ? 
_diffrn_detector.pdbx_frames_total            ? 
_diffrn_detector.pdbx_collection_time_total   ? 
_diffrn_detector.pdbx_collection_date         2013-12-15 
# 
_diffrn_radiation.collimation                      ? 
_diffrn_radiation.diffrn_id                        1 
_diffrn_radiation.filter_edge                      ? 
_diffrn_radiation.inhomogeneity                    ? 
_diffrn_radiation.monochromator                    'Si(111)' 
_diffrn_radiation.polarisn_norm                    ? 
_diffrn_radiation.polarisn_ratio                   ? 
_diffrn_radiation.probe                            ? 
_diffrn_radiation.type                             ? 
_diffrn_radiation.xray_symbol                      ? 
_diffrn_radiation.wavelength_id                    1 
_diffrn_radiation.pdbx_monochromatic_or_laue_m_l   M 
_diffrn_radiation.pdbx_wavelength_list             ? 
_diffrn_radiation.pdbx_wavelength                  ? 
_diffrn_radiation.pdbx_diffrn_protocol             'SINGLE WAVELENGTH' 
_diffrn_radiation.pdbx_analyzer                    ? 
_diffrn_radiation.pdbx_scattering_type             x-ray 
# 
_diffrn_radiation_wavelength.id           1 
_diffrn_radiation_wavelength.wavelength   1.000 
_diffrn_radiation_wavelength.wt           1.0 
# 
_diffrn_source.current                     ? 
_diffrn_source.details                     ? 
_diffrn_source.diffrn_id                   1 
_diffrn_source.power                       ? 
_diffrn_source.size                        ? 
_diffrn_source.source                      SYNCHROTRON 
_diffrn_source.target                      ? 
_diffrn_source.type                        'APS BEAMLINE 17-ID' 
_diffrn_source.voltage                     ? 
_diffrn_source.take-off_angle              ? 
_diffrn_source.pdbx_wavelength_list        1.000 
_diffrn_source.pdbx_wavelength             ? 
_diffrn_source.pdbx_synchrotron_beamline   17-ID 
_diffrn_source.pdbx_synchrotron_site       APS 
# 
_reflns.B_iso_Wilson_estimate            ? 
_reflns.entry_id                         5BZS 
_reflns.data_reduction_details           ? 
_reflns.data_reduction_method            ? 
_reflns.d_resolution_high                1.498 
_reflns.d_resolution_low                 40.810 
_reflns.details                          ? 
_reflns.limit_h_max                      ? 
_reflns.limit_h_min                      ? 
_reflns.limit_k_max                      ? 
_reflns.limit_k_min                      ? 
_reflns.limit_l_max                      ? 
_reflns.limit_l_min                      ? 
_reflns.number_all                       ? 
_reflns.number_obs                       21524 
_reflns.observed_criterion               ? 
_reflns.observed_criterion_F_max         ? 
_reflns.observed_criterion_F_min         ? 
_reflns.observed_criterion_I_max         ? 
_reflns.observed_criterion_I_min         ? 
_reflns.observed_criterion_sigma_F       ? 
_reflns.observed_criterion_sigma_I       ? 
_reflns.percent_possible_obs             95.200 
_reflns.R_free_details                   ? 
_reflns.Rmerge_F_all                     ? 
_reflns.Rmerge_F_obs                     ? 
_reflns.Friedel_coverage                 ? 
_reflns.number_gt                        ? 
_reflns.threshold_expression             ? 
_reflns.pdbx_redundancy                  3.300 
_reflns.pdbx_Rmerge_I_obs                0.162 
_reflns.pdbx_Rmerge_I_all                ? 
_reflns.pdbx_Rsym_value                  ? 
_reflns.pdbx_netI_over_av_sigmaI         ? 
_reflns.pdbx_netI_over_sigmaI            8.4 
_reflns.pdbx_res_netI_over_av_sigmaI_2   ? 
_reflns.pdbx_res_netI_over_sigmaI_2      ? 
_reflns.pdbx_chi_squared                 ? 
_reflns.pdbx_scaling_rejects             ? 
_reflns.pdbx_d_res_high_opt              ? 
_reflns.pdbx_d_res_low_opt               ? 
_reflns.pdbx_d_res_opt_method            ? 
_reflns.phase_calculation_details        ? 
_reflns.pdbx_Rrim_I_all                  ? 
_reflns.pdbx_Rpim_I_all                  ? 
_reflns.pdbx_d_opt                       ? 
_reflns.pdbx_number_measured_all         70606 
_reflns.pdbx_diffrn_id                   1 
_reflns.pdbx_ordinal                     1 
_reflns.pdbx_CC_half                     ? 
_reflns.pdbx_R_split                     ? 
# 
loop_
_reflns_shell.d_res_high 
_reflns_shell.d_res_low 
_reflns_shell.meanI_over_sigI_all 
_reflns_shell.meanI_over_sigI_obs 
_reflns_shell.number_measured_all 
_reflns_shell.number_measured_obs 
_reflns_shell.number_possible 
_reflns_shell.number_unique_all 
_reflns_shell.number_unique_obs 
_reflns_shell.percent_possible_all 
_reflns_shell.percent_possible_obs 
_reflns_shell.Rmerge_F_all 
_reflns_shell.Rmerge_F_obs 
_reflns_shell.Rmerge_I_all 
_reflns_shell.Rmerge_I_obs 
_reflns_shell.meanI_over_sigI_gt 
_reflns_shell.meanI_over_uI_all 
_reflns_shell.meanI_over_uI_gt 
_reflns_shell.number_measured_gt 
_reflns_shell.number_unique_gt 
_reflns_shell.percent_possible_gt 
_reflns_shell.Rmerge_F_gt 
_reflns_shell.Rmerge_I_gt 
_reflns_shell.pdbx_redundancy 
_reflns_shell.pdbx_Rsym_value 
_reflns_shell.pdbx_chi_squared 
_reflns_shell.pdbx_netI_over_sigmaI_all 
_reflns_shell.pdbx_netI_over_sigmaI_obs 
_reflns_shell.pdbx_Rrim_I_all 
_reflns_shell.pdbx_Rpim_I_all 
_reflns_shell.pdbx_rejects 
_reflns_shell.pdbx_ordinal 
_reflns_shell.pdbx_diffrn_id 
_reflns_shell.pdbx_CC_half 
_reflns_shell.pdbx_R_split 
1.498 1.503  ? ? 674 ? ? 203 ? 93.500  ? ? ? ? 0.373 ? ? ? ? ? ? ? ? 3.300 ? ? ? ? ? ? 0 1 1 ? ? 
6.943 40.810 ? ? 789 ? ? 242 ? 100.000 ? ? ? ? 0.089 ? ? ? ? ? ? ? ? 3.300 ? ? ? ? ? ? 0 2 1 ? ? 
# 
_refine.aniso_B[1][1]                            0.0400 
_refine.aniso_B[1][2]                            -0.0000 
_refine.aniso_B[1][3]                            -0.1200 
_refine.aniso_B[2][2]                            0.3100 
_refine.aniso_B[2][3]                            -0.0000 
_refine.aniso_B[3][3]                            -0.4600 
_refine.B_iso_max                                31.820 
_refine.B_iso_mean                               4.0110 
_refine.B_iso_min                                2.000 
_refine.correlation_coeff_Fo_to_Fc               0.9050 
_refine.correlation_coeff_Fo_to_Fc_free          0.8670 
_refine.details                                  
'HYDROGENS HAVE BEEN ADDED IN THE RIDING POSITIONS U VALUES      : REFINED INDIVIDUALLY' 
_refine.diff_density_max                         ? 
_refine.diff_density_max_esd                     ? 
_refine.diff_density_min                         ? 
_refine.diff_density_min_esd                     ? 
_refine.diff_density_rms                         ? 
_refine.diff_density_rms_esd                     ? 
_refine.entry_id                                 5BZS 
_refine.pdbx_refine_id                           'X-RAY DIFFRACTION' 
_refine.ls_abs_structure_details                 ? 
_refine.ls_abs_structure_Flack                   ? 
_refine.ls_abs_structure_Flack_esd               ? 
_refine.ls_abs_structure_Rogers                  ? 
_refine.ls_abs_structure_Rogers_esd              ? 
_refine.ls_d_res_high                            1.5000 
_refine.ls_d_res_low                             40.810 
_refine.ls_extinction_coef                       ? 
_refine.ls_extinction_coef_esd                   ? 
_refine.ls_extinction_expression                 ? 
_refine.ls_extinction_method                     ? 
_refine.ls_goodness_of_fit_all                   ? 
_refine.ls_goodness_of_fit_all_esd               ? 
_refine.ls_goodness_of_fit_obs                   ? 
_refine.ls_goodness_of_fit_obs_esd               ? 
_refine.ls_hydrogen_treatment                    ? 
_refine.ls_matrix_type                           ? 
_refine.ls_number_constraints                    ? 
_refine.ls_number_parameters                     ? 
_refine.ls_number_reflns_all                     ? 
_refine.ls_number_reflns_obs                     20316 
_refine.ls_number_reflns_R_free                  1079 
_refine.ls_number_reflns_R_work                  ? 
_refine.ls_number_restraints                     ? 
_refine.ls_percent_reflns_obs                    95.1100 
_refine.ls_percent_reflns_R_free                 5.0000 
_refine.ls_R_factor_all                          ? 
_refine.ls_R_factor_obs                          0.2123 
_refine.ls_R_factor_R_free                       0.2420 
_refine.ls_R_factor_R_free_error                 ? 
_refine.ls_R_factor_R_free_error_details         ? 
_refine.ls_R_factor_R_work                       0.2107 
_refine.ls_R_Fsqd_factor_obs                     ? 
_refine.ls_R_I_factor_obs                        ? 
_refine.ls_redundancy_reflns_all                 ? 
_refine.ls_redundancy_reflns_obs                 ? 
_refine.ls_restrained_S_all                      ? 
_refine.ls_restrained_S_obs                      ? 
_refine.ls_shift_over_esd_max                    ? 
_refine.ls_shift_over_esd_mean                   ? 
_refine.ls_structure_factor_coef                 ? 
_refine.ls_weighting_details                     ? 
_refine.ls_weighting_scheme                      ? 
_refine.ls_wR_factor_all                         ? 
_refine.ls_wR_factor_obs                         ? 
_refine.ls_wR_factor_R_free                      0.2773 
_refine.ls_wR_factor_R_work                      0.2438 
_refine.occupancy_max                            ? 
_refine.occupancy_min                            ? 
_refine.solvent_model_details                    MASK 
_refine.solvent_model_param_bsol                 ? 
_refine.solvent_model_param_ksol                 ? 
_refine.ls_R_factor_gt                           ? 
_refine.ls_goodness_of_fit_gt                    ? 
_refine.ls_goodness_of_fit_ref                   ? 
_refine.ls_shift_over_su_max                     ? 
_refine.ls_shift_over_su_max_lt                  ? 
_refine.ls_shift_over_su_mean                    ? 
_refine.ls_shift_over_su_mean_lt                 ? 
_refine.pdbx_ls_sigma_I                          ? 
_refine.pdbx_ls_sigma_F                          0.000 
_refine.pdbx_ls_sigma_Fsqd                       ? 
_refine.pdbx_data_cutoff_high_absF               ? 
_refine.pdbx_data_cutoff_high_rms_absF           ? 
_refine.pdbx_data_cutoff_low_absF                ? 
_refine.pdbx_isotropic_thermal_model             ? 
_refine.pdbx_ls_cross_valid_method               THROUGHOUT 
_refine.pdbx_method_to_determine_struct          'MOLECULAR REPLACEMENT' 
_refine.pdbx_starting_model                      ? 
_refine.pdbx_stereochemistry_target_values       'MAXIMUM LIKELIHOOD' 
_refine.pdbx_R_Free_selection_details            RANDOM 
_refine.pdbx_stereochem_target_val_spec_case     ? 
_refine.pdbx_overall_ESU_R                       0.0980 
_refine.pdbx_overall_ESU_R_Free                  0.0970 
_refine.pdbx_solvent_vdw_probe_radii             1.4000 
_refine.pdbx_solvent_ion_probe_radii             0.8000 
_refine.pdbx_solvent_shrinkage_radii             0.8000 
_refine.pdbx_real_space_R                        ? 
_refine.pdbx_density_correlation                 ? 
_refine.pdbx_pd_number_of_powder_patterns        ? 
_refine.pdbx_pd_number_of_points                 ? 
_refine.pdbx_pd_meas_number_of_points            ? 
_refine.pdbx_pd_proc_ls_prof_R_factor            ? 
_refine.pdbx_pd_proc_ls_prof_wR_factor           ? 
_refine.pdbx_pd_Marquardt_correlation_coeff      ? 
_refine.pdbx_pd_Fsqrd_R_factor                   ? 
_refine.pdbx_pd_ls_matrix_band_width             ? 
_refine.pdbx_overall_phase_error                 ? 
_refine.pdbx_overall_SU_R_free_Cruickshank_DPI   ? 
_refine.pdbx_overall_SU_R_free_Blow_DPI          ? 
_refine.pdbx_overall_SU_R_Blow_DPI               ? 
_refine.pdbx_TLS_residual_ADP_flag               ? 
_refine.pdbx_diffrn_id                           1 
_refine.overall_SU_B                             1.5030 
_refine.overall_SU_ML                            0.0580 
_refine.overall_SU_R_Cruickshank_DPI             0.0983 
_refine.overall_SU_R_free                        0.0968 
_refine.overall_FOM_free_R_set                   ? 
_refine.overall_FOM_work_R_set                   0.8509 
_refine.pdbx_average_fsc_overall                 ? 
_refine.pdbx_average_fsc_work                    ? 
_refine.pdbx_average_fsc_free                    ? 
# 
_refine_hist.cycle_id                         final 
_refine_hist.pdbx_refine_id                   'X-RAY DIFFRACTION' 
_refine_hist.d_res_high                       1.5000 
_refine_hist.d_res_low                        40.810 
_refine_hist.pdbx_number_atoms_ligand         30 
_refine_hist.number_atoms_solvent             92 
_refine_hist.number_atoms_total               1293 
_refine_hist.pdbx_number_residues_total       150 
_refine_hist.pdbx_B_iso_mean_ligand           15.05 
_refine_hist.pdbx_B_iso_mean_solvent          11.40 
_refine_hist.pdbx_number_atoms_protein        1171 
_refine_hist.pdbx_number_atoms_nucleic_acid   0 
# 
loop_
_refine_ls_restr.pdbx_refine_id 
_refine_ls_restr.criterion 
_refine_ls_restr.dev_ideal 
_refine_ls_restr.dev_ideal_target 
_refine_ls_restr.number 
_refine_ls_restr.rejects 
_refine_ls_restr.type 
_refine_ls_restr.weight 
_refine_ls_restr.pdbx_restraint_function 
'X-RAY DIFFRACTION' ? 0.016  0.022  1291 ? r_bond_refined_d       ? ? 
'X-RAY DIFFRACTION' ? 1.558  1.956  1767 ? r_angle_refined_deg    ? ? 
'X-RAY DIFFRACTION' ? 7.069  5.000  163  ? r_dihedral_angle_1_deg ? ? 
'X-RAY DIFFRACTION' ? 36.046 24.032 62   ? r_dihedral_angle_2_deg ? ? 
'X-RAY DIFFRACTION' ? 12.925 15.000 199  ? r_dihedral_angle_3_deg ? ? 
'X-RAY DIFFRACTION' ? 17.646 15.000 9    ? r_dihedral_angle_4_deg ? ? 
'X-RAY DIFFRACTION' ? 0.100  0.200  194  ? r_chiral_restr         ? ? 
'X-RAY DIFFRACTION' ? 0.009  0.021  1006 ? r_gen_planes_refined   ? ? 
'X-RAY DIFFRACTION' ? 0.398  1.500  790  ? r_mcbond_it            ? ? 
'X-RAY DIFFRACTION' ? 0.742  2.000  1297 ? r_mcangle_it           ? ? 
'X-RAY DIFFRACTION' ? 1.813  3.000  501  ? r_scbond_it            ? ? 
'X-RAY DIFFRACTION' ? 2.673  4.500  470  ? r_scangle_it           ? ? 
# 
_refine_ls_shell.pdbx_refine_id                   'X-RAY DIFFRACTION' 
_refine_ls_shell.d_res_high                       1.5000 
_refine_ls_shell.d_res_low                        1.5390 
_refine_ls_shell.number_reflns_all                1534 
_refine_ls_shell.number_reflns_obs                ? 
_refine_ls_shell.number_reflns_R_free             67 
_refine_ls_shell.number_reflns_R_work             1467 
_refine_ls_shell.percent_reflns_obs               92.3000 
_refine_ls_shell.percent_reflns_R_free            ? 
_refine_ls_shell.R_factor_all                     ? 
_refine_ls_shell.R_factor_obs                     ? 
_refine_ls_shell.R_factor_R_free                  0.2590 
_refine_ls_shell.R_factor_R_free_error            ? 
_refine_ls_shell.R_factor_R_work                  0.2300 
_refine_ls_shell.redundancy_reflns_all            ? 
_refine_ls_shell.redundancy_reflns_obs            ? 
_refine_ls_shell.wR_factor_all                    ? 
_refine_ls_shell.wR_factor_obs                    ? 
_refine_ls_shell.wR_factor_R_free                 ? 
_refine_ls_shell.wR_factor_R_work                 ? 
_refine_ls_shell.pdbx_total_number_of_bins_used   20 
_refine_ls_shell.pdbx_phase_error                 ? 
_refine_ls_shell.pdbx_fsc_work                    ? 
_refine_ls_shell.pdbx_fsc_free                    ? 
# 
_struct.entry_id                     5BZS 
_struct.title                        'Crystal structure of the murine cd44 hyaluronan binding domain complex with a small molecule' 
_struct.pdbx_model_details           ? 
_struct.pdbx_formula_weight          ? 
_struct.pdbx_formula_weight_method   ? 
_struct.pdbx_model_type_details      ? 
_struct.pdbx_CASP_flag               ? 
# 
_struct_keywords.entry_id        5BZS 
_struct_keywords.text            'Link module, PROTEIN BINDING' 
_struct_keywords.pdbx_keywords   'PROTEIN BINDING' 
# 
loop_
_struct_asym.id 
_struct_asym.pdbx_blank_PDB_chainid_flag 
_struct_asym.pdbx_modified 
_struct_asym.entity_id 
_struct_asym.details 
A N N 1 ? 
B N N 2 ? 
C N N 3 ? 
D N N 4 ? 
E N N 5 ? 
# 
_struct_ref.id                         1 
_struct_ref.db_name                    UNP 
_struct_ref.db_code                    CD44_MOUSE 
_struct_ref.pdbx_db_accession          P15379 
_struct_ref.pdbx_db_isoform            ? 
_struct_ref.entity_id                  1 
_struct_ref.pdbx_seq_one_letter_code   
;HQQIDLNVTCRYAGVFHVEKNGRYSISRTEAADLCQAFNSTLPTMDQMKLALSKGFETCRYGFIEGNVVIPRIHPNAICA
ANHTGVYILVTSNTSHYDTYCFNASAPPEEDCTSVTDLPNSFDGPVTITIVNRDGTRYSKKGEYRTHQEDI
;
_struct_ref.pdbx_align_begin           21 
# 
_struct_ref_seq.align_id                      1 
_struct_ref_seq.ref_id                        1 
_struct_ref_seq.pdbx_PDB_id_code              5BZS 
_struct_ref_seq.pdbx_strand_id                A 
_struct_ref_seq.seq_align_beg                 1 
_struct_ref_seq.pdbx_seq_align_beg_ins_code   ? 
_struct_ref_seq.seq_align_end                 151 
_struct_ref_seq.pdbx_seq_align_end_ins_code   ? 
_struct_ref_seq.pdbx_db_accession             P15379 
_struct_ref_seq.db_align_beg                  21 
_struct_ref_seq.pdbx_db_align_beg_ins_code    ? 
_struct_ref_seq.db_align_end                  171 
_struct_ref_seq.pdbx_db_align_end_ins_code    ? 
_struct_ref_seq.pdbx_auth_seq_align_beg       23 
_struct_ref_seq.pdbx_auth_seq_align_end       173 
# 
loop_
_struct_ref_seq_dif.align_id 
_struct_ref_seq_dif.pdbx_pdb_id_code 
_struct_ref_seq_dif.mon_id 
_struct_ref_seq_dif.pdbx_pdb_strand_id 
_struct_ref_seq_dif.seq_num 
_struct_ref_seq_dif.pdbx_pdb_ins_code 
_struct_ref_seq_dif.pdbx_seq_db_name 
_struct_ref_seq_dif.pdbx_seq_db_accession_code 
_struct_ref_seq_dif.db_mon_id 
_struct_ref_seq_dif.pdbx_seq_db_seq_num 
_struct_ref_seq_dif.details 
_struct_ref_seq_dif.pdbx_auth_seq_num 
_struct_ref_seq_dif.pdbx_ordinal 
1 5BZS MET A 1 ? UNP P15379 HIS 21 'initiating methionine' 23 1 
1 5BZS ASN A 2 ? UNP P15379 GLN 22 'engineered mutation'   24 2 
# 
_pdbx_struct_assembly.id                   1 
_pdbx_struct_assembly.details              author_and_software_defined_assembly 
_pdbx_struct_assembly.method_details       PISA 
_pdbx_struct_assembly.oligomeric_details   monomeric 
_pdbx_struct_assembly.oligomeric_count     1 
# 
_pdbx_struct_assembly_gen.assembly_id       1 
_pdbx_struct_assembly_gen.oper_expression   1 
_pdbx_struct_assembly_gen.asym_id_list      A,B,C,D,E 
# 
_pdbx_struct_oper_list.id                   1 
_pdbx_struct_oper_list.type                 'identity operation' 
_pdbx_struct_oper_list.name                 1_555 
_pdbx_struct_oper_list.symmetry_operation   x,y,z 
_pdbx_struct_oper_list.matrix[1][1]         1.0000000000 
_pdbx_struct_oper_list.matrix[1][2]         0.0000000000 
_pdbx_struct_oper_list.matrix[1][3]         0.0000000000 
_pdbx_struct_oper_list.vector[1]            0.0000000000 
_pdbx_struct_oper_list.matrix[2][1]         0.0000000000 
_pdbx_struct_oper_list.matrix[2][2]         1.0000000000 
_pdbx_struct_oper_list.matrix[2][3]         0.0000000000 
_pdbx_struct_oper_list.vector[2]            0.0000000000 
_pdbx_struct_oper_list.matrix[3][1]         0.0000000000 
_pdbx_struct_oper_list.matrix[3][2]         0.0000000000 
_pdbx_struct_oper_list.matrix[3][3]         1.0000000000 
_pdbx_struct_oper_list.vector[3]            0.0000000000 
# 
loop_
_struct_conf.conf_type_id 
_struct_conf.id 
_struct_conf.pdbx_PDB_helix_id 
_struct_conf.beg_label_comp_id 
_struct_conf.beg_label_asym_id 
_struct_conf.beg_label_seq_id 
_struct_conf.pdbx_beg_PDB_ins_code 
_struct_conf.end_label_comp_id 
_struct_conf.end_label_asym_id 
_struct_conf.end_label_seq_id 
_struct_conf.pdbx_end_PDB_ins_code 
_struct_conf.beg_auth_comp_id 
_struct_conf.beg_auth_asym_id 
_struct_conf.beg_auth_seq_id 
_struct_conf.end_auth_comp_id 
_struct_conf.end_auth_asym_id 
_struct_conf.end_auth_seq_id 
_struct_conf.pdbx_PDB_helix_class 
_struct_conf.details 
_struct_conf.pdbx_PDB_helix_length 
HELX_P HELX_P1 AA1 SER A 27  ? PHE A 38  ? SER A 49  PHE A 60  1 ? 12 
HELX_P HELX_P2 AA2 THR A 44  ? LYS A 54  ? THR A 66  LYS A 76  1 ? 11 
HELX_P HELX_P3 AA3 CYS A 79  ? HIS A 83  ? CYS A 101 HIS A 105 5 ? 5  
HELX_P HELX_P4 AA4 HIS A 147 ? ILE A 151 ? HIS A 169 ILE A 173 5 ? 5  
# 
_struct_conf_type.id          HELX_P 
_struct_conf_type.criteria    ? 
_struct_conf_type.reference   ? 
# 
loop_
_struct_conn.id 
_struct_conn.conn_type_id 
_struct_conn.pdbx_leaving_atom_flag 
_struct_conn.pdbx_PDB_id 
_struct_conn.ptnr1_label_asym_id 
_struct_conn.ptnr1_label_comp_id 
_struct_conn.ptnr1_label_seq_id 
_struct_conn.ptnr1_label_atom_id 
_struct_conn.pdbx_ptnr1_label_alt_id 
_struct_conn.pdbx_ptnr1_PDB_ins_code 
_struct_conn.pdbx_ptnr1_standard_comp_id 
_struct_conn.ptnr1_symmetry 
_struct_conn.ptnr2_label_asym_id 
_struct_conn.ptnr2_label_comp_id 
_struct_conn.ptnr2_label_seq_id 
_struct_conn.ptnr2_label_atom_id 
_struct_conn.pdbx_ptnr2_label_alt_id 
_struct_conn.pdbx_ptnr2_PDB_ins_code 
_struct_conn.ptnr1_auth_asym_id 
_struct_conn.ptnr1_auth_comp_id 
_struct_conn.ptnr1_auth_seq_id 
_struct_conn.ptnr2_auth_asym_id 
_struct_conn.ptnr2_auth_comp_id 
_struct_conn.ptnr2_auth_seq_id 
_struct_conn.ptnr2_symmetry 
_struct_conn.pdbx_ptnr3_label_atom_id 
_struct_conn.pdbx_ptnr3_label_seq_id 
_struct_conn.pdbx_ptnr3_label_comp_id 
_struct_conn.pdbx_ptnr3_label_asym_id 
_struct_conn.pdbx_ptnr3_label_alt_id 
_struct_conn.pdbx_ptnr3_PDB_ins_code 
_struct_conn.details 
_struct_conn.pdbx_dist_value 
_struct_conn.pdbx_value_order 
_struct_conn.pdbx_role 
disulf1 disulf ? ? A CYS 10 SG ? ? ? 1_555 A CYS 112 SG ? ? A CYS 32 A CYS 134 1_555 ? ? ? ? ? ? ? 2.083 ? ? 
disulf2 disulf ? ? A CYS 35 SG ? ? ? 1_555 A CYS 101 SG ? ? A CYS 57 A CYS 123 1_555 ? ? ? ? ? ? ? 2.076 ? ? 
disulf3 disulf ? ? A CYS 59 SG ? ? ? 1_555 A CYS 79  SG ? ? A CYS 81 A CYS 101 1_555 ? ? ? ? ? ? ? 2.061 ? ? 
# 
_struct_conn_type.id          disulf 
_struct_conn_type.criteria    ? 
_struct_conn_type.reference   ? 
# 
loop_
_pdbx_modification_feature.ordinal 
_pdbx_modification_feature.label_comp_id 
_pdbx_modification_feature.label_asym_id 
_pdbx_modification_feature.label_seq_id 
_pdbx_modification_feature.label_alt_id 
_pdbx_modification_feature.modified_residue_label_comp_id 
_pdbx_modification_feature.modified_residue_label_asym_id 
_pdbx_modification_feature.modified_residue_label_seq_id 
_pdbx_modification_feature.modified_residue_label_alt_id 
_pdbx_modification_feature.auth_comp_id 
_pdbx_modification_feature.auth_asym_id 
_pdbx_modification_feature.auth_seq_id 
_pdbx_modification_feature.PDB_ins_code 
_pdbx_modification_feature.symmetry 
_pdbx_modification_feature.modified_residue_auth_comp_id 
_pdbx_modification_feature.modified_residue_auth_asym_id 
_pdbx_modification_feature.modified_residue_auth_seq_id 
_pdbx_modification_feature.modified_residue_PDB_ins_code 
_pdbx_modification_feature.modified_residue_symmetry 
_pdbx_modification_feature.comp_id_linking_atom 
_pdbx_modification_feature.modified_residue_id_linking_atom 
_pdbx_modification_feature.modified_residue_id 
_pdbx_modification_feature.ref_pcm_id 
_pdbx_modification_feature.ref_comp_id 
_pdbx_modification_feature.type 
_pdbx_modification_feature.category 
1 CYS A 10 ? CYS A 112 ? CYS A 32 ? 1_555 CYS A 134 ? 1_555 SG SG . . . None 'Disulfide bridge' 
2 CYS A 35 ? CYS A 101 ? CYS A 57 ? 1_555 CYS A 123 ? 1_555 SG SG . . . None 'Disulfide bridge' 
3 CYS A 59 ? CYS A 79  ? CYS A 81 ? 1_555 CYS A 101 ? 1_555 SG SG . . . None 'Disulfide bridge' 
# 
loop_
_struct_sheet.id 
_struct_sheet.type 
_struct_sheet.number_strands 
_struct_sheet.details 
AA1 ? 8 ? 
AA2 ? 2 ? 
# 
loop_
_struct_sheet_order.sheet_id 
_struct_sheet_order.range_id_1 
_struct_sheet_order.range_id_2 
_struct_sheet_order.offset 
_struct_sheet_order.sense 
AA1 1 2 ? anti-parallel 
AA1 2 3 ? anti-parallel 
AA1 3 4 ? parallel      
AA1 4 5 ? anti-parallel 
AA1 5 6 ? anti-parallel 
AA1 6 7 ? parallel      
AA1 7 8 ? anti-parallel 
AA2 1 2 ? anti-parallel 
# 
loop_
_struct_sheet_range.sheet_id 
_struct_sheet_range.id 
_struct_sheet_range.beg_label_comp_id 
_struct_sheet_range.beg_label_asym_id 
_struct_sheet_range.beg_label_seq_id 
_struct_sheet_range.pdbx_beg_PDB_ins_code 
_struct_sheet_range.end_label_comp_id 
_struct_sheet_range.end_label_asym_id 
_struct_sheet_range.end_label_seq_id 
_struct_sheet_range.pdbx_end_PDB_ins_code 
_struct_sheet_range.beg_auth_comp_id 
_struct_sheet_range.beg_auth_asym_id 
_struct_sheet_range.beg_auth_seq_id 
_struct_sheet_range.end_auth_comp_id 
_struct_sheet_range.end_auth_asym_id 
_struct_sheet_range.end_auth_seq_id 
AA1 1 GLY A 85  ? ILE A 88  ? GLY A 107 ILE A 110 
AA1 2 VAL A 68  ? ARG A 72  ? VAL A 90  ARG A 94  
AA1 3 GLY A 62  ? PHE A 63  ? GLY A 84  PHE A 85  
AA1 4 ASP A 98  ? PHE A 102 ? ASP A 120 PHE A 124 
AA1 5 VAL A 15  ? LYS A 20  ? VAL A 37  LYS A 42  
AA1 6 GLN A 3   ? VAL A 8   ? GLN A 25  VAL A 30  
AA1 7 PHE A 122 ? ASN A 132 ? PHE A 144 ASN A 154 
AA1 8 ARG A 137 ? GLU A 143 ? ARG A 159 GLU A 165 
AA2 1 ARG A 11  ? TYR A 12  ? ARG A 33  TYR A 34  
AA2 2 GLU A 110 ? ASP A 111 ? GLU A 132 ASP A 133 
# 
loop_
_pdbx_struct_sheet_hbond.sheet_id 
_pdbx_struct_sheet_hbond.range_id_1 
_pdbx_struct_sheet_hbond.range_id_2 
_pdbx_struct_sheet_hbond.range_1_label_atom_id 
_pdbx_struct_sheet_hbond.range_1_label_comp_id 
_pdbx_struct_sheet_hbond.range_1_label_asym_id 
_pdbx_struct_sheet_hbond.range_1_label_seq_id 
_pdbx_struct_sheet_hbond.range_1_PDB_ins_code 
_pdbx_struct_sheet_hbond.range_1_auth_atom_id 
_pdbx_struct_sheet_hbond.range_1_auth_comp_id 
_pdbx_struct_sheet_hbond.range_1_auth_asym_id 
_pdbx_struct_sheet_hbond.range_1_auth_seq_id 
_pdbx_struct_sheet_hbond.range_2_label_atom_id 
_pdbx_struct_sheet_hbond.range_2_label_comp_id 
_pdbx_struct_sheet_hbond.range_2_label_asym_id 
_pdbx_struct_sheet_hbond.range_2_label_seq_id 
_pdbx_struct_sheet_hbond.range_2_PDB_ins_code 
_pdbx_struct_sheet_hbond.range_2_auth_atom_id 
_pdbx_struct_sheet_hbond.range_2_auth_comp_id 
_pdbx_struct_sheet_hbond.range_2_auth_asym_id 
_pdbx_struct_sheet_hbond.range_2_auth_seq_id 
AA1 1 2 O GLY A 85  ? O GLY A 107 N ARG A 72  ? N ARG A 94  
AA1 2 3 O VAL A 69  ? O VAL A 91  N GLY A 62  ? N GLY A 84  
AA1 3 4 N PHE A 63  ? N PHE A 85  O TYR A 100 ? O TYR A 122 
AA1 4 5 O THR A 99  ? O THR A 121 N VAL A 18  ? N VAL A 40  
AA1 5 6 O GLU A 19  ? O GLU A 41  N ASN A 7   ? N ASN A 29  
AA1 6 7 N LEU A 6   ? N LEU A 28  O THR A 129 ? O THR A 151 
AA1 7 8 N ILE A 130 ? N ILE A 152 O TYR A 138 ? O TYR A 160 
AA2 1 2 N ARG A 11  ? N ARG A 33  O ASP A 111 ? O ASP A 133 
# 
loop_
_struct_site.id 
_struct_site.pdbx_evidence_code 
_struct_site.pdbx_auth_asym_id 
_struct_site.pdbx_auth_comp_id 
_struct_site.pdbx_auth_seq_id 
_struct_site.pdbx_auth_ins_code 
_struct_site.pdbx_num_residues 
_struct_site.details 
AC1 Software A 4XK 201 ? 10 'binding site for residue 4XK A 201' 
AC2 Software A DMS 202 ? 8  'binding site for residue DMS A 202' 
AC3 Software A SO4 203 ? 6  'binding site for residue SO4 A 203' 
# 
loop_
_struct_site_gen.id 
_struct_site_gen.site_id 
_struct_site_gen.pdbx_num_res 
_struct_site_gen.label_comp_id 
_struct_site_gen.label_asym_id 
_struct_site_gen.label_seq_id 
_struct_site_gen.pdbx_auth_ins_code 
_struct_site_gen.auth_comp_id 
_struct_site_gen.auth_asym_id 
_struct_site_gen.auth_seq_id 
_struct_site_gen.label_atom_id 
_struct_site_gen.label_alt_id 
_struct_site_gen.symmetry 
_struct_site_gen.details 
1  AC1 10 ASN A 7   ? ASN A 29  . ? 1_555 ? 
2  AC1 10 VAL A 8   ? VAL A 30  . ? 1_555 ? 
3  AC1 10 GLU A 19  ? GLU A 41  . ? 1_555 ? 
4  AC1 10 ASP A 46  ? ASP A 68  . ? 1_655 ? 
5  AC1 10 CYS A 59  ? CYS A 81  . ? 1_555 ? 
6  AC1 10 ARG A 60  ? ARG A 82  . ? 1_555 ? 
7  AC1 10 VAL A 131 ? VAL A 153 . ? 1_555 ? 
8  AC1 10 ARG A 133 ? ARG A 155 . ? 1_555 ? 
9  AC1 10 HOH E .   ? HOH A 357 . ? 1_555 ? 
10 AC1 10 HOH E .   ? HOH A 359 . ? 1_555 ? 
11 AC2 8  CYS A 10  ? CYS A 32  . ? 1_555 ? 
12 AC2 8  ASN A 67  ? ASN A 89  . ? 1_554 ? 
13 AC2 8  CYS A 112 ? CYS A 134 . ? 1_555 ? 
14 AC2 8  SER A 114 ? SER A 136 . ? 1_555 ? 
15 AC2 8  ARG A 133 ? ARG A 155 . ? 1_555 ? 
16 AC2 8  ASP A 134 ? ASP A 156 . ? 1_555 ? 
17 AC2 8  HOH E .   ? HOH A 306 . ? 1_555 ? 
18 AC2 8  HOH E .   ? HOH A 321 . ? 1_555 ? 
19 AC3 6  ARG A 11  ? ARG A 33  . ? 1_555 ? 
20 AC3 6  PHE A 16  ? PHE A 38  . ? 1_555 ? 
21 AC3 6  PHE A 38  ? PHE A 60  . ? 1_555 ? 
22 AC3 6  SER A 40  ? SER A 62  . ? 1_555 ? 
23 AC3 6  ASN A 103 ? ASN A 125 . ? 1_555 ? 
24 AC3 6  VAL A 115 ? VAL A 137 . ? 1_555 ? 
# 
_pdbx_entry_details.entry_id                   5BZS 
_pdbx_entry_details.compound_details           ? 
_pdbx_entry_details.source_details             ? 
_pdbx_entry_details.nonpolymer_details         ? 
_pdbx_entry_details.sequence_details           ? 
_pdbx_entry_details.has_ligand_of_interest     ? 
_pdbx_entry_details.has_protein_modification   Y 
# 
loop_
_pdbx_validate_close_contact.id 
_pdbx_validate_close_contact.PDB_model_num 
_pdbx_validate_close_contact.auth_atom_id_1 
_pdbx_validate_close_contact.auth_asym_id_1 
_pdbx_validate_close_contact.auth_comp_id_1 
_pdbx_validate_close_contact.auth_seq_id_1 
_pdbx_validate_close_contact.PDB_ins_code_1 
_pdbx_validate_close_contact.label_alt_id_1 
_pdbx_validate_close_contact.auth_atom_id_2 
_pdbx_validate_close_contact.auth_asym_id_2 
_pdbx_validate_close_contact.auth_comp_id_2 
_pdbx_validate_close_contact.auth_seq_id_2 
_pdbx_validate_close_contact.PDB_ins_code_2 
_pdbx_validate_close_contact.label_alt_id_2 
_pdbx_validate_close_contact.dist 
1 1 OE1 A GLU 52  ? ? O A HOH 301 ? ? 2.04 
2 1 O   A HOH 303 ? ? O A HOH 382 ? ? 2.15 
# 
_pdbx_validate_symm_contact.id                1 
_pdbx_validate_symm_contact.PDB_model_num     1 
_pdbx_validate_symm_contact.auth_atom_id_1    O 
_pdbx_validate_symm_contact.auth_asym_id_1    A 
_pdbx_validate_symm_contact.auth_comp_id_1    HOH 
_pdbx_validate_symm_contact.auth_seq_id_1     336 
_pdbx_validate_symm_contact.PDB_ins_code_1    ? 
_pdbx_validate_symm_contact.label_alt_id_1    ? 
_pdbx_validate_symm_contact.site_symmetry_1   1_555 
_pdbx_validate_symm_contact.auth_atom_id_2    O 
_pdbx_validate_symm_contact.auth_asym_id_2    A 
_pdbx_validate_symm_contact.auth_comp_id_2    HOH 
_pdbx_validate_symm_contact.auth_seq_id_2     371 
_pdbx_validate_symm_contact.PDB_ins_code_2    ? 
_pdbx_validate_symm_contact.label_alt_id_2    ? 
_pdbx_validate_symm_contact.site_symmetry_2   1_554 
_pdbx_validate_symm_contact.dist              2.18 
# 
_pdbx_validate_rmsd_bond.id                        1 
_pdbx_validate_rmsd_bond.PDB_model_num             1 
_pdbx_validate_rmsd_bond.auth_atom_id_1            CB 
_pdbx_validate_rmsd_bond.auth_asym_id_1            A 
_pdbx_validate_rmsd_bond.auth_comp_id_1            ARG 
_pdbx_validate_rmsd_bond.auth_seq_id_1             50 
_pdbx_validate_rmsd_bond.PDB_ins_code_1            ? 
_pdbx_validate_rmsd_bond.label_alt_id_1            B 
_pdbx_validate_rmsd_bond.auth_atom_id_2            CG 
_pdbx_validate_rmsd_bond.auth_asym_id_2            A 
_pdbx_validate_rmsd_bond.auth_comp_id_2            ARG 
_pdbx_validate_rmsd_bond.auth_seq_id_2             50 
_pdbx_validate_rmsd_bond.PDB_ins_code_2            ? 
_pdbx_validate_rmsd_bond.label_alt_id_2            B 
_pdbx_validate_rmsd_bond.bond_value                1.351 
_pdbx_validate_rmsd_bond.bond_target_value         1.521 
_pdbx_validate_rmsd_bond.bond_deviation            -0.170 
_pdbx_validate_rmsd_bond.bond_standard_deviation   0.027 
_pdbx_validate_rmsd_bond.linker_flag               N 
# 
loop_
_pdbx_validate_rmsd_angle.id 
_pdbx_validate_rmsd_angle.PDB_model_num 
_pdbx_validate_rmsd_angle.auth_atom_id_1 
_pdbx_validate_rmsd_angle.auth_asym_id_1 
_pdbx_validate_rmsd_angle.auth_comp_id_1 
_pdbx_validate_rmsd_angle.auth_seq_id_1 
_pdbx_validate_rmsd_angle.PDB_ins_code_1 
_pdbx_validate_rmsd_angle.label_alt_id_1 
_pdbx_validate_rmsd_angle.auth_atom_id_2 
_pdbx_validate_rmsd_angle.auth_asym_id_2 
_pdbx_validate_rmsd_angle.auth_comp_id_2 
_pdbx_validate_rmsd_angle.auth_seq_id_2 
_pdbx_validate_rmsd_angle.PDB_ins_code_2 
_pdbx_validate_rmsd_angle.label_alt_id_2 
_pdbx_validate_rmsd_angle.auth_atom_id_3 
_pdbx_validate_rmsd_angle.auth_asym_id_3 
_pdbx_validate_rmsd_angle.auth_comp_id_3 
_pdbx_validate_rmsd_angle.auth_seq_id_3 
_pdbx_validate_rmsd_angle.PDB_ins_code_3 
_pdbx_validate_rmsd_angle.label_alt_id_3 
_pdbx_validate_rmsd_angle.angle_value 
_pdbx_validate_rmsd_angle.angle_target_value 
_pdbx_validate_rmsd_angle.angle_deviation 
_pdbx_validate_rmsd_angle.angle_standard_deviation 
_pdbx_validate_rmsd_angle.linker_flag 
1 1 NE A ARG 33  ? ? CZ A ARG 33  ? ? NH2 A ARG 33  ? ? 116.75 120.30 -3.55 0.50 N 
2 1 CB A ASP 139 ? ? CG A ASP 139 ? ? OD1 A ASP 139 ? ? 124.36 118.30 6.06  0.90 N 
3 1 NE A ARG 159 ? ? CZ A ARG 159 ? ? NH2 A ARG 159 ? ? 117.08 120.30 -3.22 0.50 N 
# 
loop_
_pdbx_validate_torsion.id 
_pdbx_validate_torsion.PDB_model_num 
_pdbx_validate_torsion.auth_comp_id 
_pdbx_validate_torsion.auth_asym_id 
_pdbx_validate_torsion.auth_seq_id 
_pdbx_validate_torsion.PDB_ins_code 
_pdbx_validate_torsion.label_alt_id 
_pdbx_validate_torsion.phi 
_pdbx_validate_torsion.psi 
1 1 CYS A 32  ? ? -48.95  152.77  
2 1 SER A 47  ? ? -161.49 12.01   
3 1 GLU A 131 ? ? -119.43 -134.41 
# 
_phasing.method   MR 
# 
_pdbx_unobs_or_zero_occ_residues.id               1 
_pdbx_unobs_or_zero_occ_residues.PDB_model_num    1 
_pdbx_unobs_or_zero_occ_residues.polymer_flag     Y 
_pdbx_unobs_or_zero_occ_residues.occupancy_flag   1 
_pdbx_unobs_or_zero_occ_residues.auth_asym_id     A 
_pdbx_unobs_or_zero_occ_residues.auth_comp_id     MET 
_pdbx_unobs_or_zero_occ_residues.auth_seq_id      23 
_pdbx_unobs_or_zero_occ_residues.PDB_ins_code     ? 
_pdbx_unobs_or_zero_occ_residues.label_asym_id    A 
_pdbx_unobs_or_zero_occ_residues.label_comp_id    MET 
_pdbx_unobs_or_zero_occ_residues.label_seq_id     1 
# 
loop_
_chem_comp_atom.comp_id 
_chem_comp_atom.atom_id 
_chem_comp_atom.type_symbol 
_chem_comp_atom.pdbx_aromatic_flag 
_chem_comp_atom.pdbx_stereo_config 
_chem_comp_atom.pdbx_ordinal 
4XK CAM  C N N 1   
4XK CAI  C N N 2   
4XK CAS  C Y N 3   
4XK CAQ  C Y N 4   
4XK NAA  N N N 5   
4XK CAC  C Y N 6   
4XK CAB  C Y N 7   
4XK CAD  C Y N 8   
4XK CAR  C Y N 9   
4XK CAN  C N N 10  
4XK NAU  N N N 11  
4XK CAL  C N N 12  
4XK CAE  C N N 13  
4XK CAF  C N N 14  
4XK OAP  O N N 15  
4XK CAT  C N N 16  
4XK CAJ  C N N 17  
4XK CAG  C N N 18  
4XK OAO  O N N 19  
4XK CAH  C N N 20  
4XK CAK  C N N 21  
4XK H1   H N N 22  
4XK H2   H N N 23  
4XK H3   H N N 24  
4XK H4   H N N 25  
4XK H5   H N N 26  
4XK H6   H N N 27  
4XK H7   H N N 28  
4XK H8   H N N 29  
4XK H9   H N N 30  
4XK H10  H N N 31  
4XK H11  H N N 32  
4XK H13  H N N 33  
4XK H14  H N N 34  
4XK H15  H N N 35  
4XK H16  H N N 36  
4XK H17  H N N 37  
4XK H18  H N N 38  
4XK H19  H N N 39  
4XK H20  H N N 40  
4XK H21  H N N 41  
4XK H22  H N N 42  
4XK H23  H N N 43  
4XK H24  H N N 44  
4XK H25  H N N 45  
4XK H26  H N N 46  
4XK H27  H N N 47  
ALA N    N N N 48  
ALA CA   C N S 49  
ALA C    C N N 50  
ALA O    O N N 51  
ALA CB   C N N 52  
ALA OXT  O N N 53  
ALA H    H N N 54  
ALA H2   H N N 55  
ALA HA   H N N 56  
ALA HB1  H N N 57  
ALA HB2  H N N 58  
ALA HB3  H N N 59  
ALA HXT  H N N 60  
ARG N    N N N 61  
ARG CA   C N S 62  
ARG C    C N N 63  
ARG O    O N N 64  
ARG CB   C N N 65  
ARG CG   C N N 66  
ARG CD   C N N 67  
ARG NE   N N N 68  
ARG CZ   C N N 69  
ARG NH1  N N N 70  
ARG NH2  N N N 71  
ARG OXT  O N N 72  
ARG H    H N N 73  
ARG H2   H N N 74  
ARG HA   H N N 75  
ARG HB2  H N N 76  
ARG HB3  H N N 77  
ARG HG2  H N N 78  
ARG HG3  H N N 79  
ARG HD2  H N N 80  
ARG HD3  H N N 81  
ARG HE   H N N 82  
ARG HH11 H N N 83  
ARG HH12 H N N 84  
ARG HH21 H N N 85  
ARG HH22 H N N 86  
ARG HXT  H N N 87  
ASN N    N N N 88  
ASN CA   C N S 89  
ASN C    C N N 90  
ASN O    O N N 91  
ASN CB   C N N 92  
ASN CG   C N N 93  
ASN OD1  O N N 94  
ASN ND2  N N N 95  
ASN OXT  O N N 96  
ASN H    H N N 97  
ASN H2   H N N 98  
ASN HA   H N N 99  
ASN HB2  H N N 100 
ASN HB3  H N N 101 
ASN HD21 H N N 102 
ASN HD22 H N N 103 
ASN HXT  H N N 104 
ASP N    N N N 105 
ASP CA   C N S 106 
ASP C    C N N 107 
ASP O    O N N 108 
ASP CB   C N N 109 
ASP CG   C N N 110 
ASP OD1  O N N 111 
ASP OD2  O N N 112 
ASP OXT  O N N 113 
ASP H    H N N 114 
ASP H2   H N N 115 
ASP HA   H N N 116 
ASP HB2  H N N 117 
ASP HB3  H N N 118 
ASP HD2  H N N 119 
ASP HXT  H N N 120 
CYS N    N N N 121 
CYS CA   C N R 122 
CYS C    C N N 123 
CYS O    O N N 124 
CYS CB   C N N 125 
CYS SG   S N N 126 
CYS OXT  O N N 127 
CYS H    H N N 128 
CYS H2   H N N 129 
CYS HA   H N N 130 
CYS HB2  H N N 131 
CYS HB3  H N N 132 
CYS HG   H N N 133 
CYS HXT  H N N 134 
DMS S    S N N 135 
DMS O    O N N 136 
DMS C1   C N N 137 
DMS C2   C N N 138 
DMS H11  H N N 139 
DMS H12  H N N 140 
DMS H13  H N N 141 
DMS H21  H N N 142 
DMS H22  H N N 143 
DMS H23  H N N 144 
GLN N    N N N 145 
GLN CA   C N S 146 
GLN C    C N N 147 
GLN O    O N N 148 
GLN CB   C N N 149 
GLN CG   C N N 150 
GLN CD   C N N 151 
GLN OE1  O N N 152 
GLN NE2  N N N 153 
GLN OXT  O N N 154 
GLN H    H N N 155 
GLN H2   H N N 156 
GLN HA   H N N 157 
GLN HB2  H N N 158 
GLN HB3  H N N 159 
GLN HG2  H N N 160 
GLN HG3  H N N 161 
GLN HE21 H N N 162 
GLN HE22 H N N 163 
GLN HXT  H N N 164 
GLU N    N N N 165 
GLU CA   C N S 166 
GLU C    C N N 167 
GLU O    O N N 168 
GLU CB   C N N 169 
GLU CG   C N N 170 
GLU CD   C N N 171 
GLU OE1  O N N 172 
GLU OE2  O N N 173 
GLU OXT  O N N 174 
GLU H    H N N 175 
GLU H2   H N N 176 
GLU HA   H N N 177 
GLU HB2  H N N 178 
GLU HB3  H N N 179 
GLU HG2  H N N 180 
GLU HG3  H N N 181 
GLU HE2  H N N 182 
GLU HXT  H N N 183 
GLY N    N N N 184 
GLY CA   C N N 185 
GLY C    C N N 186 
GLY O    O N N 187 
GLY OXT  O N N 188 
GLY H    H N N 189 
GLY H2   H N N 190 
GLY HA2  H N N 191 
GLY HA3  H N N 192 
GLY HXT  H N N 193 
HIS N    N N N 194 
HIS CA   C N S 195 
HIS C    C N N 196 
HIS O    O N N 197 
HIS CB   C N N 198 
HIS CG   C Y N 199 
HIS ND1  N Y N 200 
HIS CD2  C Y N 201 
HIS CE1  C Y N 202 
HIS NE2  N Y N 203 
HIS OXT  O N N 204 
HIS H    H N N 205 
HIS H2   H N N 206 
HIS HA   H N N 207 
HIS HB2  H N N 208 
HIS HB3  H N N 209 
HIS HD1  H N N 210 
HIS HD2  H N N 211 
HIS HE1  H N N 212 
HIS HE2  H N N 213 
HIS HXT  H N N 214 
HOH O    O N N 215 
HOH H1   H N N 216 
HOH H2   H N N 217 
ILE N    N N N 218 
ILE CA   C N S 219 
ILE C    C N N 220 
ILE O    O N N 221 
ILE CB   C N S 222 
ILE CG1  C N N 223 
ILE CG2  C N N 224 
ILE CD1  C N N 225 
ILE OXT  O N N 226 
ILE H    H N N 227 
ILE H2   H N N 228 
ILE HA   H N N 229 
ILE HB   H N N 230 
ILE HG12 H N N 231 
ILE HG13 H N N 232 
ILE HG21 H N N 233 
ILE HG22 H N N 234 
ILE HG23 H N N 235 
ILE HD11 H N N 236 
ILE HD12 H N N 237 
ILE HD13 H N N 238 
ILE HXT  H N N 239 
LEU N    N N N 240 
LEU CA   C N S 241 
LEU C    C N N 242 
LEU O    O N N 243 
LEU CB   C N N 244 
LEU CG   C N N 245 
LEU CD1  C N N 246 
LEU CD2  C N N 247 
LEU OXT  O N N 248 
LEU H    H N N 249 
LEU H2   H N N 250 
LEU HA   H N N 251 
LEU HB2  H N N 252 
LEU HB3  H N N 253 
LEU HG   H N N 254 
LEU HD11 H N N 255 
LEU HD12 H N N 256 
LEU HD13 H N N 257 
LEU HD21 H N N 258 
LEU HD22 H N N 259 
LEU HD23 H N N 260 
LEU HXT  H N N 261 
LYS N    N N N 262 
LYS CA   C N S 263 
LYS C    C N N 264 
LYS O    O N N 265 
LYS CB   C N N 266 
LYS CG   C N N 267 
LYS CD   C N N 268 
LYS CE   C N N 269 
LYS NZ   N N N 270 
LYS OXT  O N N 271 
LYS H    H N N 272 
LYS H2   H N N 273 
LYS HA   H N N 274 
LYS HB2  H N N 275 
LYS HB3  H N N 276 
LYS HG2  H N N 277 
LYS HG3  H N N 278 
LYS HD2  H N N 279 
LYS HD3  H N N 280 
LYS HE2  H N N 281 
LYS HE3  H N N 282 
LYS HZ1  H N N 283 
LYS HZ2  H N N 284 
LYS HZ3  H N N 285 
LYS HXT  H N N 286 
MET N    N N N 287 
MET CA   C N S 288 
MET C    C N N 289 
MET O    O N N 290 
MET CB   C N N 291 
MET CG   C N N 292 
MET SD   S N N 293 
MET CE   C N N 294 
MET OXT  O N N 295 
MET H    H N N 296 
MET H2   H N N 297 
MET HA   H N N 298 
MET HB2  H N N 299 
MET HB3  H N N 300 
MET HG2  H N N 301 
MET HG3  H N N 302 
MET HE1  H N N 303 
MET HE2  H N N 304 
MET HE3  H N N 305 
MET HXT  H N N 306 
PHE N    N N N 307 
PHE CA   C N S 308 
PHE C    C N N 309 
PHE O    O N N 310 
PHE CB   C N N 311 
PHE CG   C Y N 312 
PHE CD1  C Y N 313 
PHE CD2  C Y N 314 
PHE CE1  C Y N 315 
PHE CE2  C Y N 316 
PHE CZ   C Y N 317 
PHE OXT  O N N 318 
PHE H    H N N 319 
PHE H2   H N N 320 
PHE HA   H N N 321 
PHE HB2  H N N 322 
PHE HB3  H N N 323 
PHE HD1  H N N 324 
PHE HD2  H N N 325 
PHE HE1  H N N 326 
PHE HE2  H N N 327 
PHE HZ   H N N 328 
PHE HXT  H N N 329 
PRO N    N N N 330 
PRO CA   C N S 331 
PRO C    C N N 332 
PRO O    O N N 333 
PRO CB   C N N 334 
PRO CG   C N N 335 
PRO CD   C N N 336 
PRO OXT  O N N 337 
PRO H    H N N 338 
PRO HA   H N N 339 
PRO HB2  H N N 340 
PRO HB3  H N N 341 
PRO HG2  H N N 342 
PRO HG3  H N N 343 
PRO HD2  H N N 344 
PRO HD3  H N N 345 
PRO HXT  H N N 346 
SER N    N N N 347 
SER CA   C N S 348 
SER C    C N N 349 
SER O    O N N 350 
SER CB   C N N 351 
SER OG   O N N 352 
SER OXT  O N N 353 
SER H    H N N 354 
SER H2   H N N 355 
SER HA   H N N 356 
SER HB2  H N N 357 
SER HB3  H N N 358 
SER HG   H N N 359 
SER HXT  H N N 360 
SO4 S    S N N 361 
SO4 O1   O N N 362 
SO4 O2   O N N 363 
SO4 O3   O N N 364 
SO4 O4   O N N 365 
THR N    N N N 366 
THR CA   C N S 367 
THR C    C N N 368 
THR O    O N N 369 
THR CB   C N R 370 
THR OG1  O N N 371 
THR CG2  C N N 372 
THR OXT  O N N 373 
THR H    H N N 374 
THR H2   H N N 375 
THR HA   H N N 376 
THR HB   H N N 377 
THR HG1  H N N 378 
THR HG21 H N N 379 
THR HG22 H N N 380 
THR HG23 H N N 381 
THR HXT  H N N 382 
TYR N    N N N 383 
TYR CA   C N S 384 
TYR C    C N N 385 
TYR O    O N N 386 
TYR CB   C N N 387 
TYR CG   C Y N 388 
TYR CD1  C Y N 389 
TYR CD2  C Y N 390 
TYR CE1  C Y N 391 
TYR CE2  C Y N 392 
TYR CZ   C Y N 393 
TYR OH   O N N 394 
TYR OXT  O N N 395 
TYR H    H N N 396 
TYR H2   H N N 397 
TYR HA   H N N 398 
TYR HB2  H N N 399 
TYR HB3  H N N 400 
TYR HD1  H N N 401 
TYR HD2  H N N 402 
TYR HE1  H N N 403 
TYR HE2  H N N 404 
TYR HH   H N N 405 
TYR HXT  H N N 406 
VAL N    N N N 407 
VAL CA   C N S 408 
VAL C    C N N 409 
VAL O    O N N 410 
VAL CB   C N N 411 
VAL CG1  C N N 412 
VAL CG2  C N N 413 
VAL OXT  O N N 414 
VAL H    H N N 415 
VAL H2   H N N 416 
VAL HA   H N N 417 
VAL HB   H N N 418 
VAL HG11 H N N 419 
VAL HG12 H N N 420 
VAL HG13 H N N 421 
VAL HG21 H N N 422 
VAL HG22 H N N 423 
VAL HG23 H N N 424 
VAL HXT  H N N 425 
# 
loop_
_chem_comp_bond.comp_id 
_chem_comp_bond.atom_id_1 
_chem_comp_bond.atom_id_2 
_chem_comp_bond.value_order 
_chem_comp_bond.pdbx_aromatic_flag 
_chem_comp_bond.pdbx_stereo_config 
_chem_comp_bond.pdbx_ordinal 
4XK CAC CAB  doub Y N 1   
4XK CAC CAQ  sing Y N 2   
4XK NAA CAQ  sing N N 3   
4XK CAB CAD  sing Y N 4   
4XK CAQ CAS  doub Y N 5   
4XK CAD CAR  doub Y N 6   
4XK CAS CAR  sing Y N 7   
4XK CAS CAI  sing N N 8   
4XK CAR CAN  sing N N 9   
4XK CAI CAM  sing N N 10  
4XK CAN NAU  sing N N 11  
4XK CAM NAU  sing N N 12  
4XK NAU CAL  sing N N 13  
4XK CAL CAE  sing N N 14  
4XK CAE CAF  sing N N 15  
4XK OAP CAF  sing N N 16  
4XK OAP CAT  sing N N 17  
4XK CAK CAT  sing N N 18  
4XK CAK CAH  sing N N 19  
4XK CAT CAJ  sing N N 20  
4XK CAH OAO  sing N N 21  
4XK CAJ CAG  sing N N 22  
4XK OAO CAG  sing N N 23  
4XK CAM H1   sing N N 24  
4XK CAM H2   sing N N 25  
4XK CAI H3   sing N N 26  
4XK CAI H4   sing N N 27  
4XK NAA H5   sing N N 28  
4XK NAA H6   sing N N 29  
4XK CAC H7   sing N N 30  
4XK CAB H8   sing N N 31  
4XK CAD H9   sing N N 32  
4XK CAN H10  sing N N 33  
4XK CAN H11  sing N N 34  
4XK CAL H13  sing N N 35  
4XK CAL H14  sing N N 36  
4XK CAE H15  sing N N 37  
4XK CAE H16  sing N N 38  
4XK CAF H17  sing N N 39  
4XK CAF H18  sing N N 40  
4XK CAT H19  sing N N 41  
4XK CAJ H20  sing N N 42  
4XK CAJ H21  sing N N 43  
4XK CAG H22  sing N N 44  
4XK CAG H23  sing N N 45  
4XK CAH H24  sing N N 46  
4XK CAH H25  sing N N 47  
4XK CAK H26  sing N N 48  
4XK CAK H27  sing N N 49  
ALA N   CA   sing N N 50  
ALA N   H    sing N N 51  
ALA N   H2   sing N N 52  
ALA CA  C    sing N N 53  
ALA CA  CB   sing N N 54  
ALA CA  HA   sing N N 55  
ALA C   O    doub N N 56  
ALA C   OXT  sing N N 57  
ALA CB  HB1  sing N N 58  
ALA CB  HB2  sing N N 59  
ALA CB  HB3  sing N N 60  
ALA OXT HXT  sing N N 61  
ARG N   CA   sing N N 62  
ARG N   H    sing N N 63  
ARG N   H2   sing N N 64  
ARG CA  C    sing N N 65  
ARG CA  CB   sing N N 66  
ARG CA  HA   sing N N 67  
ARG C   O    doub N N 68  
ARG C   OXT  sing N N 69  
ARG CB  CG   sing N N 70  
ARG CB  HB2  sing N N 71  
ARG CB  HB3  sing N N 72  
ARG CG  CD   sing N N 73  
ARG CG  HG2  sing N N 74  
ARG CG  HG3  sing N N 75  
ARG CD  NE   sing N N 76  
ARG CD  HD2  sing N N 77  
ARG CD  HD3  sing N N 78  
ARG NE  CZ   sing N N 79  
ARG NE  HE   sing N N 80  
ARG CZ  NH1  sing N N 81  
ARG CZ  NH2  doub N N 82  
ARG NH1 HH11 sing N N 83  
ARG NH1 HH12 sing N N 84  
ARG NH2 HH21 sing N N 85  
ARG NH2 HH22 sing N N 86  
ARG OXT HXT  sing N N 87  
ASN N   CA   sing N N 88  
ASN N   H    sing N N 89  
ASN N   H2   sing N N 90  
ASN CA  C    sing N N 91  
ASN CA  CB   sing N N 92  
ASN CA  HA   sing N N 93  
ASN C   O    doub N N 94  
ASN C   OXT  sing N N 95  
ASN CB  CG   sing N N 96  
ASN CB  HB2  sing N N 97  
ASN CB  HB3  sing N N 98  
ASN CG  OD1  doub N N 99  
ASN CG  ND2  sing N N 100 
ASN ND2 HD21 sing N N 101 
ASN ND2 HD22 sing N N 102 
ASN OXT HXT  sing N N 103 
ASP N   CA   sing N N 104 
ASP N   H    sing N N 105 
ASP N   H2   sing N N 106 
ASP CA  C    sing N N 107 
ASP CA  CB   sing N N 108 
ASP CA  HA   sing N N 109 
ASP C   O    doub N N 110 
ASP C   OXT  sing N N 111 
ASP CB  CG   sing N N 112 
ASP CB  HB2  sing N N 113 
ASP CB  HB3  sing N N 114 
ASP CG  OD1  doub N N 115 
ASP CG  OD2  sing N N 116 
ASP OD2 HD2  sing N N 117 
ASP OXT HXT  sing N N 118 
CYS N   CA   sing N N 119 
CYS N   H    sing N N 120 
CYS N   H2   sing N N 121 
CYS CA  C    sing N N 122 
CYS CA  CB   sing N N 123 
CYS CA  HA   sing N N 124 
CYS C   O    doub N N 125 
CYS C   OXT  sing N N 126 
CYS CB  SG   sing N N 127 
CYS CB  HB2  sing N N 128 
CYS CB  HB3  sing N N 129 
CYS SG  HG   sing N N 130 
CYS OXT HXT  sing N N 131 
DMS S   O    doub N N 132 
DMS S   C1   sing N N 133 
DMS S   C2   sing N N 134 
DMS C1  H11  sing N N 135 
DMS C1  H12  sing N N 136 
DMS C1  H13  sing N N 137 
DMS C2  H21  sing N N 138 
DMS C2  H22  sing N N 139 
DMS C2  H23  sing N N 140 
GLN N   CA   sing N N 141 
GLN N   H    sing N N 142 
GLN N   H2   sing N N 143 
GLN CA  C    sing N N 144 
GLN CA  CB   sing N N 145 
GLN CA  HA   sing N N 146 
GLN C   O    doub N N 147 
GLN C   OXT  sing N N 148 
GLN CB  CG   sing N N 149 
GLN CB  HB2  sing N N 150 
GLN CB  HB3  sing N N 151 
GLN CG  CD   sing N N 152 
GLN CG  HG2  sing N N 153 
GLN CG  HG3  sing N N 154 
GLN CD  OE1  doub N N 155 
GLN CD  NE2  sing N N 156 
GLN NE2 HE21 sing N N 157 
GLN NE2 HE22 sing N N 158 
GLN OXT HXT  sing N N 159 
GLU N   CA   sing N N 160 
GLU N   H    sing N N 161 
GLU N   H2   sing N N 162 
GLU CA  C    sing N N 163 
GLU CA  CB   sing N N 164 
GLU CA  HA   sing N N 165 
GLU C   O    doub N N 166 
GLU C   OXT  sing N N 167 
GLU CB  CG   sing N N 168 
GLU CB  HB2  sing N N 169 
GLU CB  HB3  sing N N 170 
GLU CG  CD   sing N N 171 
GLU CG  HG2  sing N N 172 
GLU CG  HG3  sing N N 173 
GLU CD  OE1  doub N N 174 
GLU CD  OE2  sing N N 175 
GLU OE2 HE2  sing N N 176 
GLU OXT HXT  sing N N 177 
GLY N   CA   sing N N 178 
GLY N   H    sing N N 179 
GLY N   H2   sing N N 180 
GLY CA  C    sing N N 181 
GLY CA  HA2  sing N N 182 
GLY CA  HA3  sing N N 183 
GLY C   O    doub N N 184 
GLY C   OXT  sing N N 185 
GLY OXT HXT  sing N N 186 
HIS N   CA   sing N N 187 
HIS N   H    sing N N 188 
HIS N   H2   sing N N 189 
HIS CA  C    sing N N 190 
HIS CA  CB   sing N N 191 
HIS CA  HA   sing N N 192 
HIS C   O    doub N N 193 
HIS C   OXT  sing N N 194 
HIS CB  CG   sing N N 195 
HIS CB  HB2  sing N N 196 
HIS CB  HB3  sing N N 197 
HIS CG  ND1  sing Y N 198 
HIS CG  CD2  doub Y N 199 
HIS ND1 CE1  doub Y N 200 
HIS ND1 HD1  sing N N 201 
HIS CD2 NE2  sing Y N 202 
HIS CD2 HD2  sing N N 203 
HIS CE1 NE2  sing Y N 204 
HIS CE1 HE1  sing N N 205 
HIS NE2 HE2  sing N N 206 
HIS OXT HXT  sing N N 207 
HOH O   H1   sing N N 208 
HOH O   H2   sing N N 209 
ILE N   CA   sing N N 210 
ILE N   H    sing N N 211 
ILE N   H2   sing N N 212 
ILE CA  C    sing N N 213 
ILE CA  CB   sing N N 214 
ILE CA  HA   sing N N 215 
ILE C   O    doub N N 216 
ILE C   OXT  sing N N 217 
ILE CB  CG1  sing N N 218 
ILE CB  CG2  sing N N 219 
ILE CB  HB   sing N N 220 
ILE CG1 CD1  sing N N 221 
ILE CG1 HG12 sing N N 222 
ILE CG1 HG13 sing N N 223 
ILE CG2 HG21 sing N N 224 
ILE CG2 HG22 sing N N 225 
ILE CG2 HG23 sing N N 226 
ILE CD1 HD11 sing N N 227 
ILE CD1 HD12 sing N N 228 
ILE CD1 HD13 sing N N 229 
ILE OXT HXT  sing N N 230 
LEU N   CA   sing N N 231 
LEU N   H    sing N N 232 
LEU N   H2   sing N N 233 
LEU CA  C    sing N N 234 
LEU CA  CB   sing N N 235 
LEU CA  HA   sing N N 236 
LEU C   O    doub N N 237 
LEU C   OXT  sing N N 238 
LEU CB  CG   sing N N 239 
LEU CB  HB2  sing N N 240 
LEU CB  HB3  sing N N 241 
LEU CG  CD1  sing N N 242 
LEU CG  CD2  sing N N 243 
LEU CG  HG   sing N N 244 
LEU CD1 HD11 sing N N 245 
LEU CD1 HD12 sing N N 246 
LEU CD1 HD13 sing N N 247 
LEU CD2 HD21 sing N N 248 
LEU CD2 HD22 sing N N 249 
LEU CD2 HD23 sing N N 250 
LEU OXT HXT  sing N N 251 
LYS N   CA   sing N N 252 
LYS N   H    sing N N 253 
LYS N   H2   sing N N 254 
LYS CA  C    sing N N 255 
LYS CA  CB   sing N N 256 
LYS CA  HA   sing N N 257 
LYS C   O    doub N N 258 
LYS C   OXT  sing N N 259 
LYS CB  CG   sing N N 260 
LYS CB  HB2  sing N N 261 
LYS CB  HB3  sing N N 262 
LYS CG  CD   sing N N 263 
LYS CG  HG2  sing N N 264 
LYS CG  HG3  sing N N 265 
LYS CD  CE   sing N N 266 
LYS CD  HD2  sing N N 267 
LYS CD  HD3  sing N N 268 
LYS CE  NZ   sing N N 269 
LYS CE  HE2  sing N N 270 
LYS CE  HE3  sing N N 271 
LYS NZ  HZ1  sing N N 272 
LYS NZ  HZ2  sing N N 273 
LYS NZ  HZ3  sing N N 274 
LYS OXT HXT  sing N N 275 
MET N   CA   sing N N 276 
MET N   H    sing N N 277 
MET N   H2   sing N N 278 
MET CA  C    sing N N 279 
MET CA  CB   sing N N 280 
MET CA  HA   sing N N 281 
MET C   O    doub N N 282 
MET C   OXT  sing N N 283 
MET CB  CG   sing N N 284 
MET CB  HB2  sing N N 285 
MET CB  HB3  sing N N 286 
MET CG  SD   sing N N 287 
MET CG  HG2  sing N N 288 
MET CG  HG3  sing N N 289 
MET SD  CE   sing N N 290 
MET CE  HE1  sing N N 291 
MET CE  HE2  sing N N 292 
MET CE  HE3  sing N N 293 
MET OXT HXT  sing N N 294 
PHE N   CA   sing N N 295 
PHE N   H    sing N N 296 
PHE N   H2   sing N N 297 
PHE CA  C    sing N N 298 
PHE CA  CB   sing N N 299 
PHE CA  HA   sing N N 300 
PHE C   O    doub N N 301 
PHE C   OXT  sing N N 302 
PHE CB  CG   sing N N 303 
PHE CB  HB2  sing N N 304 
PHE CB  HB3  sing N N 305 
PHE CG  CD1  doub Y N 306 
PHE CG  CD2  sing Y N 307 
PHE CD1 CE1  sing Y N 308 
PHE CD1 HD1  sing N N 309 
PHE CD2 CE2  doub Y N 310 
PHE CD2 HD2  sing N N 311 
PHE CE1 CZ   doub Y N 312 
PHE CE1 HE1  sing N N 313 
PHE CE2 CZ   sing Y N 314 
PHE CE2 HE2  sing N N 315 
PHE CZ  HZ   sing N N 316 
PHE OXT HXT  sing N N 317 
PRO N   CA   sing N N 318 
PRO N   CD   sing N N 319 
PRO N   H    sing N N 320 
PRO CA  C    sing N N 321 
PRO CA  CB   sing N N 322 
PRO CA  HA   sing N N 323 
PRO C   O    doub N N 324 
PRO C   OXT  sing N N 325 
PRO CB  CG   sing N N 326 
PRO CB  HB2  sing N N 327 
PRO CB  HB3  sing N N 328 
PRO CG  CD   sing N N 329 
PRO CG  HG2  sing N N 330 
PRO CG  HG3  sing N N 331 
PRO CD  HD2  sing N N 332 
PRO CD  HD3  sing N N 333 
PRO OXT HXT  sing N N 334 
SER N   CA   sing N N 335 
SER N   H    sing N N 336 
SER N   H2   sing N N 337 
SER CA  C    sing N N 338 
SER CA  CB   sing N N 339 
SER CA  HA   sing N N 340 
SER C   O    doub N N 341 
SER C   OXT  sing N N 342 
SER CB  OG   sing N N 343 
SER CB  HB2  sing N N 344 
SER CB  HB3  sing N N 345 
SER OG  HG   sing N N 346 
SER OXT HXT  sing N N 347 
SO4 S   O1   doub N N 348 
SO4 S   O2   doub N N 349 
SO4 S   O3   sing N N 350 
SO4 S   O4   sing N N 351 
THR N   CA   sing N N 352 
THR N   H    sing N N 353 
THR N   H2   sing N N 354 
THR CA  C    sing N N 355 
THR CA  CB   sing N N 356 
THR CA  HA   sing N N 357 
THR C   O    doub N N 358 
THR C   OXT  sing N N 359 
THR CB  OG1  sing N N 360 
THR CB  CG2  sing N N 361 
THR CB  HB   sing N N 362 
THR OG1 HG1  sing N N 363 
THR CG2 HG21 sing N N 364 
THR CG2 HG22 sing N N 365 
THR CG2 HG23 sing N N 366 
THR OXT HXT  sing N N 367 
TYR N   CA   sing N N 368 
TYR N   H    sing N N 369 
TYR N   H2   sing N N 370 
TYR CA  C    sing N N 371 
TYR CA  CB   sing N N 372 
TYR CA  HA   sing N N 373 
TYR C   O    doub N N 374 
TYR C   OXT  sing N N 375 
TYR CB  CG   sing N N 376 
TYR CB  HB2  sing N N 377 
TYR CB  HB3  sing N N 378 
TYR CG  CD1  doub Y N 379 
TYR CG  CD2  sing Y N 380 
TYR CD1 CE1  sing Y N 381 
TYR CD1 HD1  sing N N 382 
TYR CD2 CE2  doub Y N 383 
TYR CD2 HD2  sing N N 384 
TYR CE1 CZ   doub Y N 385 
TYR CE1 HE1  sing N N 386 
TYR CE2 CZ   sing Y N 387 
TYR CE2 HE2  sing N N 388 
TYR CZ  OH   sing N N 389 
TYR OH  HH   sing N N 390 
TYR OXT HXT  sing N N 391 
VAL N   CA   sing N N 392 
VAL N   H    sing N N 393 
VAL N   H2   sing N N 394 
VAL CA  C    sing N N 395 
VAL CA  CB   sing N N 396 
VAL CA  HA   sing N N 397 
VAL C   O    doub N N 398 
VAL C   OXT  sing N N 399 
VAL CB  CG1  sing N N 400 
VAL CB  CG2  sing N N 401 
VAL CB  HB   sing N N 402 
VAL CG1 HG11 sing N N 403 
VAL CG1 HG12 sing N N 404 
VAL CG1 HG13 sing N N 405 
VAL CG2 HG21 sing N N 406 
VAL CG2 HG22 sing N N 407 
VAL CG2 HG23 sing N N 408 
VAL OXT HXT  sing N N 409 
# 
_atom_sites.entry_id                    5BZS 
_atom_sites.fract_transf_matrix[1][1]   -0.02234856 
_atom_sites.fract_transf_matrix[1][2]   0.00064774 
_atom_sites.fract_transf_matrix[1][3]   -0.02887987 
_atom_sites.fract_transf_matrix[2][1]   -0.00702881 
_atom_sites.fract_transf_matrix[2][2]   -0.00855410 
_atom_sites.fract_transf_matrix[2][3]   0.00524736 
_atom_sites.fract_transf_matrix[3][1]   -0.02703487 
_atom_sites.fract_transf_matrix[3][2]   0.02264375 
_atom_sites.fract_transf_matrix[3][3]   0.00070018 
_atom_sites.fract_transf_vector[1]      0.090700 
_atom_sites.fract_transf_vector[2]      -0.005219 
_atom_sites.fract_transf_vector[3]      0.074104 
# 
loop_
_atom_type.symbol 
C 
N 
O 
S 
# 
loop_
_atom_site.group_PDB 
_atom_site.id 
_atom_site.type_symbol 
_atom_site.label_atom_id 
_atom_site.label_alt_id 
_atom_site.label_comp_id 
_atom_site.label_asym_id 
_atom_site.label_entity_id 
_atom_site.label_seq_id 
_atom_site.pdbx_PDB_ins_code 
_atom_site.Cartn_x 
_atom_site.Cartn_y 
_atom_site.Cartn_z 
_atom_site.occupancy 
_atom_site.B_iso_or_equiv 
_atom_site.pdbx_formal_charge 
_atom_site.auth_seq_id 
_atom_site.auth_comp_id 
_atom_site.auth_asym_id 
_atom_site.auth_atom_id 
_atom_site.pdbx_PDB_model_num 
ATOM   1    N N   . ASN A 1 2   ? -14.779 -14.106 -8.175  1.00 8.96  ? 24  ASN A N   1 
ATOM   2    C CA  . ASN A 1 2   ? -14.586 -13.447 -6.856  1.00 7.99  ? 24  ASN A CA  1 
ATOM   3    C C   . ASN A 1 2   ? -13.093 -13.364 -6.621  1.00 6.12  ? 24  ASN A C   1 
ATOM   4    O O   . ASN A 1 2   ? -12.495 -14.252 -6.004  1.00 5.29  ? 24  ASN A O   1 
ATOM   5    C CB  . ASN A 1 2   ? -15.287 -14.240 -5.739  1.00 8.25  ? 24  ASN A CB  1 
ATOM   6    C CG  . ASN A 1 2   ? -15.419 -13.440 -4.458  1.00 10.37 ? 24  ASN A CG  1 
ATOM   7    O OD1 . ASN A 1 2   ? -14.798 -12.387 -4.298  1.00 16.09 ? 24  ASN A OD1 1 
ATOM   8    N ND2 . ASN A 1 2   ? -16.236 -13.909 -3.555  1.00 9.41  ? 24  ASN A ND2 1 
ATOM   9    N N   . GLN A 1 3   ? -12.503 -12.326 -7.216  1.00 4.11  ? 25  GLN A N   1 
ATOM   10   C CA  . GLN A 1 3   ? -11.043 -12.156 -7.342  1.00 3.75  ? 25  GLN A CA  1 
ATOM   11   C C   . GLN A 1 3   ? -10.641 -10.710 -7.035  1.00 2.75  ? 25  GLN A C   1 
ATOM   12   O O   . GLN A 1 3   ? -11.297 -9.767  -7.474  1.00 3.46  ? 25  GLN A O   1 
ATOM   13   C CB  . GLN A 1 3   ? -10.589 -12.484 -8.782  1.00 4.50  ? 25  GLN A CB  1 
ATOM   14   C CG  . GLN A 1 3   ? -9.227  -13.203 -8.929  1.00 7.53  ? 25  GLN A CG  1 
ATOM   15   C CD  . GLN A 1 3   ? -7.996  -12.341 -8.776  1.00 11.60 ? 25  GLN A CD  1 
ATOM   16   O OE1 . GLN A 1 3   ? -7.774  -11.372 -9.509  1.00 13.10 ? 25  GLN A OE1 1 
ATOM   17   N NE2 . GLN A 1 3   ? -7.132  -12.758 -7.856  1.00 8.47  ? 25  GLN A NE2 1 
ATOM   18   N N   . ILE A 1 4   ? -9.586  -10.553 -6.253  1.00 2.00  ? 26  ILE A N   1 
ATOM   19   C CA  . ILE A 1 4   ? -8.972  -9.233  -6.026  1.00 2.00  ? 26  ILE A CA  1 
ATOM   20   C C   . ILE A 1 4   ? -7.492  -9.301  -6.341  1.00 2.00  ? 26  ILE A C   1 
ATOM   21   O O   . ILE A 1 4   ? -6.794  -10.216 -5.891  1.00 2.00  ? 26  ILE A O   1 
ATOM   22   C CB  . ILE A 1 4   ? -9.137  -8.801  -4.562  1.00 2.00  ? 26  ILE A CB  1 
ATOM   23   C CG1 . ILE A 1 4   ? -10.647 -8.634  -4.245  1.00 2.00  ? 26  ILE A CG1 1 
ATOM   24   C CG2 . ILE A 1 4   ? -8.331  -7.516  -4.273  1.00 2.00  ? 26  ILE A CG2 1 
ATOM   25   C CD1 . ILE A 1 4   ? -10.965 -8.442  -2.785  1.00 2.65  ? 26  ILE A CD1 1 
ATOM   26   N N   . ASP A 1 5   ? -7.012  -8.364  -7.153  1.00 2.00  ? 27  ASP A N   1 
ATOM   27   C CA  . ASP A 1 5   ? -5.548  -8.194  -7.382  1.00 2.00  ? 27  ASP A CA  1 
ATOM   28   C C   . ASP A 1 5   ? -5.044  -7.126  -6.430  1.00 2.00  ? 27  ASP A C   1 
ATOM   29   O O   . ASP A 1 5   ? -5.662  -6.082  -6.331  1.00 2.00  ? 27  ASP A O   1 
ATOM   30   C CB  . ASP A 1 5   ? -5.240  -7.660  -8.784  1.00 2.00  ? 27  ASP A CB  1 
ATOM   31   C CG  . ASP A 1 5   ? -5.286  -8.711  -9.891  1.00 5.54  ? 27  ASP A CG  1 
ATOM   32   O OD1 . ASP A 1 5   ? -5.291  -9.920  -9.628  1.00 7.70  ? 27  ASP A OD1 1 
ATOM   33   O OD2 . ASP A 1 5   ? -5.311  -8.256  -11.055 1.00 10.87 ? 27  ASP A OD2 1 
ATOM   34   N N   . LEU A 1 6   ? -3.892  -7.372  -5.804  1.00 2.00  ? 28  LEU A N   1 
ATOM   35   C CA  . LEU A 1 6   ? -3.221  -6.375  -4.947  1.00 2.00  ? 28  LEU A CA  1 
ATOM   36   C C   . LEU A 1 6   ? -1.853  -6.107  -5.542  1.00 2.00  ? 28  LEU A C   1 
ATOM   37   O O   . LEU A 1 6   ? -0.937  -6.943  -5.476  1.00 2.00  ? 28  LEU A O   1 
ATOM   38   C CB  . LEU A 1 6   ? -3.086  -6.894  -3.502  1.00 2.00  ? 28  LEU A CB  1 
ATOM   39   C CG  . LEU A 1 6   ? -4.396  -7.259  -2.794  1.00 2.00  ? 28  LEU A CG  1 
ATOM   40   C CD1 . LEU A 1 6   ? -4.111  -7.866  -1.435  1.00 2.00  ? 28  LEU A CD1 1 
ATOM   41   C CD2 . LEU A 1 6   ? -5.327  -6.024  -2.647  1.00 2.00  ? 28  LEU A CD2 1 
ATOM   42   N N   . ASN A 1 7   ? -1.700  -4.924  -6.105  1.00 2.00  ? 29  ASN A N   1 
ATOM   43   C CA  . ASN A 1 7   ? -0.434  -4.536  -6.733  1.00 2.00  ? 29  ASN A CA  1 
ATOM   44   C C   . ASN A 1 7   ? 0.462   -3.959  -5.658  1.00 2.00  ? 29  ASN A C   1 
ATOM   45   O O   . ASN A 1 7   ? 0.075   -3.016  -4.989  1.00 2.00  ? 29  ASN A O   1 
ATOM   46   C CB  . ASN A 1 7   ? -0.636  -3.486  -7.849  1.00 2.00  ? 29  ASN A CB  1 
ATOM   47   C CG  . ASN A 1 7   ? -1.511  -3.975  -8.985  1.00 2.00  ? 29  ASN A CG  1 
ATOM   48   O OD1 . ASN A 1 7   ? -1.649  -5.187  -9.229  1.00 2.00  ? 29  ASN A OD1 1 
ATOM   49   N ND2 . ASN A 1 7   ? -2.169  -3.026  -9.652  1.00 2.00  ? 29  ASN A ND2 1 
ATOM   50   N N   . VAL A 1 8   ? 1.642   -4.529  -5.455  1.00 2.00  ? 30  VAL A N   1 
ATOM   51   C CA  . VAL A 1 8   ? 2.510   -4.109  -4.357  1.00 2.00  ? 30  VAL A CA  1 
ATOM   52   C C   . VAL A 1 8   ? 3.873   -3.668  -4.874  1.00 2.00  ? 30  VAL A C   1 
ATOM   53   O O   . VAL A 1 8   ? 4.339   -4.121  -5.927  1.00 2.00  ? 30  VAL A O   1 
ATOM   54   C CB  . VAL A 1 8   ? 2.686   -5.255  -3.315  1.00 2.00  ? 30  VAL A CB  1 
ATOM   55   C CG1 . VAL A 1 8   ? 1.302   -5.716  -2.789  1.00 2.00  ? 30  VAL A CG1 1 
ATOM   56   C CG2 . VAL A 1 8   ? 3.418   -6.428  -3.902  1.00 2.00  ? 30  VAL A CG2 1 
ATOM   57   N N   . THR A 1 9   ? 4.516   -2.800  -4.115  1.00 2.00  ? 31  THR A N   1 
ATOM   58   C CA  . THR A 1 9   ? 5.819   -2.257  -4.463  1.00 2.00  ? 31  THR A CA  1 
ATOM   59   C C   . THR A 1 9   ? 6.944   -2.835  -3.625  1.00 2.00  ? 31  THR A C   1 
ATOM   60   O O   . THR A 1 9   ? 6.731   -3.533  -2.644  1.00 2.00  ? 31  THR A O   1 
ATOM   61   C CB  . THR A 1 9   ? 5.885   -0.710  -4.256  1.00 2.00  ? 31  THR A CB  1 
ATOM   62   O OG1 . THR A 1 9   ? 5.741   -0.388  -2.860  1.00 2.00  ? 31  THR A OG1 1 
ATOM   63   C CG2 . THR A 1 9   ? 4.834   0.006   -5.065  1.00 2.00  ? 31  THR A CG2 1 
ATOM   64   N N   . CYS A 1 10  ? 8.154   -2.436  -3.995  1.00 2.00  ? 32  CYS A N   1 
ATOM   65   C CA  . CYS A 1 10  ? 9.294   -2.529  -3.102  1.00 2.00  ? 32  CYS A CA  1 
ATOM   66   C C   . CYS A 1 10  ? 8.960   -1.952  -1.752  1.00 2.00  ? 32  CYS A C   1 
ATOM   67   O O   . CYS A 1 10  ? 8.154   -1.058  -1.647  1.00 2.00  ? 32  CYS A O   1 
ATOM   68   C CB  . CYS A 1 10  ? 10.439  -1.638  -3.643  1.00 2.00  ? 32  CYS A CB  1 
ATOM   69   S SG  . CYS A 1 10  ? 11.085  -2.095  -5.268  1.00 2.00  ? 32  CYS A SG  1 
ATOM   70   N N   . ARG A 1 11  ? 9.639   -2.447  -0.738  1.00 2.00  ? 33  ARG A N   1 
ATOM   71   C CA  . ARG A 1 11  ? 9.601   -1.836  0.588   1.00 2.00  ? 33  ARG A CA  1 
ATOM   72   C C   . ARG A 1 11  ? 10.798  -0.936  0.771   1.00 2.00  ? 33  ARG A C   1 
ATOM   73   O O   . ARG A 1 11  ? 11.909  -1.255  0.357   1.00 2.00  ? 33  ARG A O   1 
ATOM   74   C CB  . ARG A 1 11  ? 9.603   -2.901  1.678   1.00 2.00  ? 33  ARG A CB  1 
ATOM   75   C CG  . ARG A 1 11  ? 8.254   -3.545  2.024   1.00 2.00  ? 33  ARG A CG  1 
ATOM   76   C CD  . ARG A 1 11  ? 7.695   -4.425  0.892   1.00 2.00  ? 33  ARG A CD  1 
ATOM   77   N NE  . ARG A 1 11  ? 8.579   -5.562  0.692   1.00 2.00  ? 33  ARG A NE  1 
ATOM   78   C CZ  . ARG A 1 11  ? 8.913   -6.099  -0.481  1.00 2.00  ? 33  ARG A CZ  1 
ATOM   79   N NH1 . ARG A 1 11  ? 8.466   -5.633  -1.640  1.00 2.00  ? 33  ARG A NH1 1 
ATOM   80   N NH2 . ARG A 1 11  ? 9.773   -7.114  -0.451  1.00 2.00  ? 33  ARG A NH2 1 
ATOM   81   N N   . TYR A 1 12  ? 10.558  0.175   1.450   1.00 2.00  ? 34  TYR A N   1 
ATOM   82   C CA  . TYR A 1 12  ? 11.607  1.145   1.819   1.00 2.00  ? 34  TYR A CA  1 
ATOM   83   C C   . TYR A 1 12  ? 11.463  1.428   3.287   1.00 2.00  ? 34  TYR A C   1 
ATOM   84   O O   . TYR A 1 12  ? 10.471  1.976   3.701   1.00 2.00  ? 34  TYR A O   1 
ATOM   85   C CB  . TYR A 1 12  ? 11.443  2.441   1.013   1.00 2.00  ? 34  TYR A CB  1 
ATOM   86   C CG  . TYR A 1 12  ? 11.841  2.263   -0.433  1.00 2.00  ? 34  TYR A CG  1 
ATOM   87   C CD1 . TYR A 1 12  ? 13.158  2.521   -0.817  1.00 2.00  ? 34  TYR A CD1 1 
ATOM   88   C CD2 . TYR A 1 12  ? 10.920  1.818   -1.397  1.00 2.00  ? 34  TYR A CD2 1 
ATOM   89   C CE1 . TYR A 1 12  ? 13.567  2.356   -2.113  1.00 2.00  ? 34  TYR A CE1 1 
ATOM   90   C CE2 . TYR A 1 12  ? 11.322  1.648   -2.735  1.00 2.00  ? 34  TYR A CE2 1 
ATOM   91   C CZ  . TYR A 1 12  ? 12.647  1.939   -3.074  1.00 2.00  ? 34  TYR A CZ  1 
ATOM   92   O OH  . TYR A 1 12  ? 13.125  1.795   -4.378  1.00 2.95  ? 34  TYR A OH  1 
ATOM   93   N N   . ALA A 1 13  ? 12.441  0.976   4.078   1.00 2.00  ? 35  ALA A N   1 
ATOM   94   C CA  . ALA A 1 13  ? 12.321  1.089   5.530   1.00 2.00  ? 35  ALA A CA  1 
ATOM   95   C C   . ALA A 1 13  ? 10.982  0.522   6.005   1.00 2.00  ? 35  ALA A C   1 
ATOM   96   O O   . ALA A 1 13  ? 10.340  1.053   6.906   1.00 2.00  ? 35  ALA A O   1 
ATOM   97   C CB  . ALA A 1 13  ? 12.543  2.568   5.998   1.00 2.00  ? 35  ALA A CB  1 
ATOM   98   N N   . GLY A 1 14  ? 10.569  -0.570  5.382   1.00 2.00  ? 36  GLY A N   1 
ATOM   99   C CA  . GLY A 1 14  ? 9.315   -1.256  5.760   1.00 2.00  ? 36  GLY A CA  1 
ATOM   100  C C   . GLY A 1 14  ? 8.053   -0.725  5.115   1.00 2.00  ? 36  GLY A C   1 
ATOM   101  O O   . GLY A 1 14  ? 7.010   -1.358  5.244   1.00 2.00  ? 36  GLY A O   1 
ATOM   102  N N   . VAL A 1 15  ? 8.144   0.414   4.423   1.00 2.00  ? 37  VAL A N   1 
ATOM   103  C CA  . VAL A 1 15  ? 6.951   1.046   3.896   1.00 2.00  ? 37  VAL A CA  1 
ATOM   104  C C   . VAL A 1 15  ? 6.760   0.604   2.435   1.00 2.00  ? 37  VAL A C   1 
ATOM   105  O O   . VAL A 1 15  ? 7.704   0.631   1.639   1.00 2.00  ? 37  VAL A O   1 
ATOM   106  C CB  . VAL A 1 15  ? 7.049   2.589   4.005   1.00 2.00  ? 37  VAL A CB  1 
ATOM   107  C CG1 . VAL A 1 15  ? 5.792   3.270   3.382   1.00 2.00  ? 37  VAL A CG1 1 
ATOM   108  C CG2 . VAL A 1 15  ? 7.173   3.011   5.464   1.00 2.00  ? 37  VAL A CG2 1 
ATOM   109  N N   . PHE A 1 16  ? 5.531   0.253   2.065   1.00 2.00  ? 38  PHE A N   1 
ATOM   110  C CA  . PHE A 1 16  ? 5.252   -0.099  0.676   1.00 2.00  ? 38  PHE A CA  1 
ATOM   111  C C   . PHE A 1 16  ? 3.887   0.413   0.283   1.00 2.00  ? 38  PHE A C   1 
ATOM   112  O O   . PHE A 1 16  ? 3.145   0.835   1.151   1.00 2.00  ? 38  PHE A O   1 
ATOM   113  C CB  . PHE A 1 16  ? 5.395   -1.624  0.443   1.00 2.00  ? 38  PHE A CB  1 
ATOM   114  C CG  . PHE A 1 16  ? 4.509   -2.492  1.309   1.00 2.00  ? 38  PHE A CG  1 
ATOM   115  C CD1 . PHE A 1 16  ? 3.402   -3.156  0.739   1.00 2.00  ? 38  PHE A CD1 1 
ATOM   116  C CD2 . PHE A 1 16  ? 4.783   -2.688  2.660   1.00 2.00  ? 38  PHE A CD2 1 
ATOM   117  C CE1 . PHE A 1 16  ? 2.597   -4.021  1.498   1.00 2.00  ? 38  PHE A CE1 1 
ATOM   118  C CE2 . PHE A 1 16  ? 3.950   -3.533  3.453   1.00 2.00  ? 38  PHE A CE2 1 
ATOM   119  C CZ  . PHE A 1 16  ? 2.870   -4.195  2.861   1.00 2.00  ? 38  PHE A CZ  1 
ATOM   120  N N   . HIS A 1 17  ? 3.582   0.352   -1.012  1.00 2.00  ? 39  HIS A N   1 
ATOM   121  C CA  . HIS A 1 17  ? 2.330   0.840   -1.591  1.00 2.00  ? 39  HIS A CA  1 
ATOM   122  C C   . HIS A 1 17  ? 1.520   -0.341  -2.126  1.00 2.00  ? 39  HIS A C   1 
ATOM   123  O O   . HIS A 1 17  ? 2.092   -1.267  -2.715  1.00 2.00  ? 39  HIS A O   1 
ATOM   124  C CB  . HIS A 1 17  ? 2.703   1.846   -2.700  1.00 2.00  ? 39  HIS A CB  1 
ATOM   125  C CG  . HIS A 1 17  ? 1.568   2.259   -3.582  1.00 2.00  ? 39  HIS A CG  1 
ATOM   126  N ND1 . HIS A 1 17  ? 1.514   1.917   -4.911  1.00 2.00  ? 39  HIS A ND1 1 
ATOM   127  C CD2 . HIS A 1 17  ? 0.457   2.995   -3.337  1.00 2.00  ? 39  HIS A CD2 1 
ATOM   128  C CE1 . HIS A 1 17  ? 0.404   2.413   -5.451  1.00 2.00  ? 39  HIS A CE1 1 
ATOM   129  N NE2 . HIS A 1 17  ? -0.244  3.085   -4.515  1.00 2.00  ? 39  HIS A NE2 1 
ATOM   130  N N   . VAL A 1 18  ? 0.203   -0.306  -1.913  1.00 2.00  ? 40  VAL A N   1 
ATOM   131  C CA  . VAL A 1 18  ? -0.709  -1.355  -2.362  1.00 2.00  ? 40  VAL A CA  1 
ATOM   132  C C   . VAL A 1 18  ? -1.866  -0.699  -3.116  1.00 2.00  ? 40  VAL A C   1 
ATOM   133  O O   . VAL A 1 18  ? -2.530  0.213   -2.575  1.00 2.00  ? 40  VAL A O   1 
ATOM   134  C CB  . VAL A 1 18  ? -1.322  -2.162  -1.207  1.00 2.00  ? 40  VAL A CB  1 
ATOM   135  C CG1 . VAL A 1 18  ? -2.141  -3.370  -1.753  1.00 2.00  ? 40  VAL A CG1 1 
ATOM   136  C CG2 . VAL A 1 18  ? -0.265  -2.655  -0.227  1.00 2.00  ? 40  VAL A CG2 1 
ATOM   137  N N   . GLU A 1 19  ? -2.085  -1.137  -4.362  1.00 2.00  ? 41  GLU A N   1 
ATOM   138  C CA  . GLU A 1 19  ? -3.306  -0.757  -5.114  1.00 2.00  ? 41  GLU A CA  1 
ATOM   139  C C   . GLU A 1 19  ? -4.231  -1.924  -5.264  1.00 2.00  ? 41  GLU A C   1 
ATOM   140  O O   . GLU A 1 19  ? -3.781  -3.027  -5.603  1.00 2.00  ? 41  GLU A O   1 
ATOM   141  C CB  . GLU A 1 19  ? -3.008  -0.210  -6.513  1.00 2.00  ? 41  GLU A CB  1 
ATOM   142  C CG  . GLU A 1 19  ? -1.605  -0.188  -6.921  1.00 4.16  ? 41  GLU A CG  1 
ATOM   143  C CD  . GLU A 1 19  ? -1.404  0.391   -8.318  1.00 2.00  ? 41  GLU A CD  1 
ATOM   144  O OE1 . GLU A 1 19  ? -0.780  1.485   -8.452  1.00 5.03  ? 41  GLU A OE1 1 
ATOM   145  O OE2 . GLU A 1 19  ? -1.796  -0.300  -9.275  1.00 2.00  ? 41  GLU A OE2 1 
ATOM   146  N N   . LYS A 1 20  ? -5.520  -1.699  -5.047  1.00 2.00  ? 42  LYS A N   1 
ATOM   147  C CA  . LYS A 1 20  ? -6.480  -2.761  -5.246  1.00 2.00  ? 42  LYS A CA  1 
ATOM   148  C C   . LYS A 1 20  ? -6.952  -2.670  -6.663  1.00 2.00  ? 42  LYS A C   1 
ATOM   149  O O   . LYS A 1 20  ? -7.533  -1.664  -7.074  1.00 2.00  ? 42  LYS A O   1 
ATOM   150  C CB  . LYS A 1 20  ? -7.652  -2.612  -4.297  1.00 2.00  ? 42  LYS A CB  1 
ATOM   151  C CG  . LYS A 1 20  ? -8.689  -3.703  -4.437  1.00 2.00  ? 42  LYS A CG  1 
ATOM   152  C CD  . LYS A 1 20  ? -9.771  -3.437  -3.406  1.00 2.00  ? 42  LYS A CD  1 
ATOM   153  C CE  . LYS A 1 20  ? -10.736 -4.602  -3.341  1.00 3.79  ? 42  LYS A CE  1 
ATOM   154  N NZ  . LYS A 1 20  ? -11.968 -4.143  -2.692  1.00 7.08  ? 42  LYS A NZ  1 
ATOM   155  N N   . ASN A 1 21  ? -6.724  -3.728  -7.427  1.00 2.00  ? 43  ASN A N   1 
ATOM   156  C CA  . ASN A 1 21  ? -7.138  -3.833  -8.812  1.00 2.00  ? 43  ASN A CA  1 
ATOM   157  C C   . ASN A 1 21  ? -6.618  -2.698  -9.694  1.00 2.00  ? 43  ASN A C   1 
ATOM   158  O O   . ASN A 1 21  ? -7.220  -2.377  -10.712 1.00 2.02  ? 43  ASN A O   1 
ATOM   159  C CB  . ASN A 1 21  ? -8.660  -3.959  -8.927  1.00 2.00  ? 43  ASN A CB  1 
ATOM   160  C CG  . ASN A 1 21  ? -9.208  -5.239  -8.268  1.00 2.00  ? 43  ASN A CG  1 
ATOM   161  O OD1 . ASN A 1 21  ? -8.621  -6.308  -8.421  1.00 2.00  ? 43  ASN A OD1 1 
ATOM   162  N ND2 . ASN A 1 21  ? -10.318 -5.124  -7.551  1.00 2.00  ? 43  ASN A ND2 1 
ATOM   163  N N   . GLY A 1 22  ? -5.490  -2.131  -9.319  1.00 2.00  ? 44  GLY A N   1 
ATOM   164  C CA  . GLY A 1 22  ? -4.876  -1.025  -10.076 1.00 2.00  ? 44  GLY A CA  1 
ATOM   165  C C   . GLY A 1 22  ? -5.742  0.224   -10.301 1.00 2.00  ? 44  GLY A C   1 
ATOM   166  O O   . GLY A 1 22  ? -5.440  1.064   -11.186 1.00 2.19  ? 44  GLY A O   1 
ATOM   167  N N   . ARG A 1 23  ? -6.756  0.392   -9.459  1.00 2.00  ? 45  ARG A N   1 
ATOM   168  C CA  . ARG A 1 23  ? -7.611  1.582   -9.503  1.00 2.00  ? 45  ARG A CA  1 
ATOM   169  C C   . ARG A 1 23  ? -7.902  2.096   -8.086  1.00 2.00  ? 45  ARG A C   1 
ATOM   170  O O   . ARG A 1 23  ? -7.954  1.315   -7.117  1.00 2.00  ? 45  ARG A O   1 
ATOM   171  C CB  . ARG A 1 23  ? -8.888  1.286   -10.308 1.00 2.39  ? 45  ARG A CB  1 
ATOM   172  C CG  . ARG A 1 23  ? -9.778  0.211   -9.796  1.00 3.93  ? 45  ARG A CG  1 
ATOM   173  C CD  . ARG A 1 23  ? -10.967 -0.065  -10.767 1.00 6.03  ? 45  ARG A CD  1 
ATOM   174  N NE  . ARG A 1 23  ? -11.864 -1.045  -10.145 1.00 8.62  ? 45  ARG A NE  1 
ATOM   175  C CZ  . ARG A 1 23  ? -11.921 -2.343  -10.433 1.00 9.25  ? 45  ARG A CZ  1 
ATOM   176  N NH1 . ARG A 1 23  ? -11.156 -2.868  -11.393 1.00 10.42 ? 45  ARG A NH1 1 
ATOM   177  N NH2 . ARG A 1 23  ? -12.785 -3.128  -9.785  1.00 10.70 ? 45  ARG A NH2 1 
ATOM   178  N N   . TYR A 1 24  ? -8.040  3.413   -7.951  1.00 2.00  ? 46  TYR A N   1 
ATOM   179  C CA  . TYR A 1 24  ? -8.349  3.933   -6.615  1.00 2.00  ? 46  TYR A CA  1 
ATOM   180  C C   . TYR A 1 24  ? -9.682  3.348   -6.114  1.00 2.00  ? 46  TYR A C   1 
ATOM   181  O O   . TYR A 1 24  ? -10.738 3.645   -6.688  1.00 2.00  ? 46  TYR A O   1 
ATOM   182  C CB  . TYR A 1 24  ? -8.478  5.446   -6.664  1.00 2.00  ? 46  TYR A CB  1 
ATOM   183  C CG  . TYR A 1 24  ? -7.191  6.170   -6.874  1.00 2.00  ? 46  TYR A CG  1 
ATOM   184  C CD1 . TYR A 1 24  ? -6.104  5.961   -6.046  1.00 2.00  ? 46  TYR A CD1 1 
ATOM   185  C CD2 . TYR A 1 24  ? -7.086  7.093   -7.918  1.00 2.00  ? 46  TYR A CD2 1 
ATOM   186  C CE1 . TYR A 1 24  ? -4.917  6.682   -6.250  1.00 2.00  ? 46  TYR A CE1 1 
ATOM   187  C CE2 . TYR A 1 24  ? -5.924  7.812   -8.137  1.00 2.00  ? 46  TYR A CE2 1 
ATOM   188  C CZ  . TYR A 1 24  ? -4.851  7.616   -7.273  1.00 2.00  ? 46  TYR A CZ  1 
ATOM   189  O OH  . TYR A 1 24  ? -3.688  8.356   -7.494  1.00 2.00  ? 46  TYR A OH  1 
ATOM   190  N N   . SER A 1 25  ? -9.652  2.560   -5.049  1.00 2.00  ? 47  SER A N   1 
ATOM   191  C CA  . SER A 1 25  ? -10.842 1.769   -4.714  1.00 2.00  ? 47  SER A CA  1 
ATOM   192  C C   . SER A 1 25  ? -10.845 1.274   -3.272  1.00 2.00  ? 47  SER A C   1 
ATOM   193  O O   . SER A 1 25  ? -11.648 0.415   -2.914  1.00 2.00  ? 47  SER A O   1 
ATOM   194  C CB  . SER A 1 25  ? -11.006 0.594   -5.699  1.00 2.00  ? 47  SER A CB  1 
ATOM   195  O OG  . SER A 1 25  ? -9.861  -0.257  -5.564  1.00 2.00  ? 47  SER A OG  1 
ATOM   196  N N   . ILE A 1 26  ? -9.930  1.814   -2.454  1.00 2.00  ? 48  ILE A N   1 
ATOM   197  C CA  . ILE A 1 26  ? -9.812  1.388   -1.055  1.00 2.00  ? 48  ILE A CA  1 
ATOM   198  C C   . ILE A 1 26  ? -10.316 2.496   -0.102  1.00 2.00  ? 48  ILE A C   1 
ATOM   199  O O   . ILE A 1 26  ? -9.894  3.661   -0.203  1.00 2.00  ? 48  ILE A O   1 
ATOM   200  C CB  . ILE A 1 26  ? -8.347  1.045   -0.690  1.00 2.00  ? 48  ILE A CB  1 
ATOM   201  C CG1 . ILE A 1 26  ? -7.798  -0.068  -1.595  1.00 2.00  ? 48  ILE A CG1 1 
ATOM   202  C CG2 . ILE A 1 26  ? -8.239  0.587   0.771   1.00 2.00  ? 48  ILE A CG2 1 
ATOM   203  C CD1 . ILE A 1 26  ? -6.211  -0.223  -1.466  1.00 2.00  ? 48  ILE A CD1 1 
ATOM   204  N N   . SER A 1 27  ? -11.229 2.140   0.798   1.00 2.00  ? 49  SER A N   1 
ATOM   205  C CA  . SER A 1 27  ? -11.673 3.068   1.840   1.00 2.00  ? 49  SER A CA  1 
ATOM   206  C C   . SER A 1 27  ? -10.701 3.074   2.998   1.00 2.00  ? 49  SER A C   1 
ATOM   207  O O   . SER A 1 27  ? -9.867  2.195   3.132   1.00 2.00  ? 49  SER A O   1 
ATOM   208  C CB  . SER A 1 27  ? -13.056 2.635   2.339   1.00 2.00  ? 49  SER A CB  1 
ATOM   209  O OG  . SER A 1 27  ? -12.958 1.526   3.221   1.00 2.22  ? 49  SER A OG  1 
ATOM   210  N N   A ARG A 1 28  ? -10.820 4.066   3.865   0.50 2.00  ? 50  ARG A N   1 
ATOM   211  N N   B ARG A 1 28  ? -10.810 4.016   3.890   0.50 2.00  ? 50  ARG A N   1 
ATOM   212  C CA  A ARG A 1 28  ? -9.929  4.148   5.010   0.50 2.00  ? 50  ARG A CA  1 
ATOM   213  C CA  B ARG A 1 28  ? -9.806  4.018   4.896   0.50 2.00  ? 50  ARG A CA  1 
ATOM   214  C C   A ARG A 1 28  ? -10.007 2.902   5.895   0.50 2.00  ? 50  ARG A C   1 
ATOM   215  C C   B ARG A 1 28  ? -9.984  2.871   5.909   0.50 2.00  ? 50  ARG A C   1 
ATOM   216  O O   A ARG A 1 28  ? -8.982  2.390   6.329   0.50 2.00  ? 50  ARG A O   1 
ATOM   217  O O   B ARG A 1 28  ? -8.997  2.359   6.391   0.50 2.00  ? 50  ARG A O   1 
ATOM   218  C CB  A ARG A 1 28  ? -10.219 5.423   5.801   0.50 2.00  ? 50  ARG A CB  1 
ATOM   219  C CB  B ARG A 1 28  ? -9.703  5.392   5.473   0.50 2.67  ? 50  ARG A CB  1 
ATOM   220  C CG  A ARG A 1 28  ? -9.442  5.559   7.078   0.50 3.66  ? 50  ARG A CG  1 
ATOM   221  C CG  B ARG A 1 28  ? -10.598 5.628   6.458   0.50 5.99  ? 50  ARG A CG  1 
ATOM   222  C CD  A ARG A 1 28  ? -7.969  5.607   6.899   0.50 7.78  ? 50  ARG A CD  1 
ATOM   223  C CD  B ARG A 1 28  ? -9.766  5.769   7.665   0.50 10.99 ? 50  ARG A CD  1 
ATOM   224  N NE  A ARG A 1 28  ? -7.319  5.767   8.203   0.50 7.38  ? 50  ARG A NE  1 
ATOM   225  N NE  B ARG A 1 28  ? -8.354  5.576   7.439   0.50 11.03 ? 50  ARG A NE  1 
ATOM   226  C CZ  A ARG A 1 28  ? -7.276  4.812   9.130   0.50 9.73  ? 50  ARG A CZ  1 
ATOM   227  C CZ  B ARG A 1 28  ? -7.500  6.580   7.284   0.50 12.50 ? 50  ARG A CZ  1 
ATOM   228  N NH1 A ARG A 1 28  ? -7.844  3.634   8.896   0.50 8.18  ? 50  ARG A NH1 1 
ATOM   229  N NH1 B ARG A 1 28  ? -7.962  7.810   7.285   0.50 11.26 ? 50  ARG A NH1 1 
ATOM   230  N NH2 A ARG A 1 28  ? -6.662  5.029   10.287  0.50 6.76  ? 50  ARG A NH2 1 
ATOM   231  N NH2 B ARG A 1 28  ? -6.196  6.351   7.143   0.50 9.48  ? 50  ARG A NH2 1 
ATOM   232  N N   . THR A 1 29  ? -11.215 2.396   6.120   1.00 2.00  ? 51  THR A N   1 
ATOM   233  C CA  . THR A 1 29  ? -11.396 1.165   6.929   1.00 2.00  ? 51  THR A CA  1 
ATOM   234  C C   . THR A 1 29  ? -10.811 -0.053  6.208   1.00 2.00  ? 51  THR A C   1 
ATOM   235  O O   . THR A 1 29  ? -10.154 -0.873  6.828   1.00 2.00  ? 51  THR A O   1 
ATOM   236  C CB  . THR A 1 29  ? -12.882 0.868   7.316   1.00 2.00  ? 51  THR A CB  1 
ATOM   237  O OG1 . THR A 1 29  ? -13.697 0.989   6.147   1.00 4.62  ? 51  THR A OG1 1 
ATOM   238  C CG2 . THR A 1 29  ? -13.340 1.828   8.374   1.00 4.95  ? 51  THR A CG2 1 
ATOM   239  N N   . GLU A 1 30  ? -10.976 -0.130  4.884   1.00 2.00  ? 52  GLU A N   1 
ATOM   240  C CA  . GLU A 1 30  ? -10.436 -1.248  4.149   1.00 2.00  ? 52  GLU A CA  1 
ATOM   241  C C   . GLU A 1 30  ? -8.906  -1.211  4.129   1.00 2.00  ? 52  GLU A C   1 
ATOM   242  O O   . GLU A 1 30  ? -8.262  -2.262  4.144   1.00 2.00  ? 52  GLU A O   1 
ATOM   243  C CB  . GLU A 1 30  ? -10.969 -1.286  2.729   1.00 2.00  ? 52  GLU A CB  1 
ATOM   244  C CG  . GLU A 1 30  ? -10.509 -2.539  1.985   1.00 2.00  ? 52  GLU A CG  1 
ATOM   245  C CD  . GLU A 1 30  ? -11.136 -2.628  0.647   1.00 2.72  ? 52  GLU A CD  1 
ATOM   246  O OE1 . GLU A 1 30  ? -11.881 -1.656  0.331   1.00 12.29 ? 52  GLU A OE1 1 
ATOM   247  O OE2 . GLU A 1 30  ? -10.880 -3.607  -0.086  1.00 4.48  ? 52  GLU A OE2 1 
ATOM   248  N N   . ALA A 1 31  ? -8.331  -0.008  4.095   1.00 2.00  ? 53  ALA A N   1 
ATOM   249  C CA  . ALA A 1 31  ? -6.885  0.145   4.089   1.00 2.00  ? 53  ALA A CA  1 
ATOM   250  C C   . ALA A 1 31  ? -6.283  -0.437  5.340   1.00 2.00  ? 53  ALA A C   1 
ATOM   251  O O   . ALA A 1 31  ? -5.273  -1.122  5.255   1.00 2.00  ? 53  ALA A O   1 
ATOM   252  C CB  . ALA A 1 31  ? -6.504  1.627   3.976   1.00 2.00  ? 53  ALA A CB  1 
ATOM   253  N N   . ALA A 1 32  ? -6.874  -0.148  6.507   1.00 2.00  ? 54  ALA A N   1 
ATOM   254  C CA  . ALA A 1 32  ? -6.362  -0.708  7.765   1.00 2.00  ? 54  ALA A CA  1 
ATOM   255  C C   . ALA A 1 32  ? -6.426  -2.233  7.776   1.00 2.00  ? 54  ALA A C   1 
ATOM   256  O O   . ALA A 1 32  ? -5.482  -2.877  8.199   1.00 2.00  ? 54  ALA A O   1 
ATOM   257  C CB  . ALA A 1 32  ? -7.125  -0.142  8.966   1.00 2.00  ? 54  ALA A CB  1 
ATOM   258  N N   . ASP A 1 33  ? -7.543  -2.789  7.302   1.00 2.00  ? 55  ASP A N   1 
ATOM   259  C CA  . ASP A 1 33  ? -7.699  -4.266  7.202   1.00 2.00  ? 55  ASP A CA  1 
ATOM   260  C C   . ASP A 1 33  ? -6.688  -4.854  6.223   1.00 2.00  ? 55  ASP A C   1 
ATOM   261  O O   . ASP A 1 33  ? -6.104  -5.908  6.479   1.00 2.00  ? 55  ASP A O   1 
ATOM   262  C CB  . ASP A 1 33  ? -9.124  -4.645  6.774   1.00 2.00  ? 55  ASP A CB  1 
ATOM   263  C CG  . ASP A 1 33  ? -10.154 -4.370  7.848   1.00 2.00  ? 55  ASP A CG  1 
ATOM   264  O OD1 . ASP A 1 33  ? -9.781  -4.109  9.006   1.00 4.26  ? 55  ASP A OD1 1 
ATOM   265  O OD2 . ASP A 1 33  ? -11.338 -4.389  7.512   1.00 3.10  ? 55  ASP A OD2 1 
ATOM   266  N N   . LEU A 1 34  ? -6.443  -4.151  5.122   1.00 2.00  ? 56  LEU A N   1 
ATOM   267  C CA  . LEU A 1 34  ? -5.516  -4.607  4.113   1.00 2.00  ? 56  LEU A CA  1 
ATOM   268  C C   . LEU A 1 34  ? -4.119  -4.695  4.696   1.00 2.00  ? 56  LEU A C   1 
ATOM   269  O O   . LEU A 1 34  ? -3.446  -5.740  4.577   1.00 2.00  ? 56  LEU A O   1 
ATOM   270  C CB  . LEU A 1 34  ? -5.534  -3.656  2.905   1.00 2.00  ? 56  LEU A CB  1 
ATOM   271  C CG  . LEU A 1 34  ? -4.793  -4.188  1.686   1.00 2.00  ? 56  LEU A CG  1 
ATOM   272  C CD1 . LEU A 1 34  ? -4.987  -5.762  1.498   1.00 2.00  ? 56  LEU A CD1 1 
ATOM   273  C CD2 . LEU A 1 34  ? -5.207  -3.356  0.464   1.00 2.00  ? 56  LEU A CD2 1 
ATOM   274  N N   . CYS A 1 35  ? -3.666  -3.620  5.371   1.00 2.00  ? 57  CYS A N   1 
ATOM   275  C CA  . CYS A 1 35  ? -2.321  -3.693  5.917   1.00 2.00  ? 57  CYS A CA  1 
ATOM   276  C C   . CYS A 1 35  ? -2.220  -4.799  6.949   1.00 2.00  ? 57  CYS A C   1 
ATOM   277  O O   . CYS A 1 35  ? -1.188  -5.482  7.010   1.00 2.00  ? 57  CYS A O   1 
ATOM   278  C CB  . CYS A 1 35  ? -1.869  -2.356  6.516   1.00 2.00  ? 57  CYS A CB  1 
ATOM   279  S SG  . CYS A 1 35  ? -1.790  -0.995  5.310   1.00 2.00  ? 57  CYS A SG  1 
ATOM   280  N N   A GLN A 1 36  ? -3.294  -5.000  7.721   0.50 2.00  ? 58  GLN A N   1 
ATOM   281  N N   B GLN A 1 36  ? -3.287  -5.001  7.725   0.50 2.00  ? 58  GLN A N   1 
ATOM   282  C CA  A GLN A 1 36  ? -3.285  -6.021  8.785   0.50 2.00  ? 58  GLN A CA  1 
ATOM   283  C CA  B GLN A 1 36  ? -3.262  -6.027  8.781   0.50 2.00  ? 58  GLN A CA  1 
ATOM   284  C C   A GLN A 1 36  ? -3.062  -7.410  8.187   0.50 2.00  ? 58  GLN A C   1 
ATOM   285  C C   B GLN A 1 36  ? -3.044  -7.412  8.177   0.50 2.00  ? 58  GLN A C   1 
ATOM   286  O O   A GLN A 1 36  ? -2.384  -8.250  8.785   0.50 2.00  ? 58  GLN A O   1 
ATOM   287  O O   B GLN A 1 36  ? -2.361  -8.253  8.767   0.50 2.00  ? 58  GLN A O   1 
ATOM   288  C CB  A GLN A 1 36  ? -4.554  -5.975  9.664   0.50 2.00  ? 58  GLN A CB  1 
ATOM   289  C CB  B GLN A 1 36  ? -4.527  -6.001  9.646   0.50 2.00  ? 58  GLN A CB  1 
ATOM   290  C CG  A GLN A 1 36  ? -4.535  -6.969  10.849  0.50 2.00  ? 58  GLN A CG  1 
ATOM   291  C CG  B GLN A 1 36  ? -4.673  -7.200  10.600  0.50 2.00  ? 58  GLN A CG  1 
ATOM   292  C CD  A GLN A 1 36  ? -5.500  -6.618  11.988  0.50 4.42  ? 58  GLN A CD  1 
ATOM   293  C CD  B GLN A 1 36  ? -3.622  -7.240  11.716  0.50 5.30  ? 58  GLN A CD  1 
ATOM   294  O OE1 A GLN A 1 36  ? -6.164  -7.493  12.553  0.50 5.02  ? 58  GLN A OE1 1 
ATOM   295  O OE1 B GLN A 1 36  ? -3.308  -8.310  12.247  0.50 8.96  ? 58  GLN A OE1 1 
ATOM   296  N NE2 A GLN A 1 36  ? -5.537  -5.347  12.361  0.50 7.74  ? 58  GLN A NE2 1 
ATOM   297  N NE2 B GLN A 1 36  ? -3.094  -6.083  12.083  0.50 4.34  ? 58  GLN A NE2 1 
ATOM   298  N N   . ALA A 1 37  ? -3.566  -7.611  6.971   1.00 2.00  ? 59  ALA A N   1 
ATOM   299  C CA  . ALA A 1 37  ? -3.413  -8.896  6.235   1.00 2.00  ? 59  ALA A CA  1 
ATOM   300  C C   . ALA A 1 37  ? -1.962  -9.145  5.838   1.00 2.00  ? 59  ALA A C   1 
ATOM   301  O O   . ALA A 1 37  ? -1.523  -10.297 5.730   1.00 2.00  ? 59  ALA A O   1 
ATOM   302  C CB  . ALA A 1 37  ? -4.347  -8.940  5.020   1.00 2.00  ? 59  ALA A CB  1 
ATOM   303  N N   . PHE A 1 38  ? -1.227  -8.050  5.654   1.00 2.00  ? 60  PHE A N   1 
ATOM   304  C CA  . PHE A 1 38  ? 0.214   -8.090  5.460   1.00 2.00  ? 60  PHE A CA  1 
ATOM   305  C C   . PHE A 1 38  ? 1.017   -8.056  6.766   1.00 2.00  ? 60  PHE A C   1 
ATOM   306  O O   . PHE A 1 38  ? 2.224   -7.785  6.732   1.00 2.00  ? 60  PHE A O   1 
ATOM   307  C CB  . PHE A 1 38  ? 0.675   -6.907  4.570   1.00 2.00  ? 60  PHE A CB  1 
ATOM   308  C CG  . PHE A 1 38  ? 0.314   -7.040  3.127   1.00 2.00  ? 60  PHE A CG  1 
ATOM   309  C CD1 . PHE A 1 38  ? 1.055   -7.875  2.288   1.00 2.00  ? 60  PHE A CD1 1 
ATOM   310  C CD2 . PHE A 1 38  ? -0.736  -6.276  2.583   1.00 2.00  ? 60  PHE A CD2 1 
ATOM   311  C CE1 . PHE A 1 38  ? 0.726   -8.004  0.913   1.00 2.00  ? 60  PHE A CE1 1 
ATOM   312  C CE2 . PHE A 1 38  ? -1.069  -6.383  1.227   1.00 2.00  ? 60  PHE A CE2 1 
ATOM   313  C CZ  . PHE A 1 38  ? -0.336  -7.249  0.390   1.00 2.00  ? 60  PHE A CZ  1 
ATOM   314  N N   . ASN A 1 39  ? 0.370   -8.286  7.921   1.00 2.00  ? 61  ASN A N   1 
ATOM   315  C CA  . ASN A 1 39  ? 1.041   -8.106  9.227   1.00 2.00  ? 61  ASN A CA  1 
ATOM   316  C C   . ASN A 1 39  ? 1.729   -6.735  9.285   1.00 2.00  ? 61  ASN A C   1 
ATOM   317  O O   . ASN A 1 39  ? 2.879   -6.594  9.694   1.00 2.00  ? 61  ASN A O   1 
ATOM   318  C CB  . ASN A 1 39  ? 2.061   -9.227  9.489   1.00 2.00  ? 61  ASN A CB  1 
ATOM   319  C CG  . ASN A 1 39  ? 1.395   -10.524 9.999   1.00 2.76  ? 61  ASN A CG  1 
ATOM   320  O OD1 . ASN A 1 39  ? 0.368   -10.509 10.705  1.00 9.29  ? 61  ASN A OD1 1 
ATOM   321  N ND2 . ASN A 1 39  ? 2.000   -11.652 9.639   1.00 8.53  ? 61  ASN A ND2 1 
ATOM   322  N N   . SER A 1 40  ? 0.992   -5.731  8.855   1.00 2.00  ? 62  SER A N   1 
ATOM   323  C CA  . SER A 1 40  ? 1.510   -4.379  8.681   1.00 2.00  ? 62  SER A CA  1 
ATOM   324  C C   . SER A 1 40  ? 0.479   -3.405  9.241   1.00 2.00  ? 62  SER A C   1 
ATOM   325  O O   . SER A 1 40  ? -0.660  -3.782  9.571   1.00 2.00  ? 62  SER A O   1 
ATOM   326  C CB  . SER A 1 40  ? 1.770   -4.118  7.190   1.00 2.00  ? 62  SER A CB  1 
ATOM   327  O OG  . SER A 1 40  ? 2.825   -4.933  6.740   1.00 2.00  ? 62  SER A OG  1 
ATOM   328  N N   . THR A 1 41  ? 0.902   -2.158  9.401   1.00 2.00  ? 63  THR A N   1 
ATOM   329  C CA  . THR A 1 41  ? 0.039   -1.073  9.865   1.00 2.00  ? 63  THR A CA  1 
ATOM   330  C C   . THR A 1 41  ? 0.086   0.090   8.895   1.00 2.00  ? 63  THR A C   1 
ATOM   331  O O   . THR A 1 41  ? 1.010   0.202   8.080   1.00 2.00  ? 63  THR A O   1 
ATOM   332  C CB  . THR A 1 41  ? 0.522   -0.540  11.230  1.00 2.00  ? 63  THR A CB  1 
ATOM   333  O OG1 . THR A 1 41  ? 1.922   -0.264  11.170  1.00 2.00  ? 63  THR A OG1 1 
ATOM   334  C CG2 . THR A 1 41  ? 0.270   -1.562  12.342  1.00 2.00  ? 63  THR A CG2 1 
ATOM   335  N N   . LEU A 1 42  ? -0.898  0.985   8.955   1.00 2.00  ? 64  LEU A N   1 
ATOM   336  C CA  . LEU A 1 42  ? -0.749  2.229   8.203   1.00 2.00  ? 64  LEU A CA  1 
ATOM   337  C C   . LEU A 1 42  ? 0.458   3.010   8.711   1.00 2.00  ? 64  LEU A C   1 
ATOM   338  O O   . LEU A 1 42  ? 0.594   3.167   9.923   1.00 2.00  ? 64  LEU A O   1 
ATOM   339  C CB  . LEU A 1 42  ? -2.027  3.077   8.315   1.00 2.00  ? 64  LEU A CB  1 
ATOM   340  C CG  . LEU A 1 42  ? -3.248  2.457   7.642   1.00 2.00  ? 64  LEU A CG  1 
ATOM   341  C CD1 . LEU A 1 42  ? -4.463  3.182   8.143   1.00 3.69  ? 64  LEU A CD1 1 
ATOM   342  C CD2 . LEU A 1 42  ? -3.113  2.613   6.151   1.00 2.00  ? 64  LEU A CD2 1 
ATOM   343  N N   . PRO A 1 43  ? 1.324   3.498   7.808   1.00 2.00  ? 65  PRO A N   1 
ATOM   344  C CA  . PRO A 1 43  ? 2.520   4.174   8.281   1.00 2.00  ? 65  PRO A CA  1 
ATOM   345  C C   . PRO A 1 43  ? 2.218   5.503   8.980   1.00 2.00  ? 65  PRO A C   1 
ATOM   346  O O   . PRO A 1 43  ? 1.267   6.164   8.618   1.00 2.00  ? 65  PRO A O   1 
ATOM   347  C CB  . PRO A 1 43  ? 3.317   4.428   6.991   1.00 2.00  ? 65  PRO A CB  1 
ATOM   348  C CG  . PRO A 1 43  ? 2.741   3.475   5.950   1.00 2.00  ? 65  PRO A CG  1 
ATOM   349  C CD  . PRO A 1 43  ? 1.319   3.246   6.352   1.00 2.00  ? 65  PRO A CD  1 
ATOM   350  N N   . THR A 1 44  ? 3.038   5.911   9.944   1.00 2.00  ? 66  THR A N   1 
ATOM   351  C CA  . THR A 1 44  ? 2.971   7.269   10.469  1.00 2.00  ? 66  THR A CA  1 
ATOM   352  C C   . THR A 1 44  ? 3.703   8.157   9.483   1.00 2.00  ? 66  THR A C   1 
ATOM   353  O O   . THR A 1 44  ? 4.450   7.652   8.644   1.00 2.00  ? 66  THR A O   1 
ATOM   354  C CB  . THR A 1 44  ? 3.653   7.407   11.840  1.00 2.00  ? 66  THR A CB  1 
ATOM   355  O OG1 . THR A 1 44  ? 5.054   7.108   11.718  1.00 2.00  ? 66  THR A OG1 1 
ATOM   356  C CG2 . THR A 1 44  ? 2.998   6.486   12.854  1.00 2.00  ? 66  THR A CG2 1 
ATOM   357  N N   . MET A 1 45  ? 3.490   9.462   9.591   1.00 2.00  ? 67  MET A N   1 
ATOM   358  C CA  . MET A 1 45  ? 4.220   10.414  8.766   1.00 2.00  ? 67  MET A CA  1 
ATOM   359  C C   . MET A 1 45  ? 5.750   10.253  8.956   1.00 2.00  ? 67  MET A C   1 
ATOM   360  O O   . MET A 1 45  ? 6.509   10.316  7.971   1.00 2.00  ? 67  MET A O   1 
ATOM   361  C CB  . MET A 1 45  ? 3.724   11.856  9.050   1.00 2.00  ? 67  MET A CB  1 
ATOM   362  C CG  . MET A 1 45  ? 4.448   12.969  8.272   1.00 2.00  ? 67  MET A CG  1 
ATOM   363  S SD  . MET A 1 45  ? 4.265   12.735  6.483   1.00 2.00  ? 67  MET A SD  1 
ATOM   364  C CE  . MET A 1 45  ? 2.718   13.432  6.160   1.00 2.00  ? 67  MET A CE  1 
ATOM   365  N N   . ASP A 1 46  ? 6.199   10.045  10.193  1.00 2.00  ? 68  ASP A N   1 
ATOM   366  C CA  . ASP A 1 46  ? 7.627   9.853   10.451  1.00 2.00  ? 68  ASP A CA  1 
ATOM   367  C C   . ASP A 1 46  ? 8.189   8.616   9.734   1.00 2.00  ? 68  ASP A C   1 
ATOM   368  O O   . ASP A 1 46  ? 9.254   8.690   9.139   1.00 2.00  ? 68  ASP A O   1 
ATOM   369  C CB  . ASP A 1 46  ? 7.926   9.788   11.973  1.00 2.00  ? 68  ASP A CB  1 
ATOM   370  C CG  . ASP A 1 46  ? 9.419   9.946   12.281  1.00 2.00  ? 68  ASP A CG  1 
ATOM   371  O OD1 . ASP A 1 46  ? 10.003  11.035  11.959  1.00 3.61  ? 68  ASP A OD1 1 
ATOM   372  O OD2 . ASP A 1 46  ? 9.999   8.953   12.786  1.00 2.00  ? 68  ASP A OD2 1 
ATOM   373  N N   . GLN A 1 47  ? 7.474   7.491   9.803   1.00 2.00  ? 69  GLN A N   1 
ATOM   374  C CA  . GLN A 1 47  ? 7.849   6.303   9.013   1.00 2.00  ? 69  GLN A CA  1 
ATOM   375  C C   . GLN A 1 47  ? 7.921   6.566   7.517   1.00 2.00  ? 69  GLN A C   1 
ATOM   376  O O   . GLN A 1 47  ? 8.843   6.141   6.850   1.00 2.00  ? 69  GLN A O   1 
ATOM   377  C CB  . GLN A 1 47  ? 6.886   5.130   9.328   1.00 2.00  ? 69  GLN A CB  1 
ATOM   378  C CG  . GLN A 1 47  ? 7.104   4.640   10.758  1.00 2.00  ? 69  GLN A CG  1 
ATOM   379  C CD  . GLN A 1 47  ? 5.967   3.759   11.237  1.00 2.00  ? 69  GLN A CD  1 
ATOM   380  O OE1 . GLN A 1 47  ? 4.864   3.750   10.685  1.00 2.00  ? 69  GLN A OE1 1 
ATOM   381  N NE2 . GLN A 1 47  ? 6.230   3.057   12.329  1.00 2.00  ? 69  GLN A NE2 1 
ATOM   382  N N   . MET A 1 48  ? 6.925   7.281   6.991   1.00 2.00  ? 70  MET A N   1 
ATOM   383  C CA  . MET A 1 48  ? 6.883   7.583   5.581   1.00 2.00  ? 70  MET A CA  1 
ATOM   384  C C   . MET A 1 48  ? 8.038   8.501   5.187   1.00 2.00  ? 70  MET A C   1 
ATOM   385  O O   . MET A 1 48  ? 8.607   8.359   4.115   1.00 2.00  ? 70  MET A O   1 
ATOM   386  C CB  . MET A 1 48  ? 5.519   8.233   5.214   1.00 2.00  ? 70  MET A CB  1 
ATOM   387  C CG  . MET A 1 48  ? 5.411   8.626   3.729   1.00 2.00  ? 70  MET A CG  1 
ATOM   388  S SD  . MET A 1 48  ? 5.592   7.292   2.517   1.00 2.00  ? 70  MET A SD  1 
ATOM   389  C CE  . MET A 1 48  ? 3.925   6.656   2.503   1.00 2.00  ? 70  MET A CE  1 
ATOM   390  N N   . LYS A 1 49  ? 8.361   9.453   6.042   1.00 2.00  ? 71  LYS A N   1 
ATOM   391  C CA  . LYS A 1 49  ? 9.461   10.381  5.684   1.00 2.00  ? 71  LYS A CA  1 
ATOM   392  C C   . LYS A 1 49  ? 10.795  9.633   5.610   1.00 2.00  ? 71  LYS A C   1 
ATOM   393  O O   . LYS A 1 49  ? 11.615  9.918   4.742   1.00 2.00  ? 71  LYS A O   1 
ATOM   394  C CB  . LYS A 1 49  ? 9.545   11.542  6.678   1.00 2.00  ? 71  LYS A CB  1 
ATOM   395  C CG  . LYS A 1 49  ? 8.429   12.614  6.499   1.00 2.00  ? 71  LYS A CG  1 
ATOM   396  C CD  . LYS A 1 49  ? 8.519   13.819  7.449   1.00 2.00  ? 71  LYS A CD  1 
ATOM   397  C CE  . LYS A 1 49  ? 7.573   14.915  6.924   1.00 4.47  ? 71  LYS A CE  1 
ATOM   398  N NZ  . LYS A 1 49  ? 7.418   16.067  7.872   1.00 8.80  ? 71  LYS A NZ  1 
ATOM   399  N N   . LEU A 1 50  ? 10.974  8.638   6.478   1.00 2.00  ? 72  LEU A N   1 
ATOM   400  C CA  . LEU A 1 50  ? 12.185  7.819   6.452   1.00 2.00  ? 72  LEU A CA  1 
ATOM   401  C C   . LEU A 1 50  ? 12.211  6.970   5.184   1.00 2.00  ? 72  LEU A C   1 
ATOM   402  O O   . LEU A 1 50  ? 13.233  6.932   4.486   1.00 2.00  ? 72  LEU A O   1 
ATOM   403  C CB  . LEU A 1 50  ? 12.342  6.963   7.714   1.00 2.00  ? 72  LEU A CB  1 
ATOM   404  C CG  . LEU A 1 50  ? 13.729  6.284   7.816   1.00 2.00  ? 72  LEU A CG  1 
ATOM   405  C CD1 . LEU A 1 50  ? 14.913  7.269   8.011   1.00 2.00  ? 72  LEU A CD1 1 
ATOM   406  C CD2 . LEU A 1 50  ? 13.703  5.188   8.913   1.00 2.00  ? 72  LEU A CD2 1 
ATOM   407  N N   . ALA A 1 51  ? 11.083  6.334   4.872   1.00 2.00  ? 73  ALA A N   1 
ATOM   408  C CA  . ALA A 1 51  ? 10.985  5.575   3.613   1.00 2.00  ? 73  ALA A CA  1 
ATOM   409  C C   . ALA A 1 51  ? 11.375  6.447   2.414   1.00 2.00  ? 73  ALA A C   1 
ATOM   410  O O   . ALA A 1 51  ? 12.161  6.032   1.542   1.00 2.00  ? 73  ALA A O   1 
ATOM   411  C CB  . ALA A 1 51  ? 9.581   5.014   3.415   1.00 2.00  ? 73  ALA A CB  1 
ATOM   412  N N   . LEU A 1 52  ? 10.819  7.661   2.351   1.00 2.00  ? 74  LEU A N   1 
ATOM   413  C CA  . LEU A 1 52  ? 11.167  8.593   1.291   1.00 2.00  ? 74  LEU A CA  1 
ATOM   414  C C   . LEU A 1 52  ? 12.689  8.854   1.183   1.00 2.00  ? 74  LEU A C   1 
ATOM   415  O O   . LEU A 1 52  ? 13.260  8.808   0.094   1.00 2.00  ? 74  LEU A O   1 
ATOM   416  C CB  . LEU A 1 52  ? 10.358  9.883   1.484   1.00 2.00  ? 74  LEU A CB  1 
ATOM   417  C CG  . LEU A 1 52  ? 10.730  11.081  0.594   1.00 2.00  ? 74  LEU A CG  1 
ATOM   418  C CD1 . LEU A 1 52  ? 9.967   10.883  -0.649  1.00 4.52  ? 74  LEU A CD1 1 
ATOM   419  C CD2 . LEU A 1 52  ? 10.338  12.432  1.253   1.00 2.65  ? 74  LEU A CD2 1 
ATOM   420  N N   . SER A 1 53  ? 13.322  9.098   2.333   1.00 2.00  ? 75  SER A N   1 
ATOM   421  C CA  . SER A 1 53  ? 14.789  9.336   2.419   1.00 2.00  ? 75  SER A CA  1 
ATOM   422  C C   . SER A 1 53  ? 15.624  8.167   1.877   1.00 2.00  ? 75  SER A C   1 
ATOM   423  O O   . SER A 1 53  ? 16.765  8.387   1.439   1.00 2.00  ? 75  SER A O   1 
ATOM   424  C CB  . SER A 1 53  ? 15.203  9.692   3.863   1.00 2.00  ? 75  SER A CB  1 
ATOM   425  O OG  . SER A 1 53  ? 15.246  8.543   4.688   1.00 2.00  ? 75  SER A OG  1 
ATOM   426  N N   . LYS A 1 54  ? 15.070  6.945   1.930   1.00 2.00  ? 76  LYS A N   1 
ATOM   427  C CA  . LYS A 1 54  ? 15.686  5.717   1.427   1.00 2.00  ? 76  LYS A CA  1 
ATOM   428  C C   . LYS A 1 54  ? 15.416  5.449   -0.041  1.00 2.00  ? 76  LYS A C   1 
ATOM   429  O O   . LYS A 1 54  ? 15.982  4.521   -0.607  1.00 2.00  ? 76  LYS A O   1 
ATOM   430  C CB  . LYS A 1 54  ? 15.160  4.512   2.227   1.00 2.00  ? 76  LYS A CB  1 
ATOM   431  C CG  . LYS A 1 54  ? 15.439  4.587   3.725   1.00 2.00  ? 76  LYS A CG  1 
ATOM   432  C CD  . LYS A 1 54  ? 16.898  4.659   4.109   1.00 2.52  ? 76  LYS A CD  1 
ATOM   433  C CE  . LYS A 1 54  ? 17.051  4.626   5.666   1.00 4.10  ? 76  LYS A CE  1 
ATOM   434  N NZ  . LYS A 1 54  ? 18.483  4.862   6.007   1.00 6.21  ? 76  LYS A NZ  1 
ATOM   435  N N   . GLY A 1 55  ? 14.582  6.252   -0.689  1.00 2.00  ? 77  GLY A N   1 
ATOM   436  C CA  . GLY A 1 55  ? 14.358  6.049   -2.110  1.00 2.00  ? 77  GLY A CA  1 
ATOM   437  C C   . GLY A 1 55  ? 12.919  5.818   -2.551  1.00 2.00  ? 77  GLY A C   1 
ATOM   438  O O   . GLY A 1 55  ? 12.706  5.527   -3.729  1.00 2.00  ? 77  GLY A O   1 
ATOM   439  N N   . PHE A 1 56  ? 11.963  5.920   -1.632  1.00 2.00  ? 78  PHE A N   1 
ATOM   440  C CA  . PHE A 1 56  ? 10.556  5.620   -1.939  1.00 2.00  ? 78  PHE A CA  1 
ATOM   441  C C   . PHE A 1 56  ? 9.823   6.762   -2.609  1.00 2.00  ? 78  PHE A C   1 
ATOM   442  O O   . PHE A 1 56  ? 9.751   7.862   -2.085  1.00 2.00  ? 78  PHE A O   1 
ATOM   443  C CB  . PHE A 1 56  ? 9.831   5.233   -0.656  1.00 2.00  ? 78  PHE A CB  1 
ATOM   444  C CG  . PHE A 1 56  ? 8.452   4.650   -0.856  1.00 2.00  ? 78  PHE A CG  1 
ATOM   445  C CD1 . PHE A 1 56  ? 8.169   3.763   -1.895  1.00 2.00  ? 78  PHE A CD1 1 
ATOM   446  C CD2 . PHE A 1 56  ? 7.450   5.021   0.005   1.00 2.00  ? 78  PHE A CD2 1 
ATOM   447  C CE1 . PHE A 1 56  ? 6.873   3.190   -2.020  1.00 2.00  ? 78  PHE A CE1 1 
ATOM   448  C CE2 . PHE A 1 56  ? 6.152   4.486   -0.107  1.00 2.00  ? 78  PHE A CE2 1 
ATOM   449  C CZ  . PHE A 1 56  ? 5.878   3.546   -1.119  1.00 2.00  ? 78  PHE A CZ  1 
ATOM   450  N N   . GLU A 1 57  ? 9.257   6.481   -3.765  1.00 2.00  ? 79  GLU A N   1 
ATOM   451  C CA  . GLU A 1 57  ? 8.322   7.405   -4.391  1.00 2.00  ? 79  GLU A CA  1 
ATOM   452  C C   . GLU A 1 57  ? 7.297   6.664   -5.229  1.00 2.00  ? 79  GLU A C   1 
ATOM   453  O O   . GLU A 1 57  ? 7.592   5.612   -5.789  1.00 2.00  ? 79  GLU A O   1 
ATOM   454  C CB  . GLU A 1 57  ? 9.055   8.524   -5.177  1.00 2.00  ? 79  GLU A CB  1 
ATOM   455  C CG  . GLU A 1 57  ? 9.772   8.059   -6.418  1.00 2.00  ? 79  GLU A CG  1 
ATOM   456  C CD  . GLU A 1 57  ? 10.255  9.218   -7.328  1.00 2.00  ? 79  GLU A CD  1 
ATOM   457  O OE1 . GLU A 1 57  ? 10.018  10.419  -7.081  1.00 2.40  ? 79  GLU A OE1 1 
ATOM   458  O OE2 . GLU A 1 57  ? 10.960  8.901   -8.310  1.00 2.00  ? 79  GLU A OE2 1 
ATOM   459  N N   . THR A 1 58  ? 6.085   7.218   -5.313  1.00 2.00  ? 80  THR A N   1 
ATOM   460  C CA  . THR A 1 58  ? 5.055   6.693   -6.215  1.00 2.00  ? 80  THR A CA  1 
ATOM   461  C C   . THR A 1 58  ? 4.411   7.898   -6.900  1.00 2.00  ? 80  THR A C   1 
ATOM   462  O O   . THR A 1 58  ? 4.731   9.063   -6.621  1.00 2.00  ? 80  THR A O   1 
ATOM   463  C CB  . THR A 1 58  ? 3.914   5.953   -5.455  1.00 2.00  ? 80  THR A CB  1 
ATOM   464  O OG1 . THR A 1 58  ? 3.071   6.939   -4.851  1.00 2.00  ? 80  THR A OG1 1 
ATOM   465  C CG2 . THR A 1 58  ? 4.475   5.004   -4.378  1.00 2.00  ? 80  THR A CG2 1 
ATOM   466  N N   . CYS A 1 59  ? 3.500   7.614   -7.809  1.00 2.00  ? 81  CYS A N   1 
ATOM   467  C CA  . CYS A 1 59  ? 2.672   8.655   -8.415  1.00 2.00  ? 81  CYS A CA  1 
ATOM   468  C C   . CYS A 1 59  ? 1.193   8.416   -8.122  1.00 2.00  ? 81  CYS A C   1 
ATOM   469  O O   . CYS A 1 59  ? 0.344   8.699   -8.976  1.00 2.00  ? 81  CYS A O   1 
ATOM   470  C CB  . CYS A 1 59  ? 2.894   8.676   -9.929  1.00 2.00  ? 81  CYS A CB  1 
ATOM   471  S SG  . CYS A 1 59  ? 2.242   10.103  -10.781 1.00 2.69  ? 81  CYS A SG  1 
ATOM   472  N N   . ARG A 1 60  ? 0.891   7.884   -6.933  1.00 2.00  ? 82  ARG A N   1 
ATOM   473  C CA  . ARG A 1 60  ? -0.492  7.549   -6.561  1.00 2.00  ? 82  ARG A CA  1 
ATOM   474  C C   . ARG A 1 60  ? -0.807  7.978   -5.118  1.00 2.00  ? 82  ARG A C   1 
ATOM   475  O O   . ARG A 1 60  ? 0.010   7.784   -4.221  1.00 2.00  ? 82  ARG A O   1 
ATOM   476  C CB  . ARG A 1 60  ? -0.702  6.028   -6.626  1.00 2.00  ? 82  ARG A CB  1 
ATOM   477  C CG  . ARG A 1 60  ? -0.342  5.372   -7.940  1.00 2.06  ? 82  ARG A CG  1 
ATOM   478  C CD  . ARG A 1 60  ? -1.543  5.340   -8.839  1.00 2.00  ? 82  ARG A CD  1 
ATOM   479  N NE  . ARG A 1 60  ? -2.621  4.478   -8.281  1.00 2.00  ? 82  ARG A NE  1 
ATOM   480  C CZ  . ARG A 1 60  ? -3.826  4.418   -8.869  1.00 2.00  ? 82  ARG A CZ  1 
ATOM   481  N NH1 . ARG A 1 60  ? -4.031  5.139   -9.967  1.00 2.16  ? 82  ARG A NH1 1 
ATOM   482  N NH2 . ARG A 1 60  ? -4.826  3.694   -8.365  1.00 2.00  ? 82  ARG A NH2 1 
ATOM   483  N N   . TYR A 1 61  ? -2.002  8.526   -4.927  1.00 2.00  ? 83  TYR A N   1 
ATOM   484  C CA  . TYR A 1 61  ? -2.516  8.851   -3.593  1.00 2.00  ? 83  TYR A CA  1 
ATOM   485  C C   . TYR A 1 61  ? -2.773  7.584   -2.797  1.00 2.00  ? 83  TYR A C   1 
ATOM   486  O O   . TYR A 1 61  ? -3.367  6.648   -3.314  1.00 2.00  ? 83  TYR A O   1 
ATOM   487  C CB  . TYR A 1 61  ? -3.854  9.586   -3.742  1.00 2.00  ? 83  TYR A CB  1 
ATOM   488  C CG  . TYR A 1 61  ? -3.717  10.975  -4.306  1.00 2.00  ? 83  TYR A CG  1 
ATOM   489  C CD1 . TYR A 1 61  ? -3.073  11.985  -3.571  1.00 2.00  ? 83  TYR A CD1 1 
ATOM   490  C CD2 . TYR A 1 61  ? -4.291  11.298  -5.552  1.00 2.00  ? 83  TYR A CD2 1 
ATOM   491  C CE1 . TYR A 1 61  ? -2.955  13.285  -4.077  1.00 3.15  ? 83  TYR A CE1 1 
ATOM   492  C CE2 . TYR A 1 61  ? -4.190  12.618  -6.057  1.00 4.37  ? 83  TYR A CE2 1 
ATOM   493  C CZ  . TYR A 1 61  ? -3.515  13.584  -5.295  1.00 2.83  ? 83  TYR A CZ  1 
ATOM   494  O OH  . TYR A 1 61  ? -3.363  14.875  -5.790  1.00 7.91  ? 83  TYR A OH  1 
ATOM   495  N N   . GLY A 1 62  ? -2.332  7.577   -1.550  1.00 2.00  ? 84  GLY A N   1 
ATOM   496  C CA  . GLY A 1 62  ? -2.673  6.463   -0.655  1.00 2.00  ? 84  GLY A CA  1 
ATOM   497  C C   . GLY A 1 62  ? -2.725  6.890   0.789   1.00 2.00  ? 84  GLY A C   1 
ATOM   498  O O   . GLY A 1 62  ? -2.082  7.845   1.217   1.00 2.00  ? 84  GLY A O   1 
ATOM   499  N N   . PHE A 1 63  ? -3.473  6.113   1.550   1.00 2.00  ? 85  PHE A N   1 
ATOM   500  C CA  . PHE A 1 63  ? -3.596  6.401   2.972   1.00 2.00  ? 85  PHE A CA  1 
ATOM   501  C C   . PHE A 1 63  ? -2.313  6.102   3.730   1.00 2.00  ? 85  PHE A C   1 
ATOM   502  O O   . PHE A 1 63  ? -1.652  5.098   3.496   1.00 2.00  ? 85  PHE A O   1 
ATOM   503  C CB  . PHE A 1 63  ? -4.658  5.496   3.634   1.00 2.00  ? 85  PHE A CB  1 
ATOM   504  C CG  . PHE A 1 63  ? -6.035  5.673   3.074   1.00 2.00  ? 85  PHE A CG  1 
ATOM   505  C CD1 . PHE A 1 63  ? -6.797  6.754   3.409   1.00 2.00  ? 85  PHE A CD1 1 
ATOM   506  C CD2 . PHE A 1 63  ? -6.543  4.713   2.222   1.00 2.00  ? 85  PHE A CD2 1 
ATOM   507  C CE1 . PHE A 1 63  ? -8.119  6.887   2.899   1.00 2.00  ? 85  PHE A CE1 1 
ATOM   508  C CE2 . PHE A 1 63  ? -7.809  4.816   1.731   1.00 2.00  ? 85  PHE A CE2 1 
ATOM   509  C CZ  . PHE A 1 63  ? -8.595  5.903   2.035   1.00 2.00  ? 85  PHE A CZ  1 
ATOM   510  N N   . ILE A 1 64  ? -2.000  6.984   4.664   1.00 2.00  ? 86  ILE A N   1 
ATOM   511  C CA  . ILE A 1 64  ? -1.168  6.677   5.824   1.00 2.00  ? 86  ILE A CA  1 
ATOM   512  C C   . ILE A 1 64  ? -2.027  6.938   7.070   1.00 2.00  ? 86  ILE A C   1 
ATOM   513  O O   . ILE A 1 64  ? -3.233  7.208   6.910   1.00 2.00  ? 86  ILE A O   1 
ATOM   514  C CB  . ILE A 1 64  ? 0.130   7.519   5.831   1.00 2.00  ? 86  ILE A CB  1 
ATOM   515  C CG1 . ILE A 1 64  ? -0.142  9.029   5.890   1.00 2.00  ? 86  ILE A CG1 1 
ATOM   516  C CG2 . ILE A 1 64  ? 0.988   7.141   4.606   1.00 2.00  ? 86  ILE A CG2 1 
ATOM   517  C CD1 . ILE A 1 64  ? 1.128   9.857   6.230   1.00 2.00  ? 86  ILE A CD1 1 
ATOM   518  N N   . GLU A 1 65  ? -1.472  6.817   8.274   1.00 2.00  ? 87  GLU A N   1 
ATOM   519  C CA  . GLU A 1 65  ? -2.225  7.178   9.515   1.00 2.00  ? 87  GLU A CA  1 
ATOM   520  C C   . GLU A 1 65  ? -2.451  8.693   9.482   1.00 2.00  ? 87  GLU A C   1 
ATOM   521  O O   . GLU A 1 65  ? -1.483  9.487   9.470   1.00 2.00  ? 87  GLU A O   1 
ATOM   522  C CB  . GLU A 1 65  ? -1.452  6.773   10.788  1.00 2.00  ? 87  GLU A CB  1 
ATOM   523  C CG  . GLU A 1 65  ? -2.337  6.872   12.035  1.00 4.11  ? 87  GLU A CG  1 
ATOM   524  C CD  . GLU A 1 65  ? -3.526  5.869   12.055  1.00 8.31  ? 87  GLU A CD  1 
ATOM   525  O OE1 . GLU A 1 65  ? -3.362  4.634   11.830  1.00 10.68 ? 87  GLU A OE1 1 
ATOM   526  O OE2 . GLU A 1 65  ? -4.650  6.326   12.315  1.00 16.56 ? 87  GLU A OE2 1 
ATOM   527  N N   . GLY A 1 66  ? -3.709  9.098   9.361   1.00 2.00  ? 88  GLY A N   1 
ATOM   528  C CA  . GLY A 1 66  ? -4.045  10.510  9.405   1.00 2.00  ? 88  GLY A CA  1 
ATOM   529  C C   . GLY A 1 66  ? -4.250  11.243  8.091   1.00 2.00  ? 88  GLY A C   1 
ATOM   530  O O   . GLY A 1 66  ? -5.033  12.165  8.052   1.00 2.00  ? 88  GLY A O   1 
ATOM   531  N N   . ASN A 1 67  ? -3.556  10.867  7.016   1.00 2.00  ? 89  ASN A N   1 
ATOM   532  C CA  . ASN A 1 67  ? -3.608  11.647  5.793   1.00 2.00  ? 89  ASN A CA  1 
ATOM   533  C C   . ASN A 1 67  ? -3.588  10.754  4.574   1.00 2.00  ? 89  ASN A C   1 
ATOM   534  O O   . ASN A 1 67  ? -3.402  9.538   4.703   1.00 2.00  ? 89  ASN A O   1 
ATOM   535  C CB  . ASN A 1 67  ? -2.446  12.660  5.761   1.00 2.00  ? 89  ASN A CB  1 
ATOM   536  C CG  . ASN A 1 67  ? -2.679  13.824  6.689   1.00 2.00  ? 89  ASN A CG  1 
ATOM   537  O OD1 . ASN A 1 67  ? -3.411  14.753  6.310   1.00 2.00  ? 89  ASN A OD1 1 
ATOM   538  N ND2 . ASN A 1 67  ? -2.063  13.813  7.856   1.00 2.00  ? 89  ASN A ND2 1 
ATOM   539  N N   . VAL A 1 68  ? -3.850  11.366  3.427   1.00 2.00  ? 90  VAL A N   1 
ATOM   540  C CA  . VAL A 1 68  ? -3.682  10.731  2.106   1.00 2.00  ? 90  VAL A CA  1 
ATOM   541  C C   . VAL A 1 68  ? -2.519  11.456  1.445   1.00 2.00  ? 90  VAL A C   1 
ATOM   542  O O   . VAL A 1 68  ? -2.505  12.689  1.421   1.00 2.00  ? 90  VAL A O   1 
ATOM   543  C CB  . VAL A 1 68  ? -4.959  10.900  1.294   1.00 2.00  ? 90  VAL A CB  1 
ATOM   544  C CG1 . VAL A 1 68  ? -4.782  10.372  -0.146  1.00 2.00  ? 90  VAL A CG1 1 
ATOM   545  C CG2 . VAL A 1 68  ? -6.097  10.095  2.044   1.00 2.00  ? 90  VAL A CG2 1 
ATOM   546  N N   . VAL A 1 69  ? -1.519  10.705  0.969   1.00 2.00  ? 91  VAL A N   1 
ATOM   547  C CA  . VAL A 1 69  ? -0.238  11.302  0.535   1.00 2.00  ? 91  VAL A CA  1 
ATOM   548  C C   . VAL A 1 69  ? 0.320   10.667  -0.724  1.00 2.00  ? 91  VAL A C   1 
ATOM   549  O O   . VAL A 1 69  ? -0.124  9.601   -1.131  1.00 2.00  ? 91  VAL A O   1 
ATOM   550  C CB  . VAL A 1 69  ? 0.839   11.186  1.679   1.00 2.00  ? 91  VAL A CB  1 
ATOM   551  C CG1 . VAL A 1 69  ? 0.331   11.806  3.009   1.00 2.00  ? 91  VAL A CG1 1 
ATOM   552  C CG2 . VAL A 1 69  ? 1.251   9.721   1.941   1.00 2.00  ? 91  VAL A CG2 1 
ATOM   553  N N   . ILE A 1 70  ? 1.280   11.351  -1.342  1.00 2.00  ? 92  ILE A N   1 
ATOM   554  C CA  . ILE A 1 70  ? 2.128   10.754  -2.366  1.00 2.00  ? 92  ILE A CA  1 
ATOM   555  C C   . ILE A 1 70  ? 3.573   11.104  -2.007  1.00 2.00  ? 92  ILE A C   1 
ATOM   556  O O   . ILE A 1 70  ? 3.918   12.278  -1.955  1.00 2.00  ? 92  ILE A O   1 
ATOM   557  C CB  . ILE A 1 70  ? 1.840   11.343  -3.759  1.00 2.00  ? 92  ILE A CB  1 
ATOM   558  C CG1 . ILE A 1 70  ? 0.352   11.201  -4.153  1.00 2.00  ? 92  ILE A CG1 1 
ATOM   559  C CG2 . ILE A 1 70  ? 2.688   10.647  -4.826  1.00 2.00  ? 92  ILE A CG2 1 
ATOM   560  C CD1 . ILE A 1 70  ? -0.042  11.813  -5.539  1.00 2.00  ? 92  ILE A CD1 1 
ATOM   561  N N   . PRO A 1 71  ? 4.442   10.098  -1.790  1.00 2.00  ? 93  PRO A N   1 
ATOM   562  C CA  . PRO A 1 71  ? 5.850   10.422  -1.582  1.00 2.00  ? 93  PRO A CA  1 
ATOM   563  C C   . PRO A 1 71  ? 6.529   10.691  -2.918  1.00 2.00  ? 93  PRO A C   1 
ATOM   564  O O   . PRO A 1 71  ? 6.386   9.905   -3.855  1.00 2.00  ? 93  PRO A O   1 
ATOM   565  C CB  . PRO A 1 71  ? 6.404   9.158   -0.914  1.00 2.00  ? 93  PRO A CB  1 
ATOM   566  C CG  . PRO A 1 71  ? 5.516   8.062   -1.411  1.00 2.00  ? 93  PRO A CG  1 
ATOM   567  C CD  . PRO A 1 71  ? 4.176   8.651   -1.689  1.00 2.00  ? 93  PRO A CD  1 
ATOM   568  N N   . ARG A 1 72  ? 7.217   11.818  -3.007  1.00 2.00  ? 94  ARG A N   1 
ATOM   569  C CA  . ARG A 1 72  ? 7.851   12.229  -4.250  1.00 2.00  ? 94  ARG A CA  1 
ATOM   570  C C   . ARG A 1 72  ? 9.315   12.561  -4.010  1.00 2.00  ? 94  ARG A C   1 
ATOM   571  O O   . ARG A 1 72  ? 9.641   13.328  -3.113  1.00 2.00  ? 94  ARG A O   1 
ATOM   572  C CB  . ARG A 1 72  ? 7.150   13.459  -4.842  1.00 2.00  ? 94  ARG A CB  1 
ATOM   573  C CG  . ARG A 1 72  ? 5.713   13.246  -5.362  1.00 2.00  ? 94  ARG A CG  1 
ATOM   574  C CD  . ARG A 1 72  ? 5.669   12.172  -6.441  1.00 2.00  ? 94  ARG A CD  1 
ATOM   575  N NE  . ARG A 1 72  ? 6.571   12.495  -7.549  1.00 2.00  ? 94  ARG A NE  1 
ATOM   576  C CZ  . ARG A 1 72  ? 6.951   11.594  -8.435  1.00 2.00  ? 94  ARG A CZ  1 
ATOM   577  N NH1 . ARG A 1 72  ? 6.541   10.337  -8.293  1.00 2.00  ? 94  ARG A NH1 1 
ATOM   578  N NH2 . ARG A 1 72  ? 7.746   11.925  -9.464  1.00 2.00  ? 94  ARG A NH2 1 
ATOM   579  N N   . ILE A 1 73  ? 10.175  11.972  -4.824  1.00 2.00  ? 95  ILE A N   1 
ATOM   580  C CA  . ILE A 1 73  ? 11.575  12.346  -4.786  1.00 2.00  ? 95  ILE A CA  1 
ATOM   581  C C   . ILE A 1 73  ? 11.882  13.299  -5.927  1.00 2.00  ? 95  ILE A C   1 
ATOM   582  O O   . ILE A 1 73  ? 12.451  14.375  -5.687  1.00 2.00  ? 95  ILE A O   1 
ATOM   583  C CB  . ILE A 1 73  ? 12.506  11.102  -4.839  1.00 2.00  ? 95  ILE A CB  1 
ATOM   584  C CG1 . ILE A 1 73  ? 12.338  10.266  -3.540  1.00 2.00  ? 95  ILE A CG1 1 
ATOM   585  C CG2 . ILE A 1 73  ? 13.981  11.517  -5.044  1.00 2.00  ? 95  ILE A CG2 1 
ATOM   586  C CD1 . ILE A 1 73  ? 12.979  8.906   -3.557  1.00 2.00  ? 95  ILE A CD1 1 
ATOM   587  N N   . HIS A 1 74  ? 11.483  12.926  -7.147  1.00 2.00  ? 96  HIS A N   1 
ATOM   588  C CA  . HIS A 1 74  ? 11.798  13.683  -8.351  1.00 2.42  ? 96  HIS A CA  1 
ATOM   589  C C   . HIS A 1 74  ? 10.587  14.503  -8.760  1.00 3.66  ? 96  HIS A C   1 
ATOM   590  O O   . HIS A 1 74  ? 9.466   13.990  -8.803  1.00 4.54  ? 96  HIS A O   1 
ATOM   591  C CB  . HIS A 1 74  ? 12.184  12.710  -9.476  1.00 2.00  ? 96  HIS A CB  1 
ATOM   592  C CG  . HIS A 1 74  ? 13.360  11.849  -9.142  1.00 4.26  ? 96  HIS A CG  1 
ATOM   593  N ND1 . HIS A 1 74  ? 13.242  10.551  -8.678  1.00 5.09  ? 96  HIS A ND1 1 
ATOM   594  C CD2 . HIS A 1 74  ? 14.689  12.112  -9.181  1.00 7.53  ? 96  HIS A CD2 1 
ATOM   595  C CE1 . HIS A 1 74  ? 14.439  10.065  -8.416  1.00 6.44  ? 96  HIS A CE1 1 
ATOM   596  N NE2 . HIS A 1 74  ? 15.335  10.994  -8.719  1.00 5.36  ? 96  HIS A NE2 1 
ATOM   597  N N   . PRO A 1 75  ? 10.774  15.792  -9.073  1.00 2.14  ? 97  PRO A N   1 
ATOM   598  C CA  . PRO A 1 75  ? 9.657   16.621  -9.549  1.00 3.14  ? 97  PRO A CA  1 
ATOM   599  C C   . PRO A 1 75  ? 9.080   16.056  -10.828 1.00 4.31  ? 97  PRO A C   1 
ATOM   600  O O   . PRO A 1 75  ? 9.819   15.780  -11.791 1.00 6.01  ? 97  PRO A O   1 
ATOM   601  C CB  . PRO A 1 75  ? 10.308  17.989  -9.863  1.00 2.86  ? 97  PRO A CB  1 
ATOM   602  C CG  . PRO A 1 75  ? 11.599  17.975  -9.172  1.00 3.21  ? 97  PRO A CG  1 
ATOM   603  C CD  . PRO A 1 75  ? 12.035  16.550  -8.943  1.00 3.36  ? 97  PRO A CD  1 
ATOM   604  N N   . ASN A 1 76  ? 7.767   15.838  -10.825 1.00 4.52  ? 98  ASN A N   1 
ATOM   605  C CA  . ASN A 1 76  ? 7.074   15.461  -12.050 1.00 5.25  ? 98  ASN A CA  1 
ATOM   606  C C   . ASN A 1 76  ? 5.759   16.223  -12.096 1.00 5.64  ? 98  ASN A C   1 
ATOM   607  O O   . ASN A 1 76  ? 5.002   16.264  -11.088 1.00 5.38  ? 98  ASN A O   1 
ATOM   608  C CB  . ASN A 1 76  ? 6.825   13.945  -12.048 1.00 6.00  ? 98  ASN A CB  1 
ATOM   609  C CG  . ASN A 1 76  ? 6.272   13.403  -13.359 1.00 9.68  ? 98  ASN A CG  1 
ATOM   610  O OD1 . ASN A 1 76  ? 5.479   14.031  -14.034 1.00 13.07 ? 98  ASN A OD1 1 
ATOM   611  N ND2 . ASN A 1 76  ? 6.637   12.171  -13.671 1.00 15.69 ? 98  ASN A ND2 1 
ATOM   612  N N   . ALA A 1 77  ? 5.503   16.853  -13.247 1.00 5.79  ? 99  ALA A N   1 
ATOM   613  C CA  . ALA A 1 77  ? 4.322   17.701  -13.404 1.00 6.82  ? 99  ALA A CA  1 
ATOM   614  C C   . ALA A 1 77  ? 2.997   16.980  -13.205 1.00 6.44  ? 99  ALA A C   1 
ATOM   615  O O   . ALA A 1 77  ? 2.046   17.592  -12.732 1.00 9.11  ? 99  ALA A O   1 
ATOM   616  C CB  . ALA A 1 77  ? 4.324   18.375  -14.734 1.00 7.48  ? 99  ALA A CB  1 
ATOM   617  N N   . ILE A 1 78  ? 2.944   15.711  -13.569 1.00 6.65  ? 100 ILE A N   1 
ATOM   618  C CA  . ILE A 1 78  ? 1.683   14.937  -13.430 1.00 6.87  ? 100 ILE A CA  1 
ATOM   619  C C   . ILE A 1 78  ? 1.640   14.071  -12.172 1.00 5.54  ? 100 ILE A C   1 
ATOM   620  O O   . ILE A 1 78  ? 0.730   13.231  -12.027 1.00 5.28  ? 100 ILE A O   1 
ATOM   621  C CB  . ILE A 1 78  ? 1.365   14.061  -14.691 1.00 6.57  ? 100 ILE A CB  1 
ATOM   622  C CG1 . ILE A 1 78  ? 2.492   13.079  -14.975 1.00 8.84  ? 100 ILE A CG1 1 
ATOM   623  C CG2 . ILE A 1 78  ? 1.048   14.934  -15.923 1.00 9.53  ? 100 ILE A CG2 1 
ATOM   624  C CD1 . ILE A 1 78  ? 2.167   12.102  -16.095 1.00 9.74  ? 100 ILE A CD1 1 
ATOM   625  N N   . CYS A 1 79  ? 2.638   14.214  -11.293 1.00 3.56  ? 101 CYS A N   1 
ATOM   626  C CA  . CYS A 1 79  ? 2.641   13.500  -10.009 1.00 2.57  ? 101 CYS A CA  1 
ATOM   627  C C   . CYS A 1 79  ? 2.752   14.515  -8.866  1.00 2.83  ? 101 CYS A C   1 
ATOM   628  O O   . CYS A 1 79  ? 3.834   15.109  -8.636  1.00 4.05  ? 101 CYS A O   1 
ATOM   629  C CB  . CYS A 1 79  ? 3.797   12.473  -9.931  1.00 2.00  ? 101 CYS A CB  1 
ATOM   630  S SG  . CYS A 1 79  ? 3.871   11.282  -11.235 1.00 4.13  ? 101 CYS A SG  1 
ATOM   631  N N   . ALA A 1 80  ? 1.640   14.710  -8.151  1.00 2.89  ? 102 ALA A N   1 
ATOM   632  C CA  . ALA A 1 80  ? 1.581   15.628  -7.010  1.00 2.65  ? 102 ALA A CA  1 
ATOM   633  C C   . ALA A 1 80  ? 2.007   17.055  -7.438  1.00 3.37  ? 102 ALA A C   1 
ATOM   634  O O   . ALA A 1 80  ? 2.645   17.752  -6.679  1.00 4.50  ? 102 ALA A O   1 
ATOM   635  C CB  . ALA A 1 80  ? 2.484   15.127  -5.898  1.00 2.00  ? 102 ALA A CB  1 
ATOM   636  N N   . ALA A 1 81  ? 1.633   17.444  -8.665  1.00 5.19  ? 103 ALA A N   1 
ATOM   637  C CA  . ALA A 1 81  ? 1.682   18.848  -9.102  1.00 5.55  ? 103 ALA A CA  1 
ATOM   638  C C   . ALA A 1 81  ? 3.126   19.373  -8.973  1.00 5.13  ? 103 ALA A C   1 
ATOM   639  O O   . ALA A 1 81  ? 3.378   20.489  -8.470  1.00 7.36  ? 103 ALA A O   1 
ATOM   640  C CB  . ALA A 1 81  ? 0.684   19.696  -8.280  1.00 6.09  ? 103 ALA A CB  1 
ATOM   641  N N   . ASN A 1 82  ? 4.060   18.492  -9.324  1.00 5.23  ? 104 ASN A N   1 
ATOM   642  C CA  . ASN A 1 82  ? 5.494   18.764  -9.362  1.00 4.42  ? 104 ASN A CA  1 
ATOM   643  C C   . ASN A 1 82  ? 6.161   18.961  -7.974  1.00 3.88  ? 104 ASN A C   1 
ATOM   644  O O   . ASN A 1 82  ? 7.309   19.437  -7.839  1.00 4.84  ? 104 ASN A O   1 
ATOM   645  C CB  . ASN A 1 82  ? 5.738   19.961  -10.294 1.00 5.06  ? 104 ASN A CB  1 
ATOM   646  C CG  . ASN A 1 82  ? 7.021   19.870  -10.997 1.00 3.45  ? 104 ASN A CG  1 
ATOM   647  O OD1 . ASN A 1 82  ? 7.315   18.874  -11.673 1.00 6.71  ? 104 ASN A OD1 1 
ATOM   648  N ND2 . ASN A 1 82  ? 7.804   20.963  -10.943 1.00 11.13 ? 104 ASN A ND2 1 
ATOM   649  N N   . HIS A 1 83  ? 5.463   18.572  -6.909  1.00 4.23  ? 105 HIS A N   1 
ATOM   650  C CA  . HIS A 1 83  ? 6.048   18.727  -5.584  1.00 3.22  ? 105 HIS A CA  1 
ATOM   651  C C   . HIS A 1 83  ? 7.054   17.613  -5.294  1.00 2.32  ? 105 HIS A C   1 
ATOM   652  O O   . HIS A 1 83  ? 7.037   16.553  -5.947  1.00 2.00  ? 105 HIS A O   1 
ATOM   653  C CB  . HIS A 1 83  ? 4.958   18.734  -4.528  1.00 3.59  ? 105 HIS A CB  1 
ATOM   654  C CG  . HIS A 1 83  ? 4.194   20.026  -4.458  1.00 4.35  ? 105 HIS A CG  1 
ATOM   655  N ND1 . HIS A 1 83  ? 3.009   20.228  -5.130  1.00 10.44 ? 105 HIS A ND1 1 
ATOM   656  C CD2 . HIS A 1 83  ? 4.466   21.188  -3.821  1.00 9.29  ? 105 HIS A CD2 1 
ATOM   657  C CE1 . HIS A 1 83  ? 2.572   21.452  -4.897  1.00 7.94  ? 105 HIS A CE1 1 
ATOM   658  N NE2 . HIS A 1 83  ? 3.434   22.053  -4.099  1.00 7.79  ? 105 HIS A NE2 1 
ATOM   659  N N   . THR A 1 84  ? 7.922   17.859  -4.335  1.00 2.00  ? 106 THR A N   1 
ATOM   660  C CA  . THR A 1 84  ? 8.791   16.809  -3.777  1.00 2.00  ? 106 THR A CA  1 
ATOM   661  C C   . THR A 1 84  ? 8.534   16.727  -2.278  1.00 2.00  ? 106 THR A C   1 
ATOM   662  O O   . THR A 1 84  ? 7.993   17.633  -1.666  1.00 2.00  ? 106 THR A O   1 
ATOM   663  C CB  . THR A 1 84  ? 10.334  17.059  -4.034  1.00 2.00  ? 106 THR A CB  1 
ATOM   664  O OG1 . THR A 1 84  ? 10.747  18.141  -3.199  1.00 2.65  ? 106 THR A OG1 1 
ATOM   665  C CG2 . THR A 1 84  ? 10.638  17.310  -5.525  1.00 3.39  ? 106 THR A CG2 1 
ATOM   666  N N   . GLY A 1 85  ? 8.937   15.617  -1.685  1.00 2.00  ? 107 GLY A N   1 
ATOM   667  C CA  . GLY A 1 85  ? 8.699   15.346  -0.280  1.00 2.00  ? 107 GLY A CA  1 
ATOM   668  C C   . GLY A 1 85  ? 7.441   14.517  -0.153  1.00 2.00  ? 107 GLY A C   1 
ATOM   669  O O   . GLY A 1 85  ? 6.935   13.984  -1.135  1.00 2.00  ? 107 GLY A O   1 
ATOM   670  N N   . VAL A 1 86  ? 6.943   14.391  1.067   1.00 2.00  ? 108 VAL A N   1 
ATOM   671  C CA  . VAL A 1 86  ? 5.689   13.695  1.263   1.00 2.00  ? 108 VAL A CA  1 
ATOM   672  C C   . VAL A 1 86  ? 4.528   14.664  1.009   1.00 2.00  ? 108 VAL A C   1 
ATOM   673  O O   . VAL A 1 86  ? 4.172   15.456  1.904   1.00 2.00  ? 108 VAL A O   1 
ATOM   674  C CB  . VAL A 1 86  ? 5.587   13.065  2.662   1.00 2.00  ? 108 VAL A CB  1 
ATOM   675  C CG1 . VAL A 1 86  ? 4.244   12.315  2.797   1.00 2.00  ? 108 VAL A CG1 1 
ATOM   676  C CG2 . VAL A 1 86  ? 6.770   12.142  3.003   1.00 2.00  ? 108 VAL A CG2 1 
ATOM   677  N N   . TYR A 1 87  ? 3.964   14.618  -0.197  1.00 2.00  ? 109 TYR A N   1 
ATOM   678  C CA  . TYR A 1 87  ? 2.887   15.542  -0.590  1.00 2.00  ? 109 TYR A CA  1 
ATOM   679  C C   . TYR A 1 87  ? 1.574   15.114  0.066   1.00 2.00  ? 109 TYR A C   1 
ATOM   680  O O   . TYR A 1 87  ? 1.194   13.966  -0.030  1.00 2.00  ? 109 TYR A O   1 
ATOM   681  C CB  . TYR A 1 87  ? 2.741   15.571  -2.102  1.00 2.00  ? 109 TYR A CB  1 
ATOM   682  C CG  . TYR A 1 87  ? 1.597   16.433  -2.592  1.00 2.00  ? 109 TYR A CG  1 
ATOM   683  C CD1 . TYR A 1 87  ? 1.766   17.812  -2.729  1.00 2.28  ? 109 TYR A CD1 1 
ATOM   684  C CD2 . TYR A 1 87  ? 0.395   15.863  -2.965  1.00 3.47  ? 109 TYR A CD2 1 
ATOM   685  C CE1 . TYR A 1 87  ? 0.697   18.627  -3.207  1.00 5.30  ? 109 TYR A CE1 1 
ATOM   686  C CE2 . TYR A 1 87  ? -0.679  16.660  -3.433  1.00 6.35  ? 109 TYR A CE2 1 
ATOM   687  C CZ  . TYR A 1 87  ? -0.497  18.022  -3.565  1.00 7.81  ? 109 TYR A CZ  1 
ATOM   688  O OH  . TYR A 1 87  ? -1.517  18.814  -4.017  1.00 12.15 ? 109 TYR A OH  1 
ATOM   689  N N   . ILE A 1 88  ? 0.924   16.053  0.741   1.00 2.00  ? 110 ILE A N   1 
ATOM   690  C CA  . ILE A 1 88  ? -0.321  15.750  1.443   1.00 2.00  ? 110 ILE A CA  1 
ATOM   691  C C   . ILE A 1 88  ? -1.505  16.267  0.639   1.00 2.00  ? 110 ILE A C   1 
ATOM   692  O O   . ILE A 1 88  ? -1.566  17.454  0.267   1.00 2.00  ? 110 ILE A O   1 
ATOM   693  C CB  . ILE A 1 88  ? -0.305  16.361  2.851   1.00 2.00  ? 110 ILE A CB  1 
ATOM   694  C CG1 . ILE A 1 88  ? 0.907   15.849  3.654   1.00 2.00  ? 110 ILE A CG1 1 
ATOM   695  C CG2 . ILE A 1 88  ? -1.638  16.091  3.579   1.00 2.00  ? 110 ILE A CG2 1 
ATOM   696  C CD1 . ILE A 1 88  ? 1.124   16.584  4.963   1.00 2.00  ? 110 ILE A CD1 1 
ATOM   697  N N   . LEU A 1 89  ? -2.426  15.357  0.336   1.00 2.00  ? 111 LEU A N   1 
ATOM   698  C CA  . LEU A 1 89  ? -3.685  15.735  -0.305  1.00 2.00  ? 111 LEU A CA  1 
ATOM   699  C C   . LEU A 1 89  ? -4.479  16.598  0.651   1.00 2.00  ? 111 LEU A C   1 
ATOM   700  O O   . LEU A 1 89  ? -4.725  16.212  1.782   1.00 2.00  ? 111 LEU A O   1 
ATOM   701  C CB  . LEU A 1 89  ? -4.484  14.461  -0.674  1.00 2.00  ? 111 LEU A CB  1 
ATOM   702  C CG  . LEU A 1 89  ? -5.861  14.680  -1.352  1.00 2.00  ? 111 LEU A CG  1 
ATOM   703  C CD1 . LEU A 1 89  ? -5.735  15.504  -2.597  1.00 2.00  ? 111 LEU A CD1 1 
ATOM   704  C CD2 . LEU A 1 89  ? -6.493  13.328  -1.658  1.00 2.00  ? 111 LEU A CD2 1 
ATOM   705  N N   . VAL A 1 90  ? -4.869  17.787  0.185   1.00 2.00  ? 112 VAL A N   1 
ATOM   706  C CA  . VAL A 1 90  ? -5.603  18.713  1.062   1.00 2.00  ? 112 VAL A CA  1 
ATOM   707  C C   . VAL A 1 90  ? -7.101  18.681  0.732   1.00 2.00  ? 112 VAL A C   1 
ATOM   708  O O   . VAL A 1 90  ? -7.926  18.402  1.599   1.00 2.00  ? 112 VAL A O   1 
ATOM   709  C CB  . VAL A 1 90  ? -5.010  20.140  0.941   1.00 2.00  ? 112 VAL A CB  1 
ATOM   710  C CG1 . VAL A 1 90  ? -5.786  21.105  1.809   1.00 2.00  ? 112 VAL A CG1 1 
ATOM   711  C CG2 . VAL A 1 90  ? -3.554  20.153  1.454   1.00 2.00  ? 112 VAL A CG2 1 
ATOM   712  N N   . THR A 1 91  ? -7.429  18.887  -0.540  1.00 2.00  ? 113 THR A N   1 
ATOM   713  C CA  . THR A 1 91  ? -8.839  19.073  -0.935  1.00 2.00  ? 113 THR A CA  1 
ATOM   714  C C   . THR A 1 91  ? -9.260  18.007  -1.939  1.00 2.00  ? 113 THR A C   1 
ATOM   715  O O   . THR A 1 91  ? -8.729  17.926  -3.078  1.00 2.00  ? 113 THR A O   1 
ATOM   716  C CB  . THR A 1 91  ? -9.071  20.471  -1.571  1.00 2.00  ? 113 THR A CB  1 
ATOM   717  O OG1 . THR A 1 91  ? -8.683  21.499  -0.653  1.00 2.00  ? 113 THR A OG1 1 
ATOM   718  C CG2 . THR A 1 91  ? -10.571 20.640  -1.888  1.00 2.00  ? 113 THR A CG2 1 
ATOM   719  N N   . SER A 1 92  ? -10.240 17.211  -1.532  1.00 2.00  ? 114 SER A N   1 
ATOM   720  C CA  . SER A 1 92  ? -10.809 16.182  -2.411  1.00 2.00  ? 114 SER A CA  1 
ATOM   721  C C   . SER A 1 92  ? -12.263 15.941  -2.051  1.00 2.00  ? 114 SER A C   1 
ATOM   722  O O   . SER A 1 92  ? -12.618 15.943  -0.872  1.00 2.00  ? 114 SER A O   1 
ATOM   723  C CB  . SER A 1 92  ? -10.040 14.888  -2.222  1.00 2.00  ? 114 SER A CB  1 
ATOM   724  O OG  . SER A 1 92  ? -10.525 13.889  -3.098  1.00 2.00  ? 114 SER A OG  1 
ATOM   725  N N   . ASN A 1 93  ? -13.102 15.695  -3.048  1.00 2.00  ? 115 ASN A N   1 
ATOM   726  C CA  . ASN A 1 93  ? -14.481 15.290  -2.758  1.00 2.00  ? 115 ASN A CA  1 
ATOM   727  C C   . ASN A 1 93  ? -14.601 13.849  -2.262  1.00 2.00  ? 115 ASN A C   1 
ATOM   728  O O   . ASN A 1 93  ? -15.613 13.501  -1.690  1.00 2.00  ? 115 ASN A O   1 
ATOM   729  C CB  . ASN A 1 93  ? -15.364 15.331  -4.022  1.00 2.00  ? 115 ASN A CB  1 
ATOM   730  C CG  . ASN A 1 93  ? -15.765 16.754  -4.490  1.00 2.00  ? 115 ASN A CG  1 
ATOM   731  O OD1 . ASN A 1 93  ? -15.705 17.751  -3.756  1.00 2.00  ? 115 ASN A OD1 1 
ATOM   732  N ND2 . ASN A 1 93  ? -16.203 16.820  -5.728  1.00 2.00  ? 115 ASN A ND2 1 
ATOM   733  N N   . THR A 1 94  ? -13.609 12.992  -2.563  1.00 2.00  ? 116 THR A N   1 
ATOM   734  C CA  . THR A 1 94  ? -13.840 11.545  -2.623  1.00 2.00  ? 116 THR A CA  1 
ATOM   735  C C   . THR A 1 94  ? -13.036 10.805  -1.577  1.00 2.00  ? 116 THR A C   1 
ATOM   736  O O   . THR A 1 94  ? -12.117 11.358  -0.977  1.00 2.00  ? 116 THR A O   1 
ATOM   737  C CB  . THR A 1 94  ? -13.522 10.999  -4.026  1.00 2.00  ? 116 THR A CB  1 
ATOM   738  O OG1 . THR A 1 94  ? -12.179 11.350  -4.357  1.00 2.00  ? 116 THR A OG1 1 
ATOM   739  C CG2 . THR A 1 94  ? -14.477 11.630  -5.062  1.00 2.00  ? 116 THR A CG2 1 
ATOM   740  N N   . SER A 1 95  ? -13.466 9.557   -1.321  1.00 2.00  ? 117 SER A N   1 
ATOM   741  C CA  . SER A 1 95  ? -12.986 8.845   -0.161  1.00 2.00  ? 117 SER A CA  1 
ATOM   742  C C   . SER A 1 95  ? -12.132 7.617   -0.440  1.00 2.00  ? 117 SER A C   1 
ATOM   743  O O   . SER A 1 95  ? -11.675 6.970   0.509   1.00 2.00  ? 117 SER A O   1 
ATOM   744  C CB  . SER A 1 95  ? -14.187 8.375   0.661   1.00 2.00  ? 117 SER A CB  1 
ATOM   745  O OG  . SER A 1 95  ? -15.013 7.534   -0.126  1.00 2.00  ? 117 SER A OG  1 
ATOM   746  N N   . HIS A 1 96  ? -11.953 7.259   -1.700  1.00 2.00  ? 118 HIS A N   1 
ATOM   747  C CA  . HIS A 1 96  ? -11.300 5.966   -2.018  1.00 2.00  ? 118 HIS A CA  1 
ATOM   748  C C   . HIS A 1 96  ? -9.972  6.185   -2.705  1.00 2.00  ? 118 HIS A C   1 
ATOM   749  O O   . HIS A 1 96  ? -9.903  6.881   -3.692  1.00 2.00  ? 118 HIS A O   1 
ATOM   750  C CB  . HIS A 1 96  ? -12.224 5.070   -2.863  1.00 2.00  ? 118 HIS A CB  1 
ATOM   751  C CG  . HIS A 1 96  ? -13.282 4.384   -2.049  1.00 2.00  ? 118 HIS A CG  1 
ATOM   752  N ND1 . HIS A 1 96  ? -14.020 5.021   -1.075  1.00 2.00  ? 118 HIS A ND1 1 
ATOM   753  C CD2 . HIS A 1 96  ? -13.738 3.107   -2.076  1.00 2.88  ? 118 HIS A CD2 1 
ATOM   754  C CE1 . HIS A 1 96  ? -14.864 4.164   -0.519  1.00 2.00  ? 118 HIS A CE1 1 
ATOM   755  N NE2 . HIS A 1 96  ? -14.704 2.992   -1.101  1.00 2.00  ? 118 HIS A NE2 1 
ATOM   756  N N   . TYR A 1 97  ? -8.927  5.544   -2.176  1.00 2.00  ? 119 TYR A N   1 
ATOM   757  C CA  . TYR A 1 97  ? -7.553  5.765   -2.692  1.00 2.00  ? 119 TYR A CA  1 
ATOM   758  C C   . TYR A 1 97  ? -6.832  4.434   -2.720  1.00 2.00  ? 119 TYR A C   1 
ATOM   759  O O   . TYR A 1 97  ? -7.463  3.383   -2.610  1.00 2.00  ? 119 TYR A O   1 
ATOM   760  C CB  . TYR A 1 97  ? -6.789  6.816   -1.838  1.00 2.00  ? 119 TYR A CB  1 
ATOM   761  C CG  . TYR A 1 97  ? -7.481  8.164   -1.825  1.00 2.00  ? 119 TYR A CG  1 
ATOM   762  C CD1 . TYR A 1 97  ? -7.304  9.085   -2.873  1.00 2.00  ? 119 TYR A CD1 1 
ATOM   763  C CD2 . TYR A 1 97  ? -8.347  8.513   -0.773  1.00 2.00  ? 119 TYR A CD2 1 
ATOM   764  C CE1 . TYR A 1 97  ? -7.961  10.309  -2.854  1.00 2.00  ? 119 TYR A CE1 1 
ATOM   765  C CE2 . TYR A 1 97  ? -9.020  9.777   -0.742  1.00 2.00  ? 119 TYR A CE2 1 
ATOM   766  C CZ  . TYR A 1 97  ? -8.788  10.656  -1.776  1.00 2.00  ? 119 TYR A CZ  1 
ATOM   767  O OH  . TYR A 1 97  ? -9.416  11.878  -1.769  1.00 2.00  ? 119 TYR A OH  1 
ATOM   768  N N   . ASP A 1 98  ? -5.518  4.471   -2.907  1.00 2.00  ? 120 ASP A N   1 
ATOM   769  C CA  . ASP A 1 98  ? -4.694  3.284   -2.630  1.00 2.00  ? 120 ASP A CA  1 
ATOM   770  C C   . ASP A 1 98  ? -4.345  3.311   -1.144  1.00 2.00  ? 120 ASP A C   1 
ATOM   771  O O   . ASP A 1 98  ? -4.833  4.165   -0.397  1.00 2.00  ? 120 ASP A O   1 
ATOM   772  C CB  . ASP A 1 98  ? -3.408  3.326   -3.468  1.00 2.00  ? 120 ASP A CB  1 
ATOM   773  C CG  . ASP A 1 98  ? -3.657  3.288   -4.981  1.00 2.00  ? 120 ASP A CG  1 
ATOM   774  O OD1 . ASP A 1 98  ? -4.759  2.945   -5.500  1.00 2.00  ? 120 ASP A OD1 1 
ATOM   775  O OD2 . ASP A 1 98  ? -2.692  3.670   -5.652  1.00 2.00  ? 120 ASP A OD2 1 
ATOM   776  N N   . THR A 1 99  ? -3.469  2.415   -0.691  1.00 2.00  ? 121 THR A N   1 
ATOM   777  C CA  . THR A 1 99  ? -2.937  2.509   0.664   1.00 2.00  ? 121 THR A CA  1 
ATOM   778  C C   . THR A 1 99  ? -1.438  2.325   0.706   1.00 2.00  ? 121 THR A C   1 
ATOM   779  O O   . THR A 1 99  ? -0.878  1.702   -0.182  1.00 2.00  ? 121 THR A O   1 
ATOM   780  C CB  . THR A 1 99  ? -3.624  1.510   1.668   1.00 2.00  ? 121 THR A CB  1 
ATOM   781  O OG1 . THR A 1 99  ? -3.331  1.940   2.998   1.00 2.00  ? 121 THR A OG1 1 
ATOM   782  C CG2 . THR A 1 99  ? -3.194  0.069   1.494   1.00 2.00  ? 121 THR A CG2 1 
ATOM   783  N N   . TYR A 1 100 ? -0.824  2.892   1.744   1.00 2.00  ? 122 TYR A N   1 
ATOM   784  C CA  . TYR A 1 100 ? 0.539   2.547   2.126   1.00 2.00  ? 122 TYR A CA  1 
ATOM   785  C C   . TYR A 1 100 ? 0.396   1.666   3.333   1.00 2.00  ? 122 TYR A C   1 
ATOM   786  O O   . TYR A 1 100 ? -0.583  1.738   4.041   1.00 2.00  ? 122 TYR A O   1 
ATOM   787  C CB  . TYR A 1 100 ? 1.375   3.819   2.393   1.00 2.00  ? 122 TYR A CB  1 
ATOM   788  C CG  . TYR A 1 100 ? 1.479   4.629   1.143   1.00 2.00  ? 122 TYR A CG  1 
ATOM   789  C CD1 . TYR A 1 100 ? 2.424   4.311   0.175   1.00 2.00  ? 122 TYR A CD1 1 
ATOM   790  C CD2 . TYR A 1 100 ? 0.622   5.689   0.912   1.00 2.00  ? 122 TYR A CD2 1 
ATOM   791  C CE1 . TYR A 1 100 ? 2.539   5.055   -0.992  1.00 2.00  ? 122 TYR A CE1 1 
ATOM   792  C CE2 . TYR A 1 100 ? 0.739   6.460   -0.276  1.00 2.00  ? 122 TYR A CE2 1 
ATOM   793  C CZ  . TYR A 1 100 ? 1.671   6.108   -1.219  1.00 2.00  ? 122 TYR A CZ  1 
ATOM   794  O OH  . TYR A 1 100 ? 1.749   6.789   -2.411  1.00 2.00  ? 122 TYR A OH  1 
ATOM   795  N N   . CYS A 1 101 ? 1.403   0.817   3.518   1.00 2.00  ? 123 CYS A N   1 
ATOM   796  C CA  . CYS A 1 101 ? 1.500   -0.097  4.650   1.00 2.00  ? 123 CYS A CA  1 
ATOM   797  C C   . CYS A 1 101 ? 2.926   -0.107  5.190   1.00 2.00  ? 123 CYS A C   1 
ATOM   798  O O   . CYS A 1 101 ? 3.890   0.197   4.482   1.00 2.00  ? 123 CYS A O   1 
ATOM   799  C CB  . CYS A 1 101 ? 1.110   -1.531  4.240   1.00 2.00  ? 123 CYS A CB  1 
ATOM   800  S SG  . CYS A 1 101 ? -0.636  -1.744  3.756   1.00 2.00  ? 123 CYS A SG  1 
ATOM   801  N N   . PHE A 1 102 ? 3.052   -0.434  6.464   1.00 2.00  ? 124 PHE A N   1 
ATOM   802  C CA  . PHE A 1 102 ? 4.366   -0.501  7.094   1.00 2.00  ? 124 PHE A CA  1 
ATOM   803  C C   . PHE A 1 102 ? 4.577   -1.845  7.802   1.00 2.00  ? 124 PHE A C   1 
ATOM   804  O O   . PHE A 1 102 ? 3.793   -2.186  8.683   1.00 2.00  ? 124 PHE A O   1 
ATOM   805  C CB  . PHE A 1 102 ? 4.524   0.631   8.139   1.00 2.00  ? 124 PHE A CB  1 
ATOM   806  C CG  . PHE A 1 102 ? 5.711   0.445   9.000   1.00 2.00  ? 124 PHE A CG  1 
ATOM   807  C CD1 . PHE A 1 102 ? 6.997   0.522   8.453   1.00 2.00  ? 124 PHE A CD1 1 
ATOM   808  C CD2 . PHE A 1 102 ? 5.559   0.148   10.339  1.00 2.00  ? 124 PHE A CD2 1 
ATOM   809  C CE1 . PHE A 1 102 ? 8.134   0.293   9.233   1.00 2.00  ? 124 PHE A CE1 1 
ATOM   810  C CE2 . PHE A 1 102 ? 6.686   -0.091  11.122  1.00 2.00  ? 124 PHE A CE2 1 
ATOM   811  C CZ  . PHE A 1 102 ? 7.975   0.007   10.576  1.00 2.00  ? 124 PHE A CZ  1 
ATOM   812  N N   A ASN A 1 103 ? 5.616   -2.575  7.374   0.50 2.00  ? 125 ASN A N   1 
ATOM   813  N N   B ASN A 1 103 ? 5.605   -2.591  7.384   0.50 2.00  ? 125 ASN A N   1 
ATOM   814  C CA  A ASN A 1 103 ? 6.021   -3.833  7.988   0.50 2.00  ? 125 ASN A CA  1 
ATOM   815  C CA  B ASN A 1 103 ? 5.952   -3.851  8.029   0.50 2.00  ? 125 ASN A CA  1 
ATOM   816  C C   A ASN A 1 103 ? 7.308   -3.650  8.768   0.50 2.00  ? 125 ASN A C   1 
ATOM   817  C C   B ASN A 1 103 ? 7.283   -3.714  8.761   0.50 2.00  ? 125 ASN A C   1 
ATOM   818  O O   A ASN A 1 103 ? 8.381   -3.462  8.166   0.50 2.00  ? 125 ASN A O   1 
ATOM   819  O O   B ASN A 1 103 ? 8.346   -3.574  8.124   0.50 2.00  ? 125 ASN A O   1 
ATOM   820  C CB  A ASN A 1 103 ? 6.269   -4.920  6.935   0.50 2.00  ? 125 ASN A CB  1 
ATOM   821  C CB  B ASN A 1 103 ? 5.980   -5.020  7.022   0.50 2.00  ? 125 ASN A CB  1 
ATOM   822  C CG  A ASN A 1 103 ? 6.825   -6.196  7.570   0.50 2.00  ? 125 ASN A CG  1 
ATOM   823  C CG  B ASN A 1 103 ? 6.105   -6.371  7.725   0.50 2.00  ? 125 ASN A CG  1 
ATOM   824  O OD1 A ASN A 1 103 ? 6.627   -6.422  8.771   0.50 3.86  ? 125 ASN A OD1 1 
ATOM   825  O OD1 B ASN A 1 103 ? 6.876   -6.491  8.675   0.50 3.84  ? 125 ASN A OD1 1 
ATOM   826  N ND2 A ASN A 1 103 ? 7.520   -7.010  6.794   0.50 2.00  ? 125 ASN A ND2 1 
ATOM   827  N ND2 B ASN A 1 103 ? 5.344   -7.371  7.286   0.50 2.00  ? 125 ASN A ND2 1 
ATOM   828  N N   . ALA A 1 104 ? 7.205   -3.712  10.092  1.00 2.00  ? 126 ALA A N   1 
ATOM   829  C CA  . ALA A 1 104 ? 8.392   -3.538  10.959  1.00 2.00  ? 126 ALA A CA  1 
ATOM   830  C C   . ALA A 1 104 ? 9.486   -4.579  10.799  1.00 2.00  ? 126 ALA A C   1 
ATOM   831  O O   . ALA A 1 104 ? 10.652  -4.275  11.132  1.00 2.00  ? 126 ALA A O   1 
ATOM   832  C CB  . ALA A 1 104 ? 7.991   -3.449  12.436  1.00 2.00  ? 126 ALA A CB  1 
ATOM   833  N N   A SER A 1 105 ? 9.122   -5.751  10.265  0.50 2.00  ? 127 SER A N   1 
ATOM   834  N N   B SER A 1 105 ? 9.158   -5.768  10.289  0.50 2.00  ? 127 SER A N   1 
ATOM   835  C CA  A SER A 1 105 ? 10.057  -6.863  10.095  0.50 2.00  ? 127 SER A CA  1 
ATOM   836  C CA  B SER A 1 105 ? 10.183  -6.806  10.151  0.50 2.00  ? 127 SER A CA  1 
ATOM   837  C C   A SER A 1 105 ? 10.847  -6.819  8.789   0.50 2.00  ? 127 SER A C   1 
ATOM   838  C C   B SER A 1 105 ? 10.885  -6.804  8.794   0.50 2.00  ? 127 SER A C   1 
ATOM   839  O O   A SER A 1 105 ? 11.723  -7.653  8.552   0.50 2.00  ? 127 SER A O   1 
ATOM   840  O O   B SER A 1 105 ? 11.722  -7.664  8.518   0.50 2.00  ? 127 SER A O   1 
ATOM   841  C CB  A SER A 1 105 ? 9.321   -8.194  10.218  0.50 2.00  ? 127 SER A CB  1 
ATOM   842  C CB  B SER A 1 105 ? 9.610   -8.186  10.431  0.50 2.00  ? 127 SER A CB  1 
ATOM   843  O OG  A SER A 1 105 ? 8.736   -8.301  11.504  0.50 2.00  ? 127 SER A OG  1 
ATOM   844  O OG  B SER A 1 105 ? 8.579   -8.451  9.517   0.50 2.00  ? 127 SER A OG  1 
ATOM   845  N N   . ALA A 1 106 ? 10.542  -5.850  7.942   1.00 2.00  ? 128 ALA A N   1 
ATOM   846  C CA  . ALA A 1 106 ? 11.197  -5.703  6.667   1.00 2.00  ? 128 ALA A CA  1 
ATOM   847  C C   . ALA A 1 106 ? 12.637  -5.171  6.833   1.00 2.00  ? 128 ALA A C   1 
ATOM   848  O O   . ALA A 1 106 ? 12.989  -4.680  7.890   1.00 2.00  ? 128 ALA A O   1 
ATOM   849  C CB  . ALA A 1 106 ? 10.346  -4.772  5.757   1.00 2.00  ? 128 ALA A CB  1 
ATOM   850  N N   . PRO A 1 107 ? 13.476  -5.283  5.796   1.00 2.00  ? 129 PRO A N   1 
ATOM   851  C CA  . PRO A 1 107 ? 14.845  -4.707  5.870   1.00 2.00  ? 129 PRO A CA  1 
ATOM   852  C C   . PRO A 1 107 ? 14.841  -3.177  6.081   1.00 2.00  ? 129 PRO A C   1 
ATOM   853  O O   . PRO A 1 107 ? 13.826  -2.508  5.795   1.00 2.00  ? 129 PRO A O   1 
ATOM   854  C CB  . PRO A 1 107 ? 15.453  -5.074  4.494   1.00 2.00  ? 129 PRO A CB  1 
ATOM   855  C CG  . PRO A 1 107 ? 14.697  -6.303  4.089   1.00 2.00  ? 129 PRO A CG  1 
ATOM   856  C CD  . PRO A 1 107 ? 13.272  -6.011  4.520   1.00 2.00  ? 129 PRO A CD  1 
ATOM   857  N N   . PRO A 1 108 ? 15.936  -2.611  6.584   1.00 2.00  ? 130 PRO A N   1 
ATOM   858  C CA  . PRO A 1 108 ? 15.886  -1.186  6.954   1.00 2.00  ? 130 PRO A CA  1 
ATOM   859  C C   . PRO A 1 108 ? 15.904  -0.190  5.809   1.00 2.00  ? 130 PRO A C   1 
ATOM   860  O O   . PRO A 1 108 ? 15.509  0.951   5.999   1.00 2.00  ? 130 PRO A O   1 
ATOM   861  C CB  . PRO A 1 108 ? 17.167  -0.969  7.801   1.00 2.00  ? 130 PRO A CB  1 
ATOM   862  C CG  . PRO A 1 108 ? 18.101  -2.148  7.317   1.00 2.00  ? 130 PRO A CG  1 
ATOM   863  C CD  . PRO A 1 108 ? 17.112  -3.280  7.181   1.00 2.00  ? 130 PRO A CD  1 
ATOM   864  N N   . GLU A 1 109 ? 16.408  -0.584  4.644   1.00 2.00  ? 131 GLU A N   1 
ATOM   865  C CA  . GLU A 1 109 ? 16.571  0.350   3.557   1.00 2.00  ? 131 GLU A CA  1 
ATOM   866  C C   . GLU A 1 109 ? 15.741  -0.119  2.379   1.00 2.00  ? 131 GLU A C   1 
ATOM   867  O O   . GLU A 1 109 ? 14.596  -0.525  2.602   1.00 2.00  ? 131 GLU A O   1 
ATOM   868  C CB  . GLU A 1 109 ? 18.051  0.509   3.302   1.00 2.00  ? 131 GLU A CB  1 
ATOM   869  C CG  . GLU A 1 109 ? 18.724  1.029   4.573   1.00 2.00  ? 131 GLU A CG  1 
ATOM   870  C CD  . GLU A 1 109 ? 20.055  1.602   4.319   1.00 3.78  ? 131 GLU A CD  1 
ATOM   871  O OE1 . GLU A 1 109 ? 20.969  0.773   4.106   1.00 5.43  ? 131 GLU A OE1 1 
ATOM   872  O OE2 . GLU A 1 109 ? 20.189  2.873   4.377   1.00 9.69  ? 131 GLU A OE2 1 
ATOM   873  N N   . GLU A 1 110 ? 16.259  -0.126  1.151   1.00 2.00  ? 132 GLU A N   1 
ATOM   874  C CA  . GLU A 1 110 ? 15.499  -0.570  -0.020  1.00 2.00  ? 132 GLU A CA  1 
ATOM   875  C C   . GLU A 1 110 ? 15.410  -2.089  -0.081  1.00 2.00  ? 132 GLU A C   1 
ATOM   876  O O   . GLU A 1 110 ? 16.431  -2.785  0.025   1.00 2.00  ? 132 GLU A O   1 
ATOM   877  C CB  . GLU A 1 110 ? 16.230  -0.085  -1.258  1.00 2.00  ? 132 GLU A CB  1 
ATOM   878  C CG  . GLU A 1 110 ? 15.450  -0.389  -2.528  1.00 3.02  ? 132 GLU A CG  1 
ATOM   879  C CD  . GLU A 1 110 ? 16.125  0.204   -3.766  1.00 6.85  ? 132 GLU A CD  1 
ATOM   880  O OE1 . GLU A 1 110 ? 17.212  -0.283  -4.138  1.00 9.34  ? 132 GLU A OE1 1 
ATOM   881  O OE2 . GLU A 1 110 ? 15.563  1.135   -4.385  1.00 10.56 ? 132 GLU A OE2 1 
ATOM   882  N N   . ASP A 1 111 ? 14.197  -2.613  -0.145  1.00 2.00  ? 133 ASP A N   1 
ATOM   883  C CA  . ASP A 1 111 ? 14.001  -4.051  -0.379  1.00 2.00  ? 133 ASP A CA  1 
ATOM   884  C C   . ASP A 1 111 ? 13.127  -4.227  -1.603  1.00 2.00  ? 133 ASP A C   1 
ATOM   885  O O   . ASP A 1 111 ? 11.877  -4.128  -1.538  1.00 2.00  ? 133 ASP A O   1 
ATOM   886  C CB  . ASP A 1 111 ? 13.376  -4.722  0.863   1.00 2.00  ? 133 ASP A CB  1 
ATOM   887  C CG  . ASP A 1 111 ? 13.048  -6.170  0.637   1.00 2.00  ? 133 ASP A CG  1 
ATOM   888  O OD1 . ASP A 1 111 ? 13.633  -6.762  -0.317  1.00 2.00  ? 133 ASP A OD1 1 
ATOM   889  O OD2 . ASP A 1 111 ? 12.239  -6.745  1.392   1.00 2.00  ? 133 ASP A OD2 1 
ATOM   890  N N   . CYS A 1 112 ? 13.765  -4.478  -2.733  1.00 2.00  ? 134 CYS A N   1 
ATOM   891  C CA  . CYS A 1 112 ? 13.024  -4.612  -3.972  1.00 2.00  ? 134 CYS A CA  1 
ATOM   892  C C   . CYS A 1 112 ? 12.884  -6.060  -4.370  1.00 2.00  ? 134 CYS A C   1 
ATOM   893  O O   . CYS A 1 112 ? 12.797  -6.363  -5.581  1.00 2.00  ? 134 CYS A O   1 
ATOM   894  C CB  . CYS A 1 112 ? 13.625  -3.758  -5.100  1.00 2.00  ? 134 CYS A CB  1 
ATOM   895  S SG  . CYS A 1 112 ? 13.149  -2.030  -4.998  1.00 2.12  ? 134 CYS A SG  1 
ATOM   896  N N   . THR A 1 113 ? 12.832  -6.951  -3.388  1.00 2.00  ? 135 THR A N   1 
ATOM   897  C CA  . THR A 1 113 ? 12.471  -8.331  -3.624  1.00 2.00  ? 135 THR A CA  1 
ATOM   898  C C   . THR A 1 113 ? 10.969  -8.385  -3.748  1.00 2.00  ? 135 THR A C   1 
ATOM   899  O O   . THR A 1 113 ? 10.274  -7.430  -3.335  1.00 2.00  ? 135 THR A O   1 
ATOM   900  C CB  . THR A 1 113 ? 12.979  -9.248  -2.538  1.00 2.00  ? 135 THR A CB  1 
ATOM   901  O OG1 . THR A 1 113 ? 12.419  -8.850  -1.261  1.00 2.00  ? 135 THR A OG1 1 
ATOM   902  C CG2 . THR A 1 113 ? 14.538  -9.201  -2.524  1.00 2.00  ? 135 THR A CG2 1 
ATOM   903  N N   A SER A 1 114 ? 10.461  -9.461  -4.347  0.50 2.00  ? 136 SER A N   1 
ATOM   904  N N   B SER A 1 114 ? 10.463  -9.472  -4.328  0.50 2.00  ? 136 SER A N   1 
ATOM   905  C CA  A SER A 1 114 ? 9.019   -9.652  -4.473  0.50 2.00  ? 136 SER A CA  1 
ATOM   906  C CA  B SER A 1 114 ? 9.024   -9.662  -4.482  0.50 2.00  ? 136 SER A CA  1 
ATOM   907  C C   A SER A 1 114 ? 8.366   -10.029 -3.160  0.50 2.00  ? 136 SER A C   1 
ATOM   908  C C   B SER A 1 114 ? 8.336   -10.168 -3.227  0.50 2.00  ? 136 SER A C   1 
ATOM   909  O O   A SER A 1 114 ? 9.018   -10.491 -2.233  0.50 2.00  ? 136 SER A O   1 
ATOM   910  O O   B SER A 1 114 ? 8.929   -10.865 -2.402  0.50 2.00  ? 136 SER A O   1 
ATOM   911  C CB  A SER A 1 114 ? 8.708   -10.707 -5.545  0.50 2.00  ? 136 SER A CB  1 
ATOM   912  C CB  B SER A 1 114 ? 8.745   -10.590 -5.675  0.50 2.00  ? 136 SER A CB  1 
ATOM   913  O OG  A SER A 1 114 ? 8.984   -10.241 -6.853  0.50 2.00  ? 136 SER A OG  1 
ATOM   914  O OG  B SER A 1 114 ? 9.517   -11.783 -5.595  0.50 2.00  ? 136 SER A OG  1 
ATOM   915  N N   . VAL A 1 115 ? 7.052   -9.826  -3.110  1.00 2.00  ? 137 VAL A N   1 
ATOM   916  C CA  . VAL A 1 115 ? 6.230   -10.249 -1.993  1.00 2.00  ? 137 VAL A CA  1 
ATOM   917  C C   . VAL A 1 115 ? 5.572   -11.546 -2.439  1.00 2.00  ? 137 VAL A C   1 
ATOM   918  O O   . VAL A 1 115 ? 4.947   -11.620 -3.527  1.00 2.00  ? 137 VAL A O   1 
ATOM   919  C CB  . VAL A 1 115 ? 5.163   -9.187  -1.685  1.00 2.00  ? 137 VAL A CB  1 
ATOM   920  C CG1 . VAL A 1 115 ? 4.260   -9.675  -0.551  1.00 2.00  ? 137 VAL A CG1 1 
ATOM   921  C CG2 . VAL A 1 115 ? 5.785   -7.867  -1.300  1.00 2.00  ? 137 VAL A CG2 1 
ATOM   922  N N   . THR A 1 116 ? 5.660   -12.588 -1.603  1.00 3.37  ? 138 THR A N   1 
ATOM   923  C CA  . THR A 1 116 ? 5.117   -13.897 -1.987  1.00 5.53  ? 138 THR A CA  1 
ATOM   924  C C   . THR A 1 116 ? 4.230   -14.536 -0.936  1.00 5.08  ? 138 THR A C   1 
ATOM   925  O O   . THR A 1 116 ? 4.104   -15.762 -0.919  1.00 6.62  ? 138 THR A O   1 
ATOM   926  C CB  . THR A 1 116 ? 6.208   -14.938 -2.326  1.00 6.58  ? 138 THR A CB  1 
ATOM   927  O OG1 . THR A 1 116 ? 7.305   -14.776 -1.419  1.00 10.03 ? 138 THR A OG1 1 
ATOM   928  C CG2 . THR A 1 116 ? 6.665   -14.825 -3.779  1.00 11.66 ? 138 THR A CG2 1 
ATOM   929  N N   . ASP A 1 117 ? 3.679   -13.746 -0.030  1.00 5.43  ? 139 ASP A N   1 
ATOM   930  C CA  . ASP A 1 117 ? 2.648   -14.251 0.886   1.00 6.22  ? 139 ASP A CA  1 
ATOM   931  C C   . ASP A 1 117 ? 1.769   -13.109 1.322   1.00 5.58  ? 139 ASP A C   1 
ATOM   932  O O   . ASP A 1 117 ? 2.156   -11.935 1.239   1.00 5.28  ? 139 ASP A O   1 
ATOM   933  C CB  . ASP A 1 117 ? 3.255   -14.906 2.130   1.00 7.63  ? 139 ASP A CB  1 
ATOM   934  C CG  . ASP A 1 117 ? 2.235   -15.764 2.950   1.00 9.12  ? 139 ASP A CG  1 
ATOM   935  O OD1 . ASP A 1 117 ? 1.071   -16.089 2.537   1.00 13.00 ? 139 ASP A OD1 1 
ATOM   936  O OD2 . ASP A 1 117 ? 2.640   -16.139 4.062   1.00 18.42 ? 139 ASP A OD2 1 
ATOM   937  N N   . LEU A 1 118 ? 0.566   -13.465 1.746   1.00 4.58  ? 140 LEU A N   1 
ATOM   938  C CA  . LEU A 1 118 ? -0.330  -12.577 2.441   1.00 3.06  ? 140 LEU A CA  1 
ATOM   939  C C   . LEU A 1 118 ? -0.580  -13.258 3.773   1.00 2.98  ? 140 LEU A C   1 
ATOM   940  O O   . LEU A 1 118 ? -1.583  -13.985 3.917   1.00 3.09  ? 140 LEU A O   1 
ATOM   941  C CB  . LEU A 1 118 ? -1.642  -12.410 1.657   1.00 2.52  ? 140 LEU A CB  1 
ATOM   942  C CG  . LEU A 1 118 ? -2.656  -11.375 2.159   1.00 2.00  ? 140 LEU A CG  1 
ATOM   943  C CD1 . LEU A 1 118 ? -2.053  -9.961  2.116   1.00 2.71  ? 140 LEU A CD1 1 
ATOM   944  C CD2 . LEU A 1 118 ? -3.979  -11.453 1.375   1.00 7.22  ? 140 LEU A CD2 1 
ATOM   945  N N   . PRO A 1 119 ? 0.335   -13.055 4.745   1.00 2.25  ? 141 PRO A N   1 
ATOM   946  C CA  . PRO A 1 119 ? 0.485   -13.988 5.868   1.00 2.84  ? 141 PRO A CA  1 
ATOM   947  C C   . PRO A 1 119 ? -0.638  -13.963 6.899   1.00 2.18  ? 141 PRO A C   1 
ATOM   948  O O   . PRO A 1 119 ? -0.807  -14.945 7.641   1.00 3.87  ? 141 PRO A O   1 
ATOM   949  C CB  . PRO A 1 119 ? 1.829   -13.572 6.513   1.00 3.52  ? 141 PRO A CB  1 
ATOM   950  C CG  . PRO A 1 119 ? 2.034   -12.153 6.106   1.00 4.23  ? 141 PRO A CG  1 
ATOM   951  C CD  . PRO A 1 119 ? 1.435   -12.059 4.704   1.00 2.57  ? 141 PRO A CD  1 
ATOM   952  N N   . ASN A 1 120 ? -1.439  -12.902 6.928   1.00 2.00  ? 142 ASN A N   1 
ATOM   953  C CA  . ASN A 1 120 ? -2.443  -12.775 7.984   1.00 2.00  ? 142 ASN A CA  1 
ATOM   954  C C   . ASN A 1 120 ? -3.845  -12.563 7.427   1.00 2.00  ? 142 ASN A C   1 
ATOM   955  O O   . ASN A 1 120 ? -4.722  -12.027 8.105   1.00 2.00  ? 142 ASN A O   1 
ATOM   956  C CB  . ASN A 1 120 ? -2.044  -11.647 8.916   1.00 2.41  ? 142 ASN A CB  1 
ATOM   957  C CG  . ASN A 1 120 ? -2.738  -11.686 10.243  1.00 3.12  ? 142 ASN A CG  1 
ATOM   958  O OD1 . ASN A 1 120 ? -3.007  -12.780 10.826  1.00 4.24  ? 142 ASN A OD1 1 
ATOM   959  N ND2 . ASN A 1 120 ? -3.061  -10.504 10.751  1.00 4.66  ? 142 ASN A ND2 1 
ATOM   960  N N   . SER A 1 121 ? -4.051  -12.997 6.179   1.00 2.00  ? 143 SER A N   1 
ATOM   961  C CA  . SER A 1 121 ? -5.402  -12.992 5.634   1.00 2.00  ? 143 SER A CA  1 
ATOM   962  C C   . SER A 1 121 ? -6.189  -14.072 6.372   1.00 2.00  ? 143 SER A C   1 
ATOM   963  O O   . SER A 1 121 ? -5.596  -14.987 6.919   1.00 2.00  ? 143 SER A O   1 
ATOM   964  C CB  . SER A 1 121 ? -5.376  -13.272 4.146   1.00 2.00  ? 143 SER A CB  1 
ATOM   965  O OG  . SER A 1 121 ? -4.814  -14.542 3.930   1.00 2.00  ? 143 SER A OG  1 
ATOM   966  N N   . PHE A 1 122 ? -7.493  -13.954 6.384   1.00 2.00  ? 144 PHE A N   1 
ATOM   967  C CA  . PHE A 1 122 ? -8.283  -14.954 7.104   1.00 2.00  ? 144 PHE A CA  1 
ATOM   968  C C   . PHE A 1 122 ? -9.068  -15.816 6.115   1.00 2.00  ? 144 PHE A C   1 
ATOM   969  O O   . PHE A 1 122 ? -9.055  -15.581 4.904   1.00 2.00  ? 144 PHE A O   1 
ATOM   970  C CB  . PHE A 1 122 ? -9.107  -14.332 8.254   1.00 2.00  ? 144 PHE A CB  1 
ATOM   971  C CG  . PHE A 1 122 ? -9.972  -13.171 7.858   1.00 3.85  ? 144 PHE A CG  1 
ATOM   972  C CD1 . PHE A 1 122 ? -11.245 -13.387 7.278   1.00 3.84  ? 144 PHE A CD1 1 
ATOM   973  C CD2 . PHE A 1 122 ? -9.580  -11.851 8.138   1.00 3.66  ? 144 PHE A CD2 1 
ATOM   974  C CE1 . PHE A 1 122 ? -12.112 -12.300 6.946   1.00 5.40  ? 144 PHE A CE1 1 
ATOM   975  C CE2 . PHE A 1 122 ? -10.423 -10.768 7.813   1.00 2.77  ? 144 PHE A CE2 1 
ATOM   976  C CZ  . PHE A 1 122 ? -11.693 -11.003 7.218   1.00 4.87  ? 144 PHE A CZ  1 
ATOM   977  N N   . ASP A 1 123 ? -9.737  -16.841 6.631   1.00 2.00  ? 145 ASP A N   1 
ATOM   978  C CA  . ASP A 1 123 ? -10.526 -17.730 5.783   1.00 2.00  ? 145 ASP A CA  1 
ATOM   979  C C   . ASP A 1 123 ? -11.595 -16.929 5.010   1.00 2.00  ? 145 ASP A C   1 
ATOM   980  O O   . ASP A 1 123 ? -12.239 -16.052 5.553   1.00 2.00  ? 145 ASP A O   1 
ATOM   981  C CB  . ASP A 1 123 ? -11.229 -18.773 6.649   1.00 2.00  ? 145 ASP A CB  1 
ATOM   982  C CG  . ASP A 1 123 ? -11.991 -19.763 5.821   1.00 2.00  ? 145 ASP A CG  1 
ATOM   983  O OD1 . ASP A 1 123 ? -11.385 -20.753 5.331   1.00 2.00  ? 145 ASP A OD1 1 
ATOM   984  O OD2 . ASP A 1 123 ? -13.206 -19.560 5.670   1.00 2.69  ? 145 ASP A OD2 1 
ATOM   985  N N   . GLY A 1 124 ? -11.765 -17.263 3.742   1.00 2.00  ? 146 GLY A N   1 
ATOM   986  C CA  . GLY A 1 124 ? -12.745 -16.572 2.936   1.00 2.00  ? 146 GLY A CA  1 
ATOM   987  C C   . GLY A 1 124 ? -12.842 -17.113 1.540   1.00 2.00  ? 146 GLY A C   1 
ATOM   988  O O   . GLY A 1 124 ? -12.046 -17.981 1.174   1.00 2.00  ? 146 GLY A O   1 
ATOM   989  N N   . PRO A 1 125 ? -13.788 -16.570 0.746   1.00 2.00  ? 147 PRO A N   1 
ATOM   990  C CA  . PRO A 1 125 ? -14.100 -17.107 -0.549  1.00 2.00  ? 147 PRO A CA  1 
ATOM   991  C C   . PRO A 1 125 ? -13.375 -16.418 -1.709  1.00 2.00  ? 147 PRO A C   1 
ATOM   992  O O   . PRO A 1 125 ? -13.555 -16.838 -2.872  1.00 2.07  ? 147 PRO A O   1 
ATOM   993  C CB  . PRO A 1 125 ? -15.590 -16.807 -0.667  1.00 2.00  ? 147 PRO A CB  1 
ATOM   994  C CG  . PRO A 1 125 ? -15.743 -15.522 -0.006  1.00 3.24  ? 147 PRO A CG  1 
ATOM   995  C CD  . PRO A 1 125 ? -14.695 -15.467 1.097   1.00 2.24  ? 147 PRO A CD  1 
ATOM   996  N N   . VAL A 1 126 ? -12.599 -15.387 -1.420  1.00 2.00  ? 148 VAL A N   1 
ATOM   997  C CA  . VAL A 1 126 ? -11.999 -14.565 -2.467  1.00 2.00  ? 148 VAL A CA  1 
ATOM   998  C C   . VAL A 1 126 ? -10.659 -15.113 -2.934  1.00 2.00  ? 148 VAL A C   1 
ATOM   999  O O   . VAL A 1 126 ? -9.784  -15.432 -2.113  1.00 2.00  ? 148 VAL A O   1 
ATOM   1000 C CB  . VAL A 1 126 ? -11.868 -13.075 -2.011  1.00 2.00  ? 148 VAL A CB  1 
ATOM   1001 C CG1 . VAL A 1 126 ? -11.331 -12.182 -3.166  1.00 2.00  ? 148 VAL A CG1 1 
ATOM   1002 C CG2 . VAL A 1 126 ? -13.213 -12.547 -1.428  1.00 2.00  ? 148 VAL A CG2 1 
ATOM   1003 N N   . THR A 1 127 ? -10.454 -15.152 -4.252  1.00 2.00  ? 149 THR A N   1 
ATOM   1004 C CA  . THR A 1 127 ? -9.130  -15.425 -4.805  1.00 2.00  ? 149 THR A CA  1 
ATOM   1005 C C   . THR A 1 127 ? -8.353  -14.121 -4.764  1.00 2.00  ? 149 THR A C   1 
ATOM   1006 O O   . THR A 1 127 ? -8.622  -13.218 -5.541  1.00 2.00  ? 149 THR A O   1 
ATOM   1007 C CB  . THR A 1 127 ? -9.201  -15.967 -6.252  1.00 2.00  ? 149 THR A CB  1 
ATOM   1008 O OG1 . THR A 1 127 ? -9.889  -17.230 -6.199  1.00 3.37  ? 149 THR A OG1 1 
ATOM   1009 C CG2 . THR A 1 127 ? -7.786  -16.187 -6.844  1.00 2.00  ? 149 THR A CG2 1 
ATOM   1010 N N   . ILE A 1 128 ? -7.416  -14.045 -3.835  1.00 2.00  ? 150 ILE A N   1 
ATOM   1011 C CA  . ILE A 1 128 ? -6.585  -12.842 -3.672  1.00 2.00  ? 150 ILE A CA  1 
ATOM   1012 C C   . ILE A 1 128 ? -5.213  -13.045 -4.338  1.00 2.00  ? 150 ILE A C   1 
ATOM   1013 O O   . ILE A 1 128 ? -4.477  -13.961 -3.965  1.00 2.00  ? 150 ILE A O   1 
ATOM   1014 C CB  . ILE A 1 128 ? -6.384  -12.499 -2.165  1.00 2.00  ? 150 ILE A CB  1 
ATOM   1015 C CG1 . ILE A 1 128 ? -7.738  -12.288 -1.461  1.00 2.00  ? 150 ILE A CG1 1 
ATOM   1016 C CG2 . ILE A 1 128 ? -5.548  -11.216 -2.014  1.00 2.00  ? 150 ILE A CG2 1 
ATOM   1017 C CD1 . ILE A 1 128 ? -7.701  -12.329 0.094   1.00 2.00  ? 150 ILE A CD1 1 
ATOM   1018 N N   . THR A 1 129 ? -4.858  -12.197 -5.300  1.00 2.00  ? 151 THR A N   1 
ATOM   1019 C CA  . THR A 1 129 ? -3.575  -12.331 -5.984  1.00 2.00  ? 151 THR A CA  1 
ATOM   1020 C C   . THR A 1 129 ? -2.688  -11.129 -5.678  1.00 2.00  ? 151 THR A C   1 
ATOM   1021 O O   . THR A 1 129 ? -3.064  -9.982  -5.933  1.00 2.00  ? 151 THR A O   1 
ATOM   1022 C CB  . THR A 1 129 ? -3.804  -12.464 -7.519  1.00 2.00  ? 151 THR A CB  1 
ATOM   1023 O OG1 . THR A 1 129 ? -4.628  -13.631 -7.779  1.00 2.00  ? 151 THR A OG1 1 
ATOM   1024 C CG2 . THR A 1 129 ? -2.511  -12.627 -8.287  1.00 2.00  ? 151 THR A CG2 1 
ATOM   1025 N N   A ILE A 1 130 ? -1.517  -11.400 -5.102  0.50 2.00  ? 152 ILE A N   1 
ATOM   1026 N N   B ILE A 1 130 ? -1.519  -11.393 -5.095  0.50 2.00  ? 152 ILE A N   1 
ATOM   1027 C CA  A ILE A 1 130 ? -0.463  -10.393 -4.979  0.50 2.00  ? 152 ILE A CA  1 
ATOM   1028 C CA  B ILE A 1 130 ? -0.483  -10.368 -4.985  0.50 2.00  ? 152 ILE A CA  1 
ATOM   1029 C C   A ILE A 1 130 ? 0.251   -10.270 -6.310  0.50 2.00  ? 152 ILE A C   1 
ATOM   1030 C C   B ILE A 1 130 ? 0.246   -10.266 -6.307  0.50 2.00  ? 152 ILE A C   1 
ATOM   1031 O O   A ILE A 1 130 ? 0.746   -11.258 -6.841  0.50 2.00  ? 152 ILE A O   1 
ATOM   1032 O O   B ILE A 1 130 ? 0.746   -11.259 -6.824  0.50 2.00  ? 152 ILE A O   1 
ATOM   1033 C CB  A ILE A 1 130 ? 0.574   -10.790 -3.916  0.50 2.00  ? 152 ILE A CB  1 
ATOM   1034 C CB  B ILE A 1 130 ? 0.545   -10.696 -3.901  0.50 2.00  ? 152 ILE A CB  1 
ATOM   1035 C CG1 A ILE A 1 130 ? -0.131  -11.249 -2.632  0.50 2.00  ? 152 ILE A CG1 1 
ATOM   1036 C CG1 B ILE A 1 130 ? -0.125  -10.720 -2.522  0.50 2.00  ? 152 ILE A CG1 1 
ATOM   1037 C CG2 A ILE A 1 130 ? 1.560   -9.625  -3.671  0.50 2.00  ? 152 ILE A CG2 1 
ATOM   1038 C CG2 B ILE A 1 130 ? 1.691   -9.667  -3.934  0.50 2.00  ? 152 ILE A CG2 1 
ATOM   1039 C CD1 A ILE A 1 130 ? -1.099  -10.232 -2.087  0.50 2.00  ? 152 ILE A CD1 1 
ATOM   1040 C CD1 B ILE A 1 130 ? 0.735   -11.357 -1.468  0.50 2.00  ? 152 ILE A CD1 1 
ATOM   1041 N N   . VAL A 1 131 ? 0.306   -9.063  -6.852  1.00 2.00  ? 153 VAL A N   1 
ATOM   1042 C CA  . VAL A 1 131 ? 0.971   -8.834  -8.128  1.00 2.00  ? 153 VAL A CA  1 
ATOM   1043 C C   . VAL A 1 131 ? 2.151   -7.912  -7.866  1.00 2.00  ? 153 VAL A C   1 
ATOM   1044 O O   . VAL A 1 131 ? 1.973   -6.760  -7.456  1.00 2.00  ? 153 VAL A O   1 
ATOM   1045 C CB  . VAL A 1 131 ? 0.001   -8.200  -9.174  1.00 2.00  ? 153 VAL A CB  1 
ATOM   1046 C CG1 . VAL A 1 131 ? 0.665   -8.072  -10.561 1.00 2.00  ? 153 VAL A CG1 1 
ATOM   1047 C CG2 . VAL A 1 131 ? -1.272  -9.014  -9.313  1.00 2.00  ? 153 VAL A CG2 1 
ATOM   1048 N N   . ASN A 1 132 ? 3.373   -8.393  -8.089  1.00 2.00  ? 154 ASN A N   1 
ATOM   1049 C CA  . ASN A 1 132 ? 4.561   -7.567  -7.949  1.00 2.00  ? 154 ASN A CA  1 
ATOM   1050 C C   . ASN A 1 132 ? 4.799   -6.775  -9.228  1.00 2.00  ? 154 ASN A C   1 
ATOM   1051 O O   . ASN A 1 132 ? 4.267   -7.105  -10.277 1.00 2.00  ? 154 ASN A O   1 
ATOM   1052 C CB  . ASN A 1 132 ? 5.747   -8.485  -7.604  1.00 2.00  ? 154 ASN A CB  1 
ATOM   1053 C CG  . ASN A 1 132 ? 5.625   -9.036  -6.211  1.00 2.00  ? 154 ASN A CG  1 
ATOM   1054 O OD1 . ASN A 1 132 ? 5.979   -8.364  -5.235  1.00 2.00  ? 154 ASN A OD1 1 
ATOM   1055 N ND2 . ASN A 1 132 ? 5.131   -10.251 -6.108  1.00 2.00  ? 154 ASN A ND2 1 
ATOM   1056 N N   . ARG A 1 133 ? 5.636   -5.748  -9.148  1.00 2.00  ? 155 ARG A N   1 
ATOM   1057 C CA  . ARG A 1 133 ? 5.899   -4.913  -10.315 1.00 2.00  ? 155 ARG A CA  1 
ATOM   1058 C C   . ARG A 1 133 ? 6.630   -5.701  -11.433 1.00 2.00  ? 155 ARG A C   1 
ATOM   1059 O O   . ARG A 1 133 ? 6.435   -5.412  -12.605 1.00 2.00  ? 155 ARG A O   1 
ATOM   1060 C CB  . ARG A 1 133 ? 6.636   -3.616  -9.906  1.00 2.00  ? 155 ARG A CB  1 
ATOM   1061 C CG  . ARG A 1 133 ? 6.951   -2.591  -11.045 1.00 2.00  ? 155 ARG A CG  1 
ATOM   1062 C CD  . ARG A 1 133 ? 5.679   -1.999  -11.676 1.00 2.00  ? 155 ARG A CD  1 
ATOM   1063 N NE  . ARG A 1 133 ? 5.002   -2.930  -12.573 1.00 2.00  ? 155 ARG A NE  1 
ATOM   1064 C CZ  . ARG A 1 133 ? 4.019   -2.603  -13.417 1.00 2.00  ? 155 ARG A CZ  1 
ATOM   1065 N NH1 . ARG A 1 133 ? 3.668   -1.335  -13.579 1.00 2.00  ? 155 ARG A NH1 1 
ATOM   1066 N NH2 . ARG A 1 133 ? 3.460   -3.550  -14.170 1.00 2.00  ? 155 ARG A NH2 1 
ATOM   1067 N N   . ASP A 1 134 ? 7.443   -6.701  -11.057 1.00 2.00  ? 156 ASP A N   1 
ATOM   1068 C CA  . ASP A 1 134 ? 8.087   -7.573  -12.030 1.00 2.00  ? 156 ASP A CA  1 
ATOM   1069 C C   . ASP A 1 134 ? 7.158   -8.660  -12.531 1.00 2.00  ? 156 ASP A C   1 
ATOM   1070 O O   . ASP A 1 134 ? 7.574   -9.478  -13.334 1.00 2.00  ? 156 ASP A O   1 
ATOM   1071 C CB  . ASP A 1 134 ? 9.392   -8.155  -11.443 1.00 2.00  ? 156 ASP A CB  1 
ATOM   1072 C CG  . ASP A 1 134 ? 9.156   -9.233  -10.403 1.00 2.00  ? 156 ASP A CG  1 
ATOM   1073 O OD1 . ASP A 1 134 ? 8.003   -9.578  -10.124 1.00 2.00  ? 156 ASP A OD1 1 
ATOM   1074 O OD2 . ASP A 1 134 ? 10.190  -9.735  -9.887  1.00 2.00  ? 156 ASP A OD2 1 
ATOM   1075 N N   . GLY A 1 135 ? 5.899   -8.636  -12.114 1.00 2.00  ? 157 GLY A N   1 
ATOM   1076 C CA  . GLY A 1 135 ? 4.893   -9.539  -12.656 1.00 2.00  ? 157 GLY A CA  1 
ATOM   1077 C C   . GLY A 1 135 ? 4.697   -10.826 -11.885 1.00 2.00  ? 157 GLY A C   1 
ATOM   1078 O O   . GLY A 1 135 ? 3.701   -11.528 -12.082 1.00 2.00  ? 157 GLY A O   1 
ATOM   1079 N N   A THR A 1 136 ? 5.637   -11.135 -10.987 0.50 2.00  ? 158 THR A N   1 
ATOM   1080 N N   B THR A 1 136 ? 5.621   -11.147 -10.999 0.50 2.00  ? 158 THR A N   1 
ATOM   1081 C CA  A THR A 1 136 ? 5.539   -12.328 -10.138 0.50 2.00  ? 158 THR A CA  1 
ATOM   1082 C CA  B THR A 1 136 ? 5.476   -12.389 -10.272 0.50 2.00  ? 158 THR A CA  1 
ATOM   1083 C C   A THR A 1 136 ? 4.231   -12.303 -9.363  0.50 2.00  ? 158 THR A C   1 
ATOM   1084 C C   B THR A 1 136 ? 4.254   -12.320 -9.370  0.50 2.00  ? 158 THR A C   1 
ATOM   1085 O O   A THR A 1 136 ? 3.880   -11.262 -8.805  0.50 2.00  ? 158 THR A O   1 
ATOM   1086 O O   B THR A 1 136 ? 3.974   -11.280 -8.765  0.50 2.00  ? 158 THR A O   1 
ATOM   1087 C CB  A THR A 1 136 ? 6.704   -12.386 -9.102  0.50 2.00  ? 158 THR A CB  1 
ATOM   1088 C CB  B THR A 1 136 ? 6.749   -12.698 -9.502  0.50 2.00  ? 158 THR A CB  1 
ATOM   1089 O OG1 A THR A 1 136 ? 7.967   -12.201 -9.763  0.50 2.00  ? 158 THR A OG1 1 
ATOM   1090 O OG1 B THR A 1 136 ? 7.022   -11.630 -8.594  0.50 2.00  ? 158 THR A OG1 1 
ATOM   1091 C CG2 A THR A 1 136 ? 6.696   -13.724 -8.330  0.50 2.00  ? 158 THR A CG2 1 
ATOM   1092 C CG2 B THR A 1 136 ? 7.909   -12.831 -10.484 0.50 2.00  ? 158 THR A CG2 1 
ATOM   1093 N N   . ARG A 1 137 ? 3.568   -13.444 -9.253  1.00 2.00  ? 159 ARG A N   1 
ATOM   1094 C CA  . ARG A 1 137 ? 2.271   -13.481 -8.606  1.00 2.00  ? 159 ARG A CA  1 
ATOM   1095 C C   . ARG A 1 137 ? 2.222   -14.552 -7.566  1.00 2.00  ? 159 ARG A C   1 
ATOM   1096 O O   . ARG A 1 137 ? 2.870   -15.588 -7.709  1.00 2.00  ? 159 ARG A O   1 
ATOM   1097 C CB  . ARG A 1 137 ? 1.144   -13.711 -9.614  1.00 2.00  ? 159 ARG A CB  1 
ATOM   1098 C CG  . ARG A 1 137 ? 0.792   -12.439 -10.400 1.00 2.00  ? 159 ARG A CG  1 
ATOM   1099 C CD  . ARG A 1 137 ? -0.093  -12.811 -11.600 1.00 2.00  ? 159 ARG A CD  1 
ATOM   1100 N NE  . ARG A 1 137 ? -0.778  -11.665 -12.171 1.00 2.00  ? 159 ARG A NE  1 
ATOM   1101 C CZ  . ARG A 1 137 ? -0.247  -10.776 -12.994 1.00 2.00  ? 159 ARG A CZ  1 
ATOM   1102 N NH1 . ARG A 1 137 ? 1.064   -10.835 -13.370 1.00 2.62  ? 159 ARG A NH1 1 
ATOM   1103 N NH2 . ARG A 1 137 ? -1.060  -9.789  -13.445 1.00 2.00  ? 159 ARG A NH2 1 
ATOM   1104 N N   . TYR A 1 138 ? 1.470   -14.259 -6.512  1.00 2.00  ? 160 TYR A N   1 
ATOM   1105 C CA  . TYR A 1 138 ? 1.126   -15.253 -5.520  1.00 2.00  ? 160 TYR A CA  1 
ATOM   1106 C C   . TYR A 1 138 ? -0.363  -15.146 -5.232  1.00 2.00  ? 160 TYR A C   1 
ATOM   1107 O O   . TYR A 1 138 ? -0.884  -14.033 -4.957  1.00 2.00  ? 160 TYR A O   1 
ATOM   1108 C CB  . TYR A 1 138 ? 1.961   -15.036 -4.247  1.00 2.00  ? 160 TYR A CB  1 
ATOM   1109 C CG  . TYR A 1 138 ? 1.434   -15.758 -3.049  1.00 2.62  ? 160 TYR A CG  1 
ATOM   1110 C CD1 . TYR A 1 138 ? 1.759   -17.094 -2.829  1.00 5.26  ? 160 TYR A CD1 1 
ATOM   1111 C CD2 . TYR A 1 138 ? 0.576   -15.120 -2.150  1.00 4.29  ? 160 TYR A CD2 1 
ATOM   1112 C CE1 . TYR A 1 138 ? 1.241   -17.796 -1.718  1.00 4.60  ? 160 TYR A CE1 1 
ATOM   1113 C CE2 . TYR A 1 138 ? 0.043   -15.811 -1.058  1.00 3.38  ? 160 TYR A CE2 1 
ATOM   1114 C CZ  . TYR A 1 138 ? 0.398   -17.137 -0.844  1.00 2.00  ? 160 TYR A CZ  1 
ATOM   1115 O OH  . TYR A 1 138 ? -0.106  -17.811 0.235   1.00 2.00  ? 160 TYR A OH  1 
ATOM   1116 N N   . SER A 1 139 ? -1.030  -16.284 -5.211  1.00 2.00  ? 161 SER A N   1 
ATOM   1117 C CA  . SER A 1 139 ? -2.449  -16.281 -4.977  1.00 2.00  ? 161 SER A CA  1 
ATOM   1118 C C   . SER A 1 139 ? -2.852  -17.158 -3.789  1.00 2.00  ? 161 SER A C   1 
ATOM   1119 O O   . SER A 1 139 ? -2.228  -18.184 -3.512  1.00 2.00  ? 161 SER A O   1 
ATOM   1120 C CB  . SER A 1 139 ? -3.189  -16.833 -6.191  1.00 2.00  ? 161 SER A CB  1 
ATOM   1121 O OG  . SER A 1 139 ? -3.147  -15.938 -7.280  1.00 5.92  ? 161 SER A OG  1 
ATOM   1122 N N   . LYS A 1 140 ? -3.940  -16.769 -3.135  1.00 2.00  ? 162 LYS A N   1 
ATOM   1123 C CA  . LYS A 1 140 ? -4.499  -17.581 -2.054  1.00 2.02  ? 162 LYS A CA  1 
ATOM   1124 C C   . LYS A 1 140 ? -5.974  -17.256 -1.950  1.00 2.00  ? 162 LYS A C   1 
ATOM   1125 O O   . LYS A 1 140 ? -6.420  -16.145 -2.291  1.00 2.27  ? 162 LYS A O   1 
ATOM   1126 C CB  . LYS A 1 140 ? -3.826  -17.282 -0.726  1.00 3.04  ? 162 LYS A CB  1 
ATOM   1127 C CG  . LYS A 1 140 ? -4.011  -15.910 -0.156  1.00 4.19  ? 162 LYS A CG  1 
ATOM   1128 C CD  . LYS A 1 140 ? -3.190  -15.719 1.131   1.00 5.30  ? 162 LYS A CD  1 
ATOM   1129 C CE  . LYS A 1 140 ? -3.293  -16.851 2.153   1.00 2.00  ? 162 LYS A CE  1 
ATOM   1130 N NZ  . LYS A 1 140 ? -2.533  -16.570 3.430   1.00 5.91  ? 162 LYS A NZ  1 
ATOM   1131 N N   . LYS A 1 141 ? -6.741  -18.229 -1.471  1.00 2.00  ? 163 LYS A N   1 
ATOM   1132 C CA  . LYS A 1 141 ? -8.130  -18.037 -1.184  1.00 2.00  ? 163 LYS A CA  1 
ATOM   1133 C C   . LYS A 1 141 ? -8.237  -17.489 0.220   1.00 2.00  ? 163 LYS A C   1 
ATOM   1134 O O   . LYS A 1 141 ? -7.625  -18.015 1.163   1.00 2.00  ? 163 LYS A O   1 
ATOM   1135 C CB  . LYS A 1 141 ? -8.929  -19.333 -1.325  1.00 2.21  ? 163 LYS A CB  1 
ATOM   1136 C CG  . LYS A 1 141 ? -10.395 -19.147 -1.195  1.00 6.69  ? 163 LYS A CG  1 
ATOM   1137 C CD  . LYS A 1 141 ? -11.229 -20.452 -1.365  1.00 8.76  ? 163 LYS A CD  1 
ATOM   1138 C CE  . LYS A 1 141 ? -11.226 -21.358 -0.093  1.00 11.60 ? 163 LYS A CE  1 
ATOM   1139 N NZ  . LYS A 1 141 ? -11.855 -20.794 1.205   1.00 9.69  ? 163 LYS A NZ  1 
ATOM   1140 N N   . GLY A 1 142 ? -9.012  -16.433 0.360   1.00 2.00  ? 164 GLY A N   1 
ATOM   1141 C CA  . GLY A 1 142 ? -9.209  -15.874 1.681   1.00 2.00  ? 164 GLY A CA  1 
ATOM   1142 C C   . GLY A 1 142 ? -10.068 -14.614 1.685   1.00 2.00  ? 164 GLY A C   1 
ATOM   1143 O O   . GLY A 1 142 ? -10.883 -14.383 0.775   1.00 2.00  ? 164 GLY A O   1 
ATOM   1144 N N   . GLU A 1 143 ? -9.903  -13.828 2.760   1.00 2.00  ? 165 GLU A N   1 
ATOM   1145 C CA  . GLU A 1 143 ? -10.573 -12.525 2.922   1.00 2.00  ? 165 GLU A CA  1 
ATOM   1146 C C   . GLU A 1 143 ? -9.698  -11.694 3.866   1.00 2.00  ? 165 GLU A C   1 
ATOM   1147 O O   . GLU A 1 143 ? -8.896  -12.271 4.643   1.00 2.00  ? 165 GLU A O   1 
ATOM   1148 C CB  . GLU A 1 143 ? -11.965 -12.732 3.521   1.00 2.00  ? 165 GLU A CB  1 
ATOM   1149 C CG  . GLU A 1 143 ? -12.830 -11.453 3.719   1.00 2.00  ? 165 GLU A CG  1 
ATOM   1150 C CD  . GLU A 1 143 ? -13.039 -10.642 2.446   1.00 2.00  ? 165 GLU A CD  1 
ATOM   1151 O OE1 . GLU A 1 143 ? -14.024 -10.921 1.699   1.00 3.68  ? 165 GLU A OE1 1 
ATOM   1152 O OE2 . GLU A 1 143 ? -12.205 -9.714  2.166   1.00 2.00  ? 165 GLU A OE2 1 
ATOM   1153 N N   . TYR A 1 144 ? -9.847  -10.361 3.808   1.00 2.00  ? 166 TYR A N   1 
ATOM   1154 C CA  . TYR A 1 144 ? -9.150  -9.439  4.715   1.00 2.00  ? 166 TYR A CA  1 
ATOM   1155 C C   . TYR A 1 144 ? -10.077 -8.318  5.185   1.00 2.00  ? 166 TYR A C   1 
ATOM   1156 O O   . TYR A 1 144 ? -9.796  -7.640  6.181   1.00 2.00  ? 166 TYR A O   1 
ATOM   1157 C CB  . TYR A 1 144 ? -7.895  -8.855  4.058   1.00 2.00  ? 166 TYR A CB  1 
ATOM   1158 C CG  . TYR A 1 144 ? -8.211  -7.985  2.860   1.00 2.00  ? 166 TYR A CG  1 
ATOM   1159 C CD1 . TYR A 1 144 ? -8.445  -6.609  3.011   1.00 2.00  ? 166 TYR A CD1 1 
ATOM   1160 C CD2 . TYR A 1 144 ? -8.258  -8.516  1.569   1.00 2.00  ? 166 TYR A CD2 1 
ATOM   1161 C CE1 . TYR A 1 144 ? -8.743  -5.796  1.902   1.00 2.47  ? 166 TYR A CE1 1 
ATOM   1162 C CE2 . TYR A 1 144 ? -8.581  -7.685  0.434   1.00 2.68  ? 166 TYR A CE2 1 
ATOM   1163 C CZ  . TYR A 1 144 ? -8.808  -6.341  0.611   1.00 2.00  ? 166 TYR A CZ  1 
ATOM   1164 O OH  . TYR A 1 144 ? -9.107  -5.544  -0.495  1.00 5.33  ? 166 TYR A OH  1 
ATOM   1165 N N   . ARG A 1 145 ? -11.222 -8.178  4.522   1.00 2.00  ? 167 ARG A N   1 
ATOM   1166 C CA  . ARG A 1 145 ? -12.180 -7.109  4.865   1.00 2.00  ? 167 ARG A CA  1 
ATOM   1167 C C   . ARG A 1 145 ? -13.019 -7.501  6.057   1.00 3.10  ? 167 ARG A C   1 
ATOM   1168 O O   . ARG A 1 145 ? -13.602 -8.577  6.071   1.00 4.79  ? 167 ARG A O   1 
ATOM   1169 C CB  . ARG A 1 145 ? -13.069 -6.813  3.679   1.00 2.00  ? 167 ARG A CB  1 
ATOM   1170 C CG  . ARG A 1 145 ? -12.266 -6.132  2.544   1.00 2.00  ? 167 ARG A CG  1 
ATOM   1171 C CD  . ARG A 1 145 ? -12.964 -6.189  1.200   1.00 2.00  ? 167 ARG A CD  1 
ATOM   1172 N NE  . ARG A 1 145 ? -13.264 -7.575  0.794   1.00 2.00  ? 167 ARG A NE  1 
ATOM   1173 C CZ  . ARG A 1 145 ? -14.051 -7.927  -0.218  1.00 3.53  ? 167 ARG A CZ  1 
ATOM   1174 N NH1 . ARG A 1 145 ? -14.583 -6.990  -1.001  1.00 5.39  ? 167 ARG A NH1 1 
ATOM   1175 N NH2 . ARG A 1 145 ? -14.264 -9.210  -0.491  1.00 4.55  ? 167 ARG A NH2 1 
ATOM   1176 N N   . THR A 1 146 ? -12.986 -6.667  7.083   1.00 2.83  ? 168 THR A N   1 
ATOM   1177 C CA  . THR A 1 146 ? -13.752 -6.920  8.314   1.00 5.41  ? 168 THR A CA  1 
ATOM   1178 C C   . THR A 1 146 ? -15.041 -6.114  8.414   1.00 6.86  ? 168 THR A C   1 
ATOM   1179 O O   . THR A 1 146 ? -15.890 -6.426  9.266   1.00 8.65  ? 168 THR A O   1 
ATOM   1180 C CB  . THR A 1 146 ? -12.927 -6.729  9.623   1.00 5.48  ? 168 THR A CB  1 
ATOM   1181 O OG1 . THR A 1 146 ? -12.687 -5.334  9.889   1.00 6.46  ? 168 THR A OG1 1 
ATOM   1182 C CG2 . THR A 1 146 ? -11.629 -7.521  9.580   1.00 6.28  ? 168 THR A CG2 1 
ATOM   1183 N N   . HIS A 1 147 ? -15.184 -5.088  7.573   1.00 7.99  ? 169 HIS A N   1 
ATOM   1184 C CA  . HIS A 1 147 ? -16.376 -4.219  7.538   1.00 8.35  ? 169 HIS A CA  1 
ATOM   1185 C C   . HIS A 1 147 ? -17.280 -4.523  6.345   1.00 9.61  ? 169 HIS A C   1 
ATOM   1186 O O   . HIS A 1 147 ? -16.842 -4.480  5.214   1.00 10.47 ? 169 HIS A O   1 
ATOM   1187 C CB  . HIS A 1 147 ? -15.945 -2.751  7.504   1.00 8.21  ? 169 HIS A CB  1 
ATOM   1188 C CG  . HIS A 1 147 ? -15.159 -2.331  8.710   1.00 7.90  ? 169 HIS A CG  1 
ATOM   1189 N ND1 . HIS A 1 147 ? -13.783 -2.317  8.724   1.00 10.19 ? 169 HIS A ND1 1 
ATOM   1190 C CD2 . HIS A 1 147 ? -15.550 -1.938  9.944   1.00 11.03 ? 169 HIS A CD2 1 
ATOM   1191 C CE1 . HIS A 1 147 ? -13.355 -1.902  9.903   1.00 11.28 ? 169 HIS A CE1 1 
ATOM   1192 N NE2 . HIS A 1 147 ? -14.407 -1.679  10.667  1.00 13.66 ? 169 HIS A NE2 1 
ATOM   1193 N N   . GLN A 1 148 ? -18.555 -4.835  6.608   1.00 11.85 ? 170 GLN A N   1 
ATOM   1194 C CA  . GLN A 1 148 ? -19.480 -5.207  5.540   1.00 13.00 ? 170 GLN A CA  1 
ATOM   1195 C C   . GLN A 1 148 ? -19.626 -4.145  4.456   1.00 13.17 ? 170 GLN A C   1 
ATOM   1196 O O   . GLN A 1 148 ? -19.742 -4.483  3.263   1.00 13.56 ? 170 GLN A O   1 
ATOM   1197 C CB  . GLN A 1 148 ? -20.864 -5.593  6.091   1.00 13.80 ? 170 GLN A CB  1 
ATOM   1198 C CG  . GLN A 1 148 ? -21.735 -6.354  5.066   1.00 16.17 ? 170 GLN A CG  1 
ATOM   1199 C CD  . GLN A 1 148 ? -21.140 -7.704  4.624   1.00 19.19 ? 170 GLN A CD  1 
ATOM   1200 O OE1 . GLN A 1 148 ? -20.570 -8.440  5.435   1.00 21.09 ? 170 GLN A OE1 1 
ATOM   1201 N NE2 . GLN A 1 148 ? -21.287 -8.032  3.337   1.00 21.50 ? 170 GLN A NE2 1 
ATOM   1202 N N   . GLU A 1 149 ? -19.616 -2.869  4.855   1.00 13.49 ? 171 GLU A N   1 
ATOM   1203 C CA  . GLU A 1 149 ? -19.729 -1.765  3.879   1.00 14.29 ? 171 GLU A CA  1 
ATOM   1204 C C   . GLU A 1 149 ? -18.592 -1.744  2.851   1.00 13.76 ? 171 GLU A C   1 
ATOM   1205 O O   . GLU A 1 149 ? -18.742 -1.157  1.777   1.00 14.31 ? 171 GLU A O   1 
ATOM   1206 C CB  . GLU A 1 149 ? -19.854 -0.396  4.547   1.00 14.51 ? 171 GLU A CB  1 
ATOM   1207 C CG  . GLU A 1 149 ? -18.621 0.019   5.304   1.00 16.89 ? 171 GLU A CG  1 
ATOM   1208 C CD  . GLU A 1 149 ? -18.671 -0.408  6.762   1.00 19.84 ? 171 GLU A CD  1 
ATOM   1209 O OE1 . GLU A 1 149 ? -19.137 -1.544  7.073   1.00 21.28 ? 171 GLU A OE1 1 
ATOM   1210 O OE2 . GLU A 1 149 ? -18.247 0.418   7.604   1.00 21.43 ? 171 GLU A OE2 1 
ATOM   1211 N N   . ASP A 1 150 ? -17.476 -2.406  3.161   1.00 12.79 ? 172 ASP A N   1 
ATOM   1212 C CA  . ASP A 1 150 ? -16.354 -2.490  2.219   1.00 13.41 ? 172 ASP A CA  1 
ATOM   1213 C C   . ASP A 1 150 ? -16.433 -3.626  1.189   1.00 14.84 ? 172 ASP A C   1 
ATOM   1214 O O   . ASP A 1 150 ? -15.622 -3.681  0.256   1.00 16.22 ? 172 ASP A O   1 
ATOM   1215 C CB  . ASP A 1 150 ? -15.035 -2.582  2.984   1.00 11.80 ? 172 ASP A CB  1 
ATOM   1216 C CG  . ASP A 1 150 ? -14.686 -1.298  3.695   1.00 7.99  ? 172 ASP A CG  1 
ATOM   1217 O OD1 . ASP A 1 150 ? -15.037 -0.208  3.202   1.00 7.94  ? 172 ASP A OD1 1 
ATOM   1218 O OD2 . ASP A 1 150 ? -14.059 -1.394  4.764   1.00 4.30  ? 172 ASP A OD2 1 
ATOM   1219 N N   . ILE A 1 151 ? -17.392 -4.528  1.366   1.00 15.41 ? 173 ILE A N   1 
ATOM   1220 C CA  . ILE A 1 151 ? -17.510 -5.699  0.497   1.00 16.22 ? 173 ILE A CA  1 
ATOM   1221 C C   . ILE A 1 151 ? -18.501 -5.517  -0.655  1.00 16.45 ? 173 ILE A C   1 
ATOM   1222 O O   . ILE A 1 151 ? -18.088 -5.401  -1.832  1.00 17.32 ? 173 ILE A O   1 
ATOM   1223 C CB  . ILE A 1 151 ? -17.799 -6.968  1.324   1.00 16.09 ? 173 ILE A CB  1 
ATOM   1224 C CG1 . ILE A 1 151 ? -16.681 -7.158  2.370   1.00 15.16 ? 173 ILE A CG1 1 
ATOM   1225 C CG2 . ILE A 1 151 ? -17.959 -8.203  0.388   1.00 16.12 ? 173 ILE A CG2 1 
ATOM   1226 C CD1 . ILE A 1 151 ? -16.897 -8.282  3.365   1.00 16.68 ? 173 ILE A CD1 1 
HETATM 1227 C CAM . 4XK B 2 .   ? 1.805   1.029   -10.442 1.00 6.32  ? 201 4XK A CAM 1 
HETATM 1228 C CAI . 4XK B 2 .   ? 2.297   0.047   -9.335  1.00 5.92  ? 201 4XK A CAI 1 
HETATM 1229 C CAS . 4XK B 2 .   ? 2.123   -1.309  -9.692  1.00 4.67  ? 201 4XK A CAS 1 
HETATM 1230 C CAQ . 4XK B 2 .   ? 2.769   -2.336  -8.965  1.00 3.02  ? 201 4XK A CAQ 1 
HETATM 1231 N NAA . 4XK B 2 .   ? 3.541   -1.999  -7.902  1.00 4.18  ? 201 4XK A NAA 1 
HETATM 1232 C CAC . 4XK B 2 .   ? 2.575   -3.684  -9.289  1.00 2.32  ? 201 4XK A CAC 1 
HETATM 1233 C CAB . 4XK B 2 .   ? 1.766   -4.021  -10.384 1.00 2.89  ? 201 4XK A CAB 1 
HETATM 1234 C CAD . 4XK B 2 .   ? 1.114   -3.013  -11.123 1.00 4.49  ? 201 4XK A CAD 1 
HETATM 1235 C CAR . 4XK B 2 .   ? 1.300   -1.670  -10.786 1.00 4.65  ? 201 4XK A CAR 1 
HETATM 1236 C CAN . 4XK B 2 .   ? 0.600   -0.703  -11.581 1.00 4.79  ? 201 4XK A CAN 1 
HETATM 1237 N NAU . 4XK B 2 .   ? 0.478   0.619   -10.922 1.00 8.18  ? 201 4XK A NAU 1 
HETATM 1238 C CAL . 4XK B 2 .   ? -0.146  1.658   -11.764 1.00 10.77 ? 201 4XK A CAL 1 
HETATM 1239 C CAE . 4XK B 2 .   ? -1.618  1.376   -12.084 1.00 16.54 ? 201 4XK A CAE 1 
HETATM 1240 C CAF . 4XK B 2 .   ? -2.287  2.629   -12.692 1.00 20.22 ? 201 4XK A CAF 1 
HETATM 1241 O OAP . 4XK B 2 .   ? -1.299  3.543   -13.200 1.00 22.59 ? 201 4XK A OAP 1 
HETATM 1242 C CAT . 4XK B 2 .   ? -1.406  4.793   -12.452 1.00 25.37 ? 201 4XK A CAT 1 
HETATM 1243 C CAJ . 4XK B 2 .   ? -2.632  5.622   -12.904 1.00 26.37 ? 201 4XK A CAJ 1 
HETATM 1244 C CAG . 4XK B 2 .   ? -2.736  6.841   -11.984 1.00 25.98 ? 201 4XK A CAG 1 
HETATM 1245 O OAO . 4XK B 2 .   ? -1.524  7.622   -12.083 1.00 30.35 ? 201 4XK A OAO 1 
HETATM 1246 C CAH . 4XK B 2 .   ? -0.277  6.934   -11.753 1.00 26.83 ? 201 4XK A CAH 1 
HETATM 1247 C CAK . 4XK B 2 .   ? -0.130  5.644   -12.593 1.00 27.32 ? 201 4XK A CAK 1 
HETATM 1248 S S   . DMS C 3 .   ? 9.203   -6.745  -7.114  1.00 6.08  ? 202 DMS A S   1 
HETATM 1249 O O   . DMS C 3 .   ? 8.601   -6.315  -8.701  1.00 3.97  ? 202 DMS A O   1 
HETATM 1250 C C1  . DMS C 3 .   ? 10.755  -7.623  -7.480  1.00 2.47  ? 202 DMS A C1  1 
HETATM 1251 C C2  . DMS C 3 .   ? 9.831   -5.194  -6.410  1.00 2.00  ? 202 DMS A C2  1 
HETATM 1252 S S   . SO4 D 4 .   ? 5.698   -6.961  3.413   1.00 29.59 ? 203 SO4 A S   1 
HETATM 1253 O O1  . SO4 D 4 .   ? 6.608   -5.825  3.505   1.00 31.55 ? 203 SO4 A O1  1 
HETATM 1254 O O2  . SO4 D 4 .   ? 6.470   -8.203  3.553   1.00 31.82 ? 203 SO4 A O2  1 
HETATM 1255 O O3  . SO4 D 4 .   ? 5.011   -6.980  2.126   1.00 31.79 ? 203 SO4 A O3  1 
HETATM 1256 O O4  . SO4 D 4 .   ? 4.705   -6.962  4.482   1.00 28.57 ? 203 SO4 A O4  1 
HETATM 1257 O O   . HOH E 5 .   ? -13.016 -0.043  -0.184  1.00 9.39  ? 301 HOH A O   1 
HETATM 1258 O O   . HOH E 5 .   ? -5.885  8.545   6.587   1.00 9.06  ? 302 HOH A O   1 
HETATM 1259 O O   . HOH E 5 .   ? -3.649  9.838   -9.459  1.00 10.00 ? 303 HOH A O   1 
HETATM 1260 O O   . HOH E 5 .   ? -15.966 -12.477 1.743   1.00 19.14 ? 304 HOH A O   1 
HETATM 1261 O O   . HOH E 5 .   ? -11.455 8.778   -4.242  1.00 3.22  ? 305 HOH A O   1 
HETATM 1262 O O   . HOH E 5 .   ? 10.022  -4.530  -9.780  1.00 2.00  ? 306 HOH A O   1 
HETATM 1263 O O   . HOH E 5 .   ? 17.330  -4.617  1.512   1.00 15.94 ? 307 HOH A O   1 
HETATM 1264 O O   . HOH E 5 .   ? -0.123  -7.773  -14.677 1.00 11.25 ? 308 HOH A O   1 
HETATM 1265 O O   . HOH E 5 .   ? 10.387  -11.867 -8.239  1.00 4.54  ? 309 HOH A O   1 
HETATM 1266 O O   . HOH E 5 .   ? -0.372  12.162  8.869   1.00 7.60  ? 310 HOH A O   1 
HETATM 1267 O O   . HOH E 5 .   ? -13.006 -3.748  5.661   1.00 5.45  ? 311 HOH A O   1 
HETATM 1268 O O   . HOH E 5 .   ? 11.308  17.569  -0.744  1.00 9.18  ? 312 HOH A O   1 
HETATM 1269 O O   . HOH E 5 .   ? -3.288  -11.257 -11.606 1.00 14.78 ? 313 HOH A O   1 
HETATM 1270 O O   . HOH E 5 .   ? -17.442 6.825   0.502   1.00 16.84 ? 314 HOH A O   1 
HETATM 1271 O O   . HOH E 5 .   ? 6.399   15.465  -8.318  1.00 2.00  ? 315 HOH A O   1 
HETATM 1272 O O   . HOH E 5 .   ? -6.521  0.986   -4.951  1.00 2.00  ? 316 HOH A O   1 
HETATM 1273 O O   . HOH E 5 .   ? -4.942  2.546   11.689  1.00 17.85 ? 317 HOH A O   1 
HETATM 1274 O O   . HOH E 5 .   ? -4.849  -13.293 12.623  1.00 21.46 ? 318 HOH A O   1 
HETATM 1275 O O   . HOH E 5 .   ? 14.348  5.874   -5.759  1.00 18.66 ? 319 HOH A O   1 
HETATM 1276 O O   . HOH E 5 .   ? 6.079   7.562   14.110  1.00 8.12  ? 320 HOH A O   1 
HETATM 1277 O O   . HOH E 5 .   ? 6.550   -5.562  -6.244  1.00 5.12  ? 321 HOH A O   1 
HETATM 1278 O O   . HOH E 5 .   ? 11.038  -12.490 -2.230  1.00 20.06 ? 322 HOH A O   1 
HETATM 1279 O O   . HOH E 5 .   ? -7.638  19.301  -5.094  1.00 13.63 ? 323 HOH A O   1 
HETATM 1280 O O   . HOH E 5 .   ? -12.375 -17.688 -5.324  1.00 17.87 ? 324 HOH A O   1 
HETATM 1281 O O   . HOH E 5 .   ? 9.980   -6.560  2.819   1.00 6.64  ? 325 HOH A O   1 
HETATM 1282 O O   . HOH E 5 .   ? -0.957  3.507   12.187  1.00 12.91 ? 326 HOH A O   1 
HETATM 1283 O O   . HOH E 5 .   ? 2.624   2.410   11.501  1.00 4.33  ? 327 HOH A O   1 
HETATM 1284 O O   . HOH E 5 .   ? -8.805  -2.786  -12.836 1.00 13.64 ? 328 HOH A O   1 
HETATM 1285 O O   . HOH E 5 .   ? -15.099 20.161  -2.748  1.00 16.17 ? 329 HOH A O   1 
HETATM 1286 O O   . HOH E 5 .   ? 12.290  -2.220  3.604   1.00 2.00  ? 330 HOH A O   1 
HETATM 1287 O O   . HOH E 5 .   ? -14.276 16.552  1.164   1.00 2.56  ? 331 HOH A O   1 
HETATM 1288 O O   . HOH E 5 .   ? -0.757  11.158  -12.909 1.00 23.03 ? 332 HOH A O   1 
HETATM 1289 O O   . HOH E 5 .   ? 12.296  12.518  4.481   1.00 7.00  ? 333 HOH A O   1 
HETATM 1290 O O   . HOH E 5 .   ? 14.923  1.837   8.484   1.00 2.00  ? 334 HOH A O   1 
HETATM 1291 O O   . HOH E 5 .   ? -6.550  -16.613 3.749   1.00 9.00  ? 335 HOH A O   1 
HETATM 1292 O O   . HOH E 5 .   ? 3.395   -17.879 -6.363  1.00 10.60 ? 336 HOH A O   1 
HETATM 1293 O O   . HOH E 5 .   ? -3.630  -2.030  10.016  1.00 10.10 ? 337 HOH A O   1 
HETATM 1294 O O   . HOH E 5 .   ? -12.292 6.784   3.164   1.00 6.56  ? 338 HOH A O   1 
HETATM 1295 O O   . HOH E 5 .   ? 8.720   6.646   13.506  1.00 8.75  ? 339 HOH A O   1 
HETATM 1296 O O   . HOH E 5 .   ? -4.731  14.396  3.845   1.00 13.77 ? 340 HOH A O   1 
HETATM 1297 O O   . HOH E 5 .   ? -7.523  -7.928  7.736   1.00 5.63  ? 341 HOH A O   1 
HETATM 1298 O O   . HOH E 5 .   ? -1.947  -5.963  -11.881 1.00 8.32  ? 342 HOH A O   1 
HETATM 1299 O O   . HOH E 5 .   ? -0.250  19.798  0.976   1.00 8.65  ? 343 HOH A O   1 
HETATM 1300 O O   . HOH E 5 .   ? -8.306  4.965   -10.251 1.00 17.69 ? 344 HOH A O   1 
HETATM 1301 O O   . HOH E 5 .   ? -8.723  16.397  -5.424  1.00 7.83  ? 345 HOH A O   1 
HETATM 1302 O O   . HOH E 5 .   ? -3.628  -16.845 6.189   1.00 14.13 ? 346 HOH A O   1 
HETATM 1303 O O   . HOH E 5 .   ? 16.464  -5.255  -2.878  1.00 11.66 ? 347 HOH A O   1 
HETATM 1304 O O   . HOH E 5 .   ? -12.283 -7.145  -7.187  1.00 16.17 ? 348 HOH A O   1 
HETATM 1305 O O   . HOH E 5 .   ? 10.803  4.138   -5.276  1.00 4.58  ? 349 HOH A O   1 
HETATM 1306 O O   . HOH E 5 .   ? -15.047 -17.993 7.120   1.00 12.56 ? 350 HOH A O   1 
HETATM 1307 O O   . HOH E 5 .   ? -6.519  3.270   -12.583 1.00 17.95 ? 351 HOH A O   1 
HETATM 1308 O O   . HOH E 5 .   ? 7.059   2.837   -5.899  1.00 15.93 ? 352 HOH A O   1 
HETATM 1309 O O   . HOH E 5 .   ? 2.908   -17.131 -10.080 1.00 15.26 ? 353 HOH A O   1 
HETATM 1310 O O   . HOH E 5 .   ? -0.936  16.199  8.885   1.00 13.45 ? 354 HOH A O   1 
HETATM 1311 O O   . HOH E 5 .   ? 4.249   -10.711 2.710   1.00 17.10 ? 355 HOH A O   1 
HETATM 1312 O O   . HOH E 5 .   ? 8.311   15.515  3.282   1.00 13.22 ? 356 HOH A O   1 
HETATM 1313 O O   . HOH E 5 .   ? 1.580   -0.796  -5.981  1.00 2.00  ? 357 HOH A O   1 
HETATM 1314 O O   . HOH E 5 .   ? 2.901   4.972   -8.748  1.00 6.06  ? 358 HOH A O   1 
HETATM 1315 O O   . HOH E 5 .   ? 5.924   -0.443  -8.342  1.00 5.55  ? 359 HOH A O   1 
HETATM 1316 O O   . HOH E 5 .   ? 18.185  3.012   0.474   1.00 13.61 ? 360 HOH A O   1 
HETATM 1317 O O   . HOH E 5 .   ? -9.731  -19.355 2.626   1.00 7.20  ? 361 HOH A O   1 
HETATM 1318 O O   . HOH E 5 .   ? -11.269 -2.388  -6.956  1.00 6.14  ? 362 HOH A O   1 
HETATM 1319 O O   . HOH E 5 .   ? 4.570   10.877  12.458  1.00 6.97  ? 363 HOH A O   1 
HETATM 1320 O O   . HOH E 5 .   ? 4.405   -3.016  11.418  1.00 17.96 ? 364 HOH A O   1 
HETATM 1321 O O   . HOH E 5 .   ? 13.209  -9.352  2.314   1.00 14.09 ? 365 HOH A O   1 
HETATM 1322 O O   . HOH E 5 .   ? 18.004  -2.923  3.861   1.00 4.43  ? 366 HOH A O   1 
HETATM 1323 O O   . HOH E 5 .   ? 4.837   1.204   -12.667 1.00 14.68 ? 367 HOH A O   1 
HETATM 1324 O O   . HOH E 5 .   ? -3.094  0.532   10.919  1.00 7.47  ? 368 HOH A O   1 
HETATM 1325 O O   . HOH E 5 .   ? -5.441  19.630  -2.640  1.00 17.05 ? 369 HOH A O   1 
HETATM 1326 O O   . HOH E 5 .   ? -4.811  17.591  4.445   1.00 4.21  ? 370 HOH A O   1 
HETATM 1327 O O   . HOH E 5 .   ? -13.852 3.963   5.766   1.00 13.01 ? 371 HOH A O   1 
HETATM 1328 O O   . HOH E 5 .   ? 7.037   7.759   -9.757  1.00 21.80 ? 372 HOH A O   1 
HETATM 1329 O O   . HOH E 5 .   ? -3.773  -3.975  -12.020 1.00 6.77  ? 373 HOH A O   1 
HETATM 1330 O O   . HOH E 5 .   ? 2.152   18.803  0.995   1.00 7.68  ? 374 HOH A O   1 
HETATM 1331 O O   . HOH E 5 .   ? -6.103  -5.425  -11.772 1.00 11.00 ? 375 HOH A O   1 
HETATM 1332 O O   . HOH E 5 .   ? 3.407   2.670   -7.155  1.00 10.44 ? 376 HOH A O   1 
HETATM 1333 O O   . HOH E 5 .   ? -0.930  13.356  -9.028  1.00 15.48 ? 377 HOH A O   1 
HETATM 1334 O O   . HOH E 5 .   ? 7.862   20.764  -3.433  1.00 20.62 ? 378 HOH A O   1 
HETATM 1335 O O   . HOH E 5 .   ? 8.054   -1.390  -6.855  1.00 2.38  ? 379 HOH A O   1 
HETATM 1336 O O   . HOH E 5 .   ? 19.141  0.660   0.106   1.00 17.19 ? 380 HOH A O   1 
HETATM 1337 O O   . HOH E 5 .   ? 7.043   -11.502 1.215   1.00 12.80 ? 381 HOH A O   1 
HETATM 1338 O O   . HOH E 5 .   ? -1.968  11.129  -9.802  1.00 21.78 ? 382 HOH A O   1 
HETATM 1339 O O   . HOH E 5 .   ? 12.543  10.541  9.258   1.00 20.29 ? 383 HOH A O   1 
HETATM 1340 O O   . HOH E 5 .   ? 0.379   -5.574  -13.440 1.00 8.58  ? 384 HOH A O   1 
HETATM 1341 O O   . HOH E 5 .   ? 16.080  -9.107  1.684   1.00 16.21 ? 385 HOH A O   1 
HETATM 1342 O O   . HOH E 5 .   ? 9.103   1.134   -5.728  1.00 5.70  ? 386 HOH A O   1 
HETATM 1343 O O   . HOH E 5 .   ? 14.550  -3.635  -8.651  1.00 12.40 ? 387 HOH A O   1 
HETATM 1344 O O   . HOH E 5 .   ? 16.598  -4.377  -6.930  1.00 12.82 ? 388 HOH A O   1 
HETATM 1345 O O   . HOH E 5 .   ? -0.721  20.484  3.490   1.00 19.63 ? 389 HOH A O   1 
HETATM 1346 O O   . HOH E 5 .   ? -7.499  21.094  5.191   1.00 14.77 ? 390 HOH A O   1 
HETATM 1347 O O   . HOH E 5 .   ? -8.103  23.305  3.609   1.00 19.69 ? 391 HOH A O   1 
HETATM 1348 O O   . HOH E 5 .   ? 12.984  -1.157  -8.541  1.00 16.12 ? 392 HOH A O   1 
# 
